data_8VI8
#
_entry.id   8VI8
#
_cell.length_a   84.067
_cell.length_b   145.797
_cell.length_c   123.443
_cell.angle_alpha   90.000
_cell.angle_beta   90.110
_cell.angle_gamma   90.000
#
_symmetry.space_group_name_H-M   'C 1 2 1'
#
loop_
_entity.id
_entity.type
_entity.pdbx_description
1 polymer 'Amino acid ABC transporter substrate-binding protein'
2 non-polymer 'AZIDOBIS (DIMETHYLGLYOXIMATO) PYRIDINECOBALT'
3 non-polymer 'SULFATE ION'
4 non-polymer 'SODIUM ION'
5 water water
#
_entity_poly.entity_id   1
_entity_poly.type   'polypeptide(L)'
_entity_poly.pdbx_seq_one_letter_code
;SNAADKKLVVATDTAFVPFEFKQGDIYVGFDVDLWAAIAKELKLDYELKPMDFSGIIPALQTKNVDLALAGITICDERKK
AIDFSDGYYKSGLLVMVKANNNDVKSVKDLDGKVVAVKSGTGSVDYAKANIKTKDLRQFPNIDNAYMELGTNRADAVLHD
TPNILYFIKTAGNGQFKAVGDSLEAQQYGIAFPKGSDELRDKVNGALKTLRENGTYNEIYKKWFGTEPK
;
_entity_poly.pdbx_strand_id   A,B,C,D,E,F
#
# COMPACT_ATOMS: atom_id res chain seq x y z
N SER A 1 -9.61 -9.72 -17.31
CA SER A 1 -8.73 -10.25 -16.25
C SER A 1 -8.47 -11.75 -16.50
N ASN A 2 -9.44 -12.47 -17.07
CA ASN A 2 -9.25 -13.90 -17.41
C ASN A 2 -8.81 -14.71 -16.19
N ALA A 3 -7.89 -15.66 -16.38
CA ALA A 3 -7.48 -16.55 -15.27
C ALA A 3 -5.98 -16.42 -14.99
N ALA A 4 -5.43 -15.21 -15.06
CA ALA A 4 -4.00 -14.99 -14.71
C ALA A 4 -3.88 -15.09 -13.18
N ASP A 5 -4.96 -15.51 -12.52
CA ASP A 5 -4.99 -15.59 -11.03
C ASP A 5 -3.79 -16.40 -10.51
N LYS A 6 -3.16 -15.89 -9.45
CA LYS A 6 -2.00 -16.60 -8.84
C LYS A 6 -2.53 -17.85 -8.13
N LYS A 7 -1.85 -18.98 -8.31
CA LYS A 7 -2.29 -20.27 -7.71
C LYS A 7 -1.60 -20.43 -6.34
N LEU A 8 -1.10 -19.35 -5.78
CA LEU A 8 -0.37 -19.42 -4.48
C LEU A 8 -1.23 -20.16 -3.46
N VAL A 9 -0.77 -21.30 -2.95
CA VAL A 9 -1.55 -21.98 -1.87
C VAL A 9 -0.90 -21.64 -0.53
N VAL A 10 -1.67 -21.07 0.39
CA VAL A 10 -1.18 -20.70 1.74
C VAL A 10 -1.76 -21.71 2.73
N ALA A 11 -1.07 -21.99 3.84
CA ALA A 11 -1.59 -23.04 4.73
C ALA A 11 -1.36 -22.62 6.18
N THR A 12 -2.32 -22.95 7.05
CA THR A 12 -2.21 -22.55 8.47
C THR A 12 -2.77 -23.68 9.34
N ASP A 13 -2.59 -23.57 10.66
CA ASP A 13 -3.10 -24.60 11.59
C ASP A 13 -4.59 -24.35 11.84
N THR A 14 -5.37 -25.38 12.10
CA THR A 14 -6.83 -25.21 12.29
C THR A 14 -7.05 -24.28 13.49
N ALA A 15 -6.40 -24.56 14.62
CA ALA A 15 -6.59 -23.73 15.83
C ALA A 15 -5.22 -23.40 16.44
N PHE A 16 -4.91 -22.10 16.58
CA PHE A 16 -3.59 -21.69 17.12
C PHE A 16 -3.65 -20.20 17.49
N VAL A 17 -3.99 -19.91 18.75
CA VAL A 17 -4.07 -18.48 19.21
C VAL A 17 -2.66 -17.99 19.54
N PRO A 18 -2.38 -16.67 19.48
CA PRO A 18 -3.17 -15.72 18.71
C PRO A 18 -2.62 -15.50 17.29
N PHE A 19 -2.52 -16.56 16.50
CA PHE A 19 -1.89 -16.42 15.16
C PHE A 19 -2.90 -16.78 14.07
N GLU A 20 -3.52 -17.95 14.17
CA GLU A 20 -4.59 -18.36 13.20
C GLU A 20 -5.70 -19.09 13.96
N PHE A 21 -6.73 -18.36 14.40
CA PHE A 21 -7.85 -18.98 15.16
C PHE A 21 -9.20 -18.58 14.56
N LYS A 22 -10.22 -19.40 14.80
CA LYS A 22 -11.57 -19.10 14.25
C LYS A 22 -12.34 -18.22 15.24
N GLN A 23 -12.74 -17.04 14.80
CA GLN A 23 -13.52 -16.12 15.66
C GLN A 23 -14.54 -15.39 14.79
N GLY A 24 -15.82 -15.67 14.98
CA GLY A 24 -16.87 -14.98 14.20
C GLY A 24 -17.02 -15.60 12.83
N ASP A 25 -16.94 -16.91 12.74
CA ASP A 25 -17.08 -17.62 11.44
C ASP A 25 -16.01 -17.10 10.46
N ILE A 26 -14.85 -16.69 10.99
CA ILE A 26 -13.75 -16.27 10.09
C ILE A 26 -12.41 -16.48 10.82
N TYR A 27 -11.49 -17.19 10.19
CA TYR A 27 -10.14 -17.38 10.79
C TYR A 27 -9.51 -16.01 10.95
N VAL A 28 -8.89 -15.77 12.11
CA VAL A 28 -8.29 -14.43 12.38
C VAL A 28 -6.96 -14.68 13.08
N GLY A 29 -6.14 -13.63 13.23
CA GLY A 29 -4.88 -13.78 13.97
C GLY A 29 -3.75 -12.93 13.40
N PHE A 30 -2.57 -13.02 14.00
CA PHE A 30 -1.42 -12.20 13.56
C PHE A 30 -0.96 -12.66 12.18
N ASP A 31 -0.78 -13.97 12.01
CA ASP A 31 -0.24 -14.50 10.72
C ASP A 31 -1.16 -14.16 9.55
N VAL A 32 -2.48 -14.26 9.73
CA VAL A 32 -3.44 -13.94 8.64
C VAL A 32 -3.23 -12.48 8.22
N ASP A 33 -3.24 -11.58 9.20
CA ASP A 33 -3.08 -10.14 8.89
C ASP A 33 -1.74 -9.94 8.17
N LEU A 34 -0.69 -10.63 8.63
CA LEU A 34 0.66 -10.45 8.03
C LEU A 34 0.61 -10.86 6.57
N TRP A 35 0.05 -12.02 6.25
CA TRP A 35 0.07 -12.48 4.85
C TRP A 35 -0.79 -11.53 4.02
N ALA A 36 -1.89 -11.03 4.59
CA ALA A 36 -2.72 -10.05 3.84
C ALA A 36 -1.87 -8.83 3.49
N ALA A 37 -1.13 -8.30 4.46
CA ALA A 37 -0.34 -7.07 4.24
C ALA A 37 0.74 -7.34 3.19
N ILE A 38 1.44 -8.46 3.33
CA ILE A 38 2.48 -8.82 2.34
C ILE A 38 1.83 -8.84 0.96
N ALA A 39 0.72 -9.55 0.82
CA ALA A 39 0.08 -9.68 -0.52
C ALA A 39 -0.13 -8.30 -1.12
N LYS A 40 -0.67 -7.36 -0.34
CA LYS A 40 -0.97 -6.01 -0.87
C LYS A 40 0.26 -5.53 -1.65
N GLU A 41 1.42 -5.58 -1.00
CA GLU A 41 2.65 -5.06 -1.65
C GLU A 41 2.97 -5.96 -2.84
N LEU A 42 3.02 -7.27 -2.62
CA LEU A 42 3.42 -8.19 -3.71
C LEU A 42 2.32 -8.28 -4.76
N LYS A 43 1.13 -7.77 -4.47
CA LYS A 43 -0.03 -7.85 -5.40
C LYS A 43 -0.17 -9.29 -5.93
N LEU A 44 -0.40 -10.25 -5.03
CA LEU A 44 -0.61 -11.66 -5.44
C LEU A 44 -1.93 -12.15 -4.84
N ASP A 45 -2.49 -13.24 -5.38
CA ASP A 45 -3.81 -13.72 -4.90
C ASP A 45 -3.58 -14.98 -4.06
N TYR A 46 -4.17 -15.05 -2.85
CA TYR A 46 -3.88 -16.20 -1.96
C TYR A 46 -5.13 -17.05 -1.71
N GLU A 47 -4.93 -18.29 -1.25
CA GLU A 47 -6.07 -19.17 -0.91
C GLU A 47 -5.71 -19.95 0.34
N LEU A 48 -6.01 -19.43 1.53
CA LEU A 48 -5.59 -20.09 2.78
C LEU A 48 -6.12 -21.53 2.82
N LYS A 49 -5.26 -22.51 3.05
CA LYS A 49 -5.69 -23.93 3.16
C LYS A 49 -5.46 -24.41 4.59
N PRO A 50 -6.50 -24.59 5.44
CA PRO A 50 -6.29 -24.97 6.84
C PRO A 50 -6.05 -26.48 7.01
N MET A 51 -5.02 -26.83 7.79
CA MET A 51 -4.67 -28.25 8.03
C MET A 51 -3.92 -28.36 9.35
N ASP A 52 -3.78 -29.58 9.87
CA ASP A 52 -3.05 -29.80 11.13
C ASP A 52 -1.55 -29.60 10.89
N PHE A 53 -0.83 -29.09 11.88
CA PHE A 53 0.63 -28.86 11.75
C PHE A 53 1.26 -30.16 11.26
N SER A 54 0.61 -31.28 11.54
CA SER A 54 1.16 -32.60 11.16
C SER A 54 1.42 -32.66 9.67
N GLY A 55 0.53 -32.09 8.85
CA GLY A 55 0.67 -32.23 7.39
C GLY A 55 1.21 -30.99 6.71
N ILE A 56 1.50 -29.94 7.48
CA ILE A 56 1.93 -28.66 6.87
C ILE A 56 3.19 -28.89 6.04
N ILE A 57 4.28 -29.31 6.68
CA ILE A 57 5.56 -29.54 5.97
C ILE A 57 5.40 -30.71 5.01
N PRO A 58 4.87 -31.89 5.42
CA PRO A 58 4.66 -32.97 4.49
C PRO A 58 4.06 -32.46 3.17
N ALA A 59 3.08 -31.57 3.27
CA ALA A 59 2.44 -31.03 2.05
C ALA A 59 3.46 -30.17 1.30
N LEU A 60 4.10 -29.23 1.99
CA LEU A 60 5.04 -28.31 1.31
C LEU A 60 6.06 -29.16 0.55
N GLN A 61 6.40 -30.33 1.08
CA GLN A 61 7.38 -31.23 0.41
C GLN A 61 6.89 -31.52 -1.00
N THR A 62 5.66 -32.03 -1.12
CA THR A 62 5.07 -32.33 -2.45
C THR A 62 4.54 -31.03 -3.06
N LYS A 63 4.79 -29.89 -2.42
CA LYS A 63 4.37 -28.56 -2.94
C LYS A 63 2.84 -28.54 -3.11
N ASN A 64 2.13 -29.50 -2.50
CA ASN A 64 0.65 -29.43 -2.53
C ASN A 64 0.29 -28.04 -1.99
N VAL A 65 1.29 -27.36 -1.42
CA VAL A 65 1.07 -26.00 -0.91
C VAL A 65 2.24 -25.17 -1.43
N ASP A 66 2.07 -23.86 -1.60
CA ASP A 66 3.15 -23.03 -2.19
C ASP A 66 3.74 -22.11 -1.12
N LEU A 67 3.06 -21.99 0.02
CA LEU A 67 3.54 -21.13 1.13
C LEU A 67 2.77 -21.56 2.38
N ALA A 68 3.35 -21.34 3.57
CA ALA A 68 2.63 -21.67 4.81
C ALA A 68 3.01 -20.65 5.89
N LEU A 69 2.02 -20.13 6.60
CA LEU A 69 2.31 -19.08 7.61
C LEU A 69 1.66 -19.49 8.93
N ALA A 70 2.19 -20.52 9.59
CA ALA A 70 1.69 -20.93 10.92
C ALA A 70 2.70 -20.48 11.97
N GLY A 71 2.74 -21.15 13.11
CA GLY A 71 3.73 -20.82 14.14
C GLY A 71 5.02 -21.56 13.86
N ILE A 72 5.42 -21.61 12.60
CA ILE A 72 6.65 -22.34 12.22
C ILE A 72 7.85 -21.53 12.74
N THR A 73 8.59 -22.10 13.69
CA THR A 73 9.79 -21.41 14.26
C THR A 73 11.01 -21.88 13.49
N ILE A 74 11.98 -21.00 13.26
CA ILE A 74 13.15 -21.36 12.42
C ILE A 74 13.97 -22.45 13.11
N CYS A 75 14.16 -23.55 12.39
CA CYS A 75 14.93 -24.68 12.95
C CYS A 75 15.77 -25.32 11.85
N ASP A 76 17.07 -25.41 12.10
CA ASP A 76 17.97 -25.92 11.04
C ASP A 76 17.61 -27.36 10.70
N GLU A 77 17.20 -28.17 11.67
CA GLU A 77 16.92 -29.57 11.27
C GLU A 77 15.90 -29.57 10.15
N ARG A 78 14.83 -28.81 10.35
CA ARG A 78 13.71 -28.87 9.37
C ARG A 78 14.15 -28.36 8.01
N LYS A 79 15.23 -27.57 7.96
CA LYS A 79 15.66 -26.95 6.67
C LYS A 79 16.05 -28.04 5.67
N LYS A 80 16.18 -29.28 6.13
CA LYS A 80 16.50 -30.41 5.22
C LYS A 80 15.29 -30.70 4.31
N ALA A 81 14.09 -30.25 4.72
CA ALA A 81 12.87 -30.56 3.93
C ALA A 81 12.22 -29.26 3.42
N ILE A 82 12.41 -28.15 4.14
CA ILE A 82 11.75 -26.87 3.74
C ILE A 82 12.77 -25.73 3.82
N ASP A 83 12.30 -24.49 3.60
CA ASP A 83 13.18 -23.30 3.68
C ASP A 83 12.38 -22.18 4.32
N PHE A 84 13.01 -21.39 5.19
CA PHE A 84 12.26 -20.35 5.92
C PHE A 84 12.70 -18.96 5.45
N SER A 85 11.90 -17.94 5.77
CA SER A 85 12.29 -16.56 5.42
C SER A 85 12.73 -15.86 6.70
N ASP A 86 13.13 -14.58 6.61
CA ASP A 86 13.49 -13.82 7.83
C ASP A 86 12.30 -13.88 8.79
N GLY A 87 12.56 -14.08 10.08
CA GLY A 87 11.46 -14.23 11.06
C GLY A 87 10.57 -13.01 11.14
N TYR A 88 9.32 -13.18 11.56
CA TYR A 88 8.36 -12.05 11.64
C TYR A 88 7.98 -11.75 13.09
N TYR A 89 8.44 -12.59 14.04
CA TYR A 89 8.05 -12.40 15.46
C TYR A 89 9.11 -12.95 16.41
N LYS A 90 9.40 -12.23 17.49
CA LYS A 90 10.38 -12.72 18.50
C LYS A 90 9.67 -13.65 19.49
N SER A 91 9.97 -14.95 19.44
CA SER A 91 9.35 -15.93 20.37
C SER A 91 10.15 -15.97 21.68
N GLY A 92 9.65 -16.70 22.68
CA GLY A 92 10.38 -16.83 23.96
C GLY A 92 9.45 -16.86 25.15
N LEU A 93 10.02 -16.89 26.37
CA LEU A 93 9.19 -16.96 27.60
C LEU A 93 9.19 -15.59 28.26
N LEU A 94 8.02 -15.09 28.64
CA LEU A 94 7.91 -13.78 29.32
C LEU A 94 7.33 -14.03 30.70
N VAL A 95 7.35 -13.02 31.58
CA VAL A 95 6.87 -13.21 32.98
C VAL A 95 5.75 -12.22 33.27
N MET A 96 4.55 -12.74 33.60
CA MET A 96 3.42 -11.85 33.95
C MET A 96 3.38 -11.64 35.46
N VAL A 97 3.24 -10.40 35.90
CA VAL A 97 3.13 -10.12 37.34
C VAL A 97 1.95 -9.16 37.55
N LYS A 98 1.29 -9.24 38.69
CA LYS A 98 0.22 -8.26 38.94
C LYS A 98 0.85 -6.89 38.77
N ALA A 99 0.18 -5.99 38.06
CA ALA A 99 0.77 -4.65 37.80
C ALA A 99 1.24 -4.02 39.11
N ASN A 100 0.49 -4.23 40.20
CA ASN A 100 0.84 -3.59 41.49
C ASN A 100 2.08 -4.24 42.08
N ASN A 101 2.65 -5.24 41.39
CA ASN A 101 3.90 -5.88 41.89
C ASN A 101 5.09 -5.10 41.33
N ASN A 102 5.51 -4.08 42.07
CA ASN A 102 6.65 -3.22 41.66
C ASN A 102 7.95 -3.76 42.28
N ASP A 103 7.86 -4.89 42.99
CA ASP A 103 9.06 -5.52 43.58
C ASP A 103 9.77 -6.38 42.52
N VAL A 104 9.04 -7.26 41.82
CA VAL A 104 9.68 -8.18 40.83
C VAL A 104 9.91 -7.44 39.50
N LYS A 105 11.05 -7.71 38.84
CA LYS A 105 11.37 -7.01 37.58
C LYS A 105 11.95 -7.98 36.56
N SER A 106 12.35 -9.19 37.01
CA SER A 106 13.00 -10.16 36.09
C SER A 106 12.91 -11.58 36.66
N VAL A 107 13.44 -12.57 35.94
CA VAL A 107 13.32 -13.99 36.37
C VAL A 107 14.24 -14.28 37.56
N LYS A 108 15.23 -13.43 37.80
CA LYS A 108 16.20 -13.68 38.90
C LYS A 108 15.59 -13.14 40.19
N ASP A 109 14.62 -12.23 40.07
CA ASP A 109 13.94 -11.67 41.26
C ASP A 109 12.87 -12.67 41.71
N LEU A 110 12.92 -13.90 41.20
CA LEU A 110 11.86 -14.90 41.51
C LEU A 110 12.40 -15.92 42.52
N ASP A 111 13.69 -15.85 42.81
CA ASP A 111 14.29 -16.85 43.72
C ASP A 111 13.52 -16.80 45.03
N GLY A 112 12.90 -17.92 45.41
CA GLY A 112 12.15 -17.97 46.68
C GLY A 112 10.74 -17.42 46.55
N LYS A 113 10.05 -17.73 45.44
CA LYS A 113 8.67 -17.24 45.21
C LYS A 113 7.83 -18.36 44.59
N VAL A 114 6.60 -18.05 44.21
CA VAL A 114 5.72 -19.09 43.59
C VAL A 114 5.49 -18.70 42.12
N VAL A 115 5.88 -19.58 41.19
CA VAL A 115 5.73 -19.30 39.74
C VAL A 115 4.76 -20.34 39.15
N ALA A 116 3.73 -19.87 38.45
CA ALA A 116 2.73 -20.80 37.86
C ALA A 116 3.13 -21.13 36.42
N VAL A 117 3.18 -22.41 36.06
CA VAL A 117 3.55 -22.82 34.68
C VAL A 117 2.49 -23.78 34.17
N LYS A 118 2.58 -24.19 32.90
CA LYS A 118 1.64 -25.19 32.35
C LYS A 118 2.42 -26.47 32.08
N SER A 119 1.79 -27.63 32.29
CA SER A 119 2.46 -28.92 32.01
C SER A 119 2.79 -29.01 30.52
N GLY A 120 3.91 -29.63 30.16
CA GLY A 120 4.23 -29.83 28.74
C GLY A 120 4.70 -28.54 28.09
N THR A 121 5.16 -27.58 28.89
CA THR A 121 5.71 -26.33 28.31
C THR A 121 7.22 -26.29 28.55
N GLY A 122 7.91 -25.35 27.90
CA GLY A 122 9.35 -25.19 28.14
C GLY A 122 9.57 -24.30 29.33
N SER A 123 8.49 -23.74 29.86
CA SER A 123 8.59 -22.88 31.06
C SER A 123 9.08 -23.73 32.24
N VAL A 124 8.67 -25.00 32.28
CA VAL A 124 9.03 -25.89 33.42
C VAL A 124 10.56 -25.98 33.52
N ASP A 125 11.21 -26.44 32.45
CA ASP A 125 12.68 -26.64 32.50
C ASP A 125 13.38 -25.34 32.90
N TYR A 126 13.17 -24.28 32.14
CA TYR A 126 13.91 -23.03 32.46
C TYR A 126 13.82 -22.84 33.97
N ALA A 127 12.63 -23.03 34.54
CA ALA A 127 12.43 -22.84 35.99
C ALA A 127 13.12 -23.95 36.77
N LYS A 128 12.94 -25.19 36.31
CA LYS A 128 13.54 -26.35 37.03
C LYS A 128 15.05 -26.12 37.12
N ALA A 129 15.59 -25.23 36.28
CA ALA A 129 17.05 -25.05 36.28
C ALA A 129 17.41 -23.59 36.54
N ASN A 130 17.26 -22.74 35.54
CA ASN A 130 17.72 -21.33 35.68
C ASN A 130 17.04 -20.64 36.87
N ILE A 131 15.93 -21.17 37.38
CA ILE A 131 15.18 -20.44 38.46
C ILE A 131 15.21 -21.24 39.77
N LYS A 132 15.24 -20.54 40.90
CA LYS A 132 15.20 -21.23 42.22
C LYS A 132 13.83 -20.94 42.86
N THR A 133 12.84 -21.78 42.62
CA THR A 133 11.47 -21.51 43.11
C THR A 133 11.17 -22.27 44.40
N LYS A 134 10.46 -21.64 45.35
CA LYS A 134 10.04 -22.33 46.59
C LYS A 134 8.91 -23.32 46.22
N ASP A 135 8.22 -23.05 45.11
CA ASP A 135 7.13 -23.96 44.66
C ASP A 135 6.89 -23.76 43.16
N LEU A 136 6.78 -24.86 42.40
CA LEU A 136 6.46 -24.76 40.95
C LEU A 136 5.05 -25.32 40.75
N ARG A 137 4.08 -24.47 40.43
CA ARG A 137 2.69 -24.96 40.32
C ARG A 137 2.43 -25.41 38.88
N GLN A 138 2.63 -26.69 38.59
CA GLN A 138 2.46 -27.18 37.20
C GLN A 138 0.99 -27.45 36.93
N PHE A 139 0.33 -26.52 36.26
CA PHE A 139 -1.12 -26.69 35.95
C PHE A 139 -1.26 -27.18 34.52
N PRO A 140 -2.34 -27.92 34.18
CA PRO A 140 -2.52 -28.45 32.84
C PRO A 140 -3.12 -27.39 31.89
N ASN A 141 -3.51 -26.24 32.42
CA ASN A 141 -4.03 -25.14 31.56
C ASN A 141 -3.63 -23.79 32.18
N ILE A 142 -3.10 -22.88 31.38
CA ILE A 142 -2.58 -21.59 31.92
C ILE A 142 -3.74 -20.75 32.45
N ASP A 143 -4.94 -20.98 31.92
CA ASP A 143 -6.08 -20.14 32.33
C ASP A 143 -6.19 -20.20 33.85
N ASN A 144 -6.02 -21.40 34.42
CA ASN A 144 -6.11 -21.59 35.87
C ASN A 144 -4.91 -20.93 36.57
N ALA A 145 -3.73 -21.03 35.97
CA ALA A 145 -2.54 -20.39 36.54
C ALA A 145 -2.75 -18.88 36.58
N TYR A 146 -3.51 -18.35 35.63
CA TYR A 146 -3.80 -16.91 35.61
C TYR A 146 -4.66 -16.59 36.84
N MET A 147 -5.60 -17.49 37.14
CA MET A 147 -6.45 -17.29 38.34
C MET A 147 -5.53 -17.18 39.56
N GLU A 148 -4.59 -18.11 39.70
CA GLU A 148 -3.69 -18.11 40.87
C GLU A 148 -3.05 -16.72 41.04
N LEU A 149 -2.59 -16.15 39.93
CA LEU A 149 -1.94 -14.81 40.02
C LEU A 149 -3.01 -13.81 40.41
N GLY A 150 -4.21 -13.94 39.83
CA GLY A 150 -5.32 -13.01 40.15
C GLY A 150 -5.71 -13.14 41.61
N THR A 151 -5.52 -14.32 42.20
CA THR A 151 -5.84 -14.55 43.63
C THR A 151 -4.55 -14.39 44.45
N ASN A 152 -3.50 -13.86 43.85
CA ASN A 152 -2.23 -13.64 44.60
C ASN A 152 -1.86 -14.95 45.29
N ARG A 153 -2.30 -16.08 44.75
CA ARG A 153 -1.85 -17.38 45.31
C ARG A 153 -0.51 -17.71 44.68
N ALA A 154 -0.10 -16.89 43.70
CA ALA A 154 1.22 -17.07 43.04
C ALA A 154 1.84 -15.69 42.87
N ASP A 155 3.15 -15.62 42.65
CA ASP A 155 3.82 -14.30 42.58
C ASP A 155 3.92 -13.84 41.14
N ALA A 156 4.00 -14.80 40.20
CA ALA A 156 4.03 -14.46 38.77
C ALA A 156 3.82 -15.72 37.92
N VAL A 157 3.56 -15.53 36.63
CA VAL A 157 3.33 -16.69 35.72
C VAL A 157 4.44 -16.70 34.66
N LEU A 158 4.80 -17.88 34.15
CA LEU A 158 5.82 -17.99 33.09
C LEU A 158 5.24 -18.76 31.92
N HIS A 159 5.13 -18.11 30.75
CA HIS A 159 4.53 -18.77 29.56
C HIS A 159 4.99 -18.03 28.30
N ASP A 160 4.63 -18.55 27.12
CA ASP A 160 5.05 -17.96 25.83
C ASP A 160 4.77 -16.46 25.83
N THR A 161 5.75 -15.67 25.39
CA THR A 161 5.61 -14.20 25.34
C THR A 161 4.36 -13.84 24.52
N PRO A 162 4.12 -14.42 23.32
CA PRO A 162 2.89 -14.13 22.59
C PRO A 162 1.67 -14.25 23.49
N ASN A 163 1.45 -15.45 24.05
CA ASN A 163 0.23 -15.69 24.86
C ASN A 163 0.14 -14.66 25.99
N ILE A 164 1.15 -14.58 26.84
CA ILE A 164 1.08 -13.65 28.00
C ILE A 164 0.61 -12.29 27.49
N LEU A 165 1.13 -11.85 26.34
CA LEU A 165 0.78 -10.49 25.85
C LEU A 165 -0.70 -10.45 25.44
N TYR A 166 -1.14 -11.36 24.57
CA TYR A 166 -2.53 -11.37 24.09
C TYR A 166 -3.45 -11.12 25.28
N PHE A 167 -3.24 -11.85 26.37
CA PHE A 167 -4.12 -11.75 27.56
C PHE A 167 -3.93 -10.41 28.27
N ILE A 168 -2.68 -10.03 28.53
CA ILE A 168 -2.44 -8.67 29.10
C ILE A 168 -3.37 -7.69 28.37
N LYS A 169 -3.56 -7.90 27.07
CA LYS A 169 -4.42 -7.01 26.24
C LYS A 169 -5.88 -7.49 26.29
N THR A 170 -6.12 -8.77 25.99
CA THR A 170 -7.51 -9.30 25.93
C THR A 170 -7.93 -9.81 27.31
N ALA A 171 -8.94 -9.17 27.92
CA ALA A 171 -9.43 -9.58 29.26
C ALA A 171 -8.34 -9.32 30.31
N GLY A 172 -7.40 -8.42 30.03
CA GLY A 172 -6.36 -8.07 31.02
C GLY A 172 -6.87 -6.96 31.93
N ASN A 173 -7.22 -5.80 31.37
CA ASN A 173 -7.79 -4.69 32.17
C ASN A 173 -6.95 -4.44 33.43
N GLY A 174 -5.63 -4.36 33.29
CA GLY A 174 -4.76 -4.04 34.45
C GLY A 174 -4.55 -5.22 35.37
N GLN A 175 -3.88 -5.00 36.52
CA GLN A 175 -3.61 -6.09 37.49
C GLN A 175 -2.75 -7.17 36.82
N PHE A 176 -2.18 -6.88 35.64
CA PHE A 176 -1.36 -7.85 34.90
C PHE A 176 -0.36 -7.08 34.02
N LYS A 177 0.94 -7.18 34.33
CA LYS A 177 1.98 -6.47 33.53
C LYS A 177 3.09 -7.45 33.16
N ALA A 178 3.95 -7.05 32.23
CA ALA A 178 5.09 -7.91 31.82
C ALA A 178 6.40 -7.26 32.25
N VAL A 179 7.38 -8.06 32.64
CA VAL A 179 8.66 -7.50 33.18
C VAL A 179 9.86 -8.14 32.48
N GLY A 180 10.92 -7.36 32.27
CA GLY A 180 12.15 -7.92 31.68
C GLY A 180 12.03 -8.10 30.19
N ASP A 181 12.66 -9.16 29.66
CA ASP A 181 12.66 -9.37 28.19
C ASP A 181 12.46 -10.86 27.89
N SER A 182 12.05 -11.17 26.66
CA SER A 182 11.78 -12.57 26.27
C SER A 182 13.02 -13.43 26.46
N LEU A 183 12.91 -14.46 27.29
CA LEU A 183 14.05 -15.37 27.52
C LEU A 183 14.05 -16.45 26.45
N GLU A 184 15.09 -17.28 26.38
CA GLU A 184 15.12 -18.40 25.42
C GLU A 184 14.44 -17.92 24.13
N ALA A 185 14.92 -16.82 23.56
CA ALA A 185 14.25 -16.24 22.40
C ALA A 185 14.38 -17.11 21.16
N GLN A 186 13.40 -17.03 20.25
CA GLN A 186 13.44 -17.75 18.97
C GLN A 186 12.80 -16.82 17.94
N GLN A 187 12.65 -17.27 16.70
CA GLN A 187 12.02 -16.43 15.65
C GLN A 187 11.01 -17.28 14.87
N TYR A 188 9.88 -16.66 14.49
CA TYR A 188 8.83 -17.36 13.73
C TYR A 188 8.94 -16.92 12.27
N GLY A 189 8.83 -17.85 11.32
CA GLY A 189 9.03 -17.48 9.90
C GLY A 189 8.12 -18.21 8.93
N ILE A 190 7.94 -17.65 7.73
CA ILE A 190 7.11 -18.30 6.68
C ILE A 190 7.92 -19.46 6.09
N ALA A 191 7.27 -20.53 5.68
CA ALA A 191 8.01 -21.72 5.19
C ALA A 191 7.75 -21.99 3.71
N PHE A 192 8.75 -21.85 2.85
CA PHE A 192 8.53 -22.05 1.40
C PHE A 192 9.15 -23.38 0.97
N PRO A 193 8.50 -24.14 0.07
CA PRO A 193 9.03 -25.42 -0.41
C PRO A 193 10.44 -25.24 -1.01
N LYS A 194 11.28 -26.27 -0.90
CA LYS A 194 12.68 -26.17 -1.40
C LYS A 194 12.65 -25.65 -2.85
N GLY A 195 11.75 -26.18 -3.68
CA GLY A 195 11.70 -25.77 -5.10
C GLY A 195 11.57 -24.26 -5.25
N SER A 196 10.62 -23.65 -4.55
CA SER A 196 10.43 -22.18 -4.61
C SER A 196 11.68 -21.50 -4.04
N ASP A 197 12.21 -20.49 -4.73
CA ASP A 197 13.45 -19.80 -4.27
C ASP A 197 13.27 -18.29 -4.39
N GLU A 198 12.91 -17.79 -5.58
CA GLU A 198 12.72 -16.34 -5.78
C GLU A 198 11.48 -15.92 -4.98
N LEU A 199 10.41 -16.71 -5.08
CA LEU A 199 9.19 -16.40 -4.30
C LEU A 199 9.64 -16.11 -2.87
N ARG A 200 10.55 -16.93 -2.34
CA ARG A 200 11.08 -16.71 -0.98
C ARG A 200 11.74 -15.33 -0.90
N ASP A 201 12.79 -15.11 -1.68
CA ASP A 201 13.54 -13.83 -1.57
C ASP A 201 12.57 -12.68 -1.75
N LYS A 202 11.60 -12.86 -2.64
CA LYS A 202 10.60 -11.81 -2.88
C LYS A 202 9.90 -11.53 -1.54
N VAL A 203 9.43 -12.58 -0.88
CA VAL A 203 8.67 -12.39 0.39
C VAL A 203 9.60 -11.82 1.45
N ASN A 204 10.88 -12.22 1.42
CA ASN A 204 11.86 -11.71 2.40
C ASN A 204 11.91 -10.19 2.25
N GLY A 205 12.07 -9.73 1.02
CA GLY A 205 12.13 -8.27 0.76
C GLY A 205 10.83 -7.61 1.18
N ALA A 206 9.70 -8.27 0.91
CA ALA A 206 8.38 -7.73 1.30
C ALA A 206 8.36 -7.48 2.81
N LEU A 207 8.81 -8.46 3.60
CA LEU A 207 8.79 -8.33 5.08
C LEU A 207 9.78 -7.25 5.51
N LYS A 208 10.95 -7.20 4.88
CA LYS A 208 11.89 -6.10 5.21
C LYS A 208 11.16 -4.76 5.02
N THR A 209 10.44 -4.61 3.92
CA THR A 209 9.72 -3.35 3.62
C THR A 209 8.66 -3.08 4.68
N LEU A 210 7.82 -4.08 4.96
CA LEU A 210 6.70 -3.76 5.90
C LEU A 210 7.28 -3.41 7.27
N ARG A 211 8.39 -4.06 7.67
CA ARG A 211 9.05 -3.72 8.96
C ARG A 211 9.79 -2.39 8.75
N GLU A 212 10.28 -2.13 7.53
CA GLU A 212 10.89 -0.80 7.24
C GLU A 212 9.77 0.24 7.30
N ASN A 213 8.66 -0.09 6.66
N ASN A 213 8.63 -0.08 6.67
CA ASN A 213 7.48 0.81 6.74
CA ASN A 213 7.45 0.83 6.74
C ASN A 213 7.10 0.93 8.21
C ASN A 213 7.03 0.93 8.20
N GLY A 214 6.95 -0.22 8.88
CA GLY A 214 6.62 -0.21 10.31
C GLY A 214 5.14 -0.26 10.65
N THR A 215 4.26 -0.62 9.72
CA THR A 215 2.83 -0.80 10.11
C THR A 215 2.76 -2.01 11.04
N TYR A 216 3.79 -2.85 11.06
CA TYR A 216 3.83 -4.04 11.94
C TYR A 216 3.52 -3.60 13.37
N ASN A 217 4.03 -2.44 13.78
CA ASN A 217 3.80 -1.94 15.17
C ASN A 217 2.30 -1.89 15.46
N GLU A 218 1.51 -1.35 14.52
CA GLU A 218 0.05 -1.23 14.73
C GLU A 218 -0.56 -2.63 14.85
N ILE A 219 -0.17 -3.54 13.95
CA ILE A 219 -0.68 -4.95 14.01
C ILE A 219 -0.22 -5.55 15.33
N TYR A 220 1.03 -5.26 15.73
CA TYR A 220 1.56 -5.77 17.02
C TYR A 220 0.64 -5.28 18.14
N LYS A 221 0.24 -4.01 18.05
CA LYS A 221 -0.68 -3.44 19.08
C LYS A 221 -2.01 -4.20 19.02
N LYS A 222 -2.51 -4.52 17.84
CA LYS A 222 -3.84 -5.16 17.77
C LYS A 222 -3.82 -6.53 18.45
N TRP A 223 -2.70 -7.23 18.41
CA TRP A 223 -2.67 -8.61 18.98
C TRP A 223 -1.82 -8.66 20.25
N PHE A 224 -0.53 -8.40 20.12
CA PHE A 224 0.39 -8.54 21.28
C PHE A 224 0.54 -7.19 22.01
N GLY A 225 -0.26 -6.19 21.63
CA GLY A 225 -0.24 -4.90 22.34
C GLY A 225 1.02 -4.10 22.09
N THR A 226 1.23 -3.02 22.84
CA THR A 226 2.45 -2.18 22.70
C THR A 226 3.69 -3.03 23.01
N GLU A 227 4.67 -3.03 22.10
CA GLU A 227 5.90 -3.85 22.29
C GLU A 227 6.31 -3.85 23.76
N SER B 1 -8.10 13.03 15.99
CA SER B 1 -7.70 13.71 14.73
C SER B 1 -7.00 15.03 15.06
N ASN B 2 -7.77 16.06 15.46
CA ASN B 2 -7.18 17.36 15.85
C ASN B 2 -6.15 17.81 14.80
N ALA B 3 -4.90 18.05 15.21
CA ALA B 3 -3.88 18.58 14.27
C ALA B 3 -2.58 17.80 14.40
N ALA B 4 -2.66 16.47 14.50
CA ALA B 4 -1.45 15.62 14.66
C ALA B 4 -0.86 15.34 13.28
N ASP B 5 -1.19 16.15 12.28
CA ASP B 5 -0.74 15.88 10.90
C ASP B 5 0.68 16.41 10.69
N LYS B 6 1.13 16.50 9.43
CA LYS B 6 2.53 16.91 9.14
C LYS B 6 2.52 18.24 8.39
N LYS B 7 3.56 19.06 8.61
CA LYS B 7 3.66 20.38 7.92
C LYS B 7 4.63 20.22 6.74
N LEU B 8 4.75 19.01 6.20
CA LEU B 8 5.70 18.76 5.09
C LEU B 8 5.46 19.75 3.96
N VAL B 9 6.52 20.45 3.53
CA VAL B 9 6.39 21.38 2.37
C VAL B 9 7.10 20.74 1.17
N VAL B 10 6.34 20.39 0.13
CA VAL B 10 6.94 19.77 -1.09
C VAL B 10 6.96 20.84 -2.18
N ALA B 11 7.96 20.83 -3.07
CA ALA B 11 8.04 21.91 -4.06
C ALA B 11 8.34 21.32 -5.45
N THR B 12 7.77 21.92 -6.48
CA THR B 12 7.98 21.45 -7.87
C THR B 12 8.11 22.67 -8.79
N ASP B 13 8.45 22.43 -10.06
CA ASP B 13 8.52 23.55 -11.05
C ASP B 13 7.11 23.76 -11.61
N THR B 14 6.78 25.00 -11.96
CA THR B 14 5.40 25.31 -12.45
C THR B 14 5.10 24.47 -13.70
N ALA B 15 6.04 24.43 -14.65
CA ALA B 15 5.81 23.67 -15.91
C ALA B 15 7.08 22.90 -16.28
N PHE B 16 7.03 21.56 -16.31
CA PHE B 16 8.22 20.77 -16.71
C PHE B 16 7.78 19.38 -17.17
N VAL B 17 7.46 19.22 -18.44
CA VAL B 17 6.98 17.91 -18.97
C VAL B 17 8.14 16.91 -18.95
N PRO B 18 7.88 15.58 -18.86
CA PRO B 18 6.64 15.06 -18.29
C PRO B 18 6.75 14.76 -16.79
N PHE B 19 7.28 15.69 -16.01
CA PHE B 19 7.52 15.41 -14.57
C PHE B 19 6.49 16.18 -13.72
N GLU B 20 6.36 17.49 -13.96
CA GLU B 20 5.36 18.32 -13.22
C GLU B 20 4.76 19.35 -14.17
N PHE B 21 3.61 19.02 -14.78
CA PHE B 21 2.97 19.94 -15.76
C PHE B 21 1.48 20.10 -15.47
N LYS B 22 0.92 21.25 -15.83
CA LYS B 22 -0.52 21.49 -15.57
C LYS B 22 -1.33 20.93 -16.74
N GLN B 23 -2.23 19.99 -16.45
CA GLN B 23 -3.10 19.39 -17.48
C GLN B 23 -4.47 19.12 -16.87
N GLY B 24 -5.50 19.85 -17.30
CA GLY B 24 -6.86 19.64 -16.79
C GLY B 24 -7.05 20.32 -15.45
N ASP B 25 -6.52 21.54 -15.31
CA ASP B 25 -6.63 22.29 -14.03
C ASP B 25 -6.06 21.44 -12.89
N ILE B 26 -5.06 20.61 -13.18
CA ILE B 26 -4.40 19.84 -12.09
C ILE B 26 -2.97 19.51 -12.51
N TYR B 27 -2.00 19.86 -11.68
CA TYR B 27 -0.58 19.51 -11.97
C TYR B 27 -0.49 18.00 -12.05
N VAL B 28 0.22 17.49 -13.07
CA VAL B 28 0.33 16.02 -13.26
C VAL B 28 1.77 15.73 -13.67
N GLY B 29 2.15 14.45 -13.68
CA GLY B 29 3.51 14.08 -14.14
C GLY B 29 4.09 12.91 -13.39
N PHE B 30 5.33 12.55 -13.71
CA PHE B 30 5.99 11.39 -13.07
C PHE B 30 6.26 11.71 -11.61
N ASP B 31 6.83 12.88 -11.34
CA ASP B 31 7.23 13.20 -9.94
C ASP B 31 6.01 13.33 -9.02
N VAL B 32 4.93 13.93 -9.51
CA VAL B 32 3.68 14.03 -8.69
C VAL B 32 3.28 12.62 -8.27
N ASP B 33 3.10 11.71 -9.22
CA ASP B 33 2.64 10.34 -8.88
C ASP B 33 3.62 9.71 -7.89
N LEU B 34 4.92 9.93 -8.11
CA LEU B 34 5.93 9.26 -7.25
C LEU B 34 5.79 9.69 -5.79
N TRP B 35 5.65 10.99 -5.53
CA TRP B 35 5.58 11.43 -4.12
C TRP B 35 4.31 10.90 -3.47
N ALA B 36 3.23 10.77 -4.24
CA ALA B 36 1.97 10.22 -3.69
C ALA B 36 2.19 8.75 -3.31
N ALA B 37 2.88 8.01 -4.16
CA ALA B 37 3.17 6.59 -3.84
C ALA B 37 4.00 6.52 -2.55
N ILE B 38 4.99 7.39 -2.43
CA ILE B 38 5.82 7.41 -1.20
C ILE B 38 4.91 7.75 -0.02
N ALA B 39 4.15 8.84 -0.15
CA ALA B 39 3.27 9.28 0.96
C ALA B 39 2.38 8.11 1.39
N LYS B 40 2.10 7.18 0.48
CA LYS B 40 1.31 5.97 0.86
C LYS B 40 2.15 5.12 1.81
N GLU B 41 3.43 4.90 1.48
CA GLU B 41 4.32 4.06 2.32
C GLU B 41 4.66 4.81 3.61
N LEU B 42 5.05 6.08 3.50
CA LEU B 42 5.47 6.86 4.69
C LEU B 42 4.24 7.37 5.45
N LYS B 43 3.05 7.23 4.85
CA LYS B 43 1.80 7.71 5.49
C LYS B 43 2.03 9.14 6.00
N LEU B 44 2.59 10.01 5.15
CA LEU B 44 2.73 11.42 5.59
C LEU B 44 1.82 12.29 4.74
N ASP B 45 1.47 13.47 5.25
CA ASP B 45 0.55 14.40 4.53
C ASP B 45 1.40 15.45 3.81
N TYR B 46 1.14 15.68 2.51
CA TYR B 46 2.02 16.61 1.74
C TYR B 46 1.25 17.84 1.27
N GLU B 47 1.98 18.89 0.91
CA GLU B 47 1.35 20.13 0.37
C GLU B 47 2.23 20.67 -0.74
N LEU B 48 2.01 20.25 -1.98
CA LEU B 48 2.89 20.66 -3.10
C LEU B 48 2.94 22.19 -3.19
N LYS B 49 4.16 22.77 -3.19
CA LYS B 49 4.30 24.24 -3.34
C LYS B 49 4.99 24.55 -4.67
N PRO B 50 4.27 24.99 -5.72
CA PRO B 50 4.89 25.20 -7.03
C PRO B 50 5.68 26.52 -7.09
N MET B 51 6.90 26.47 -7.63
CA MET B 51 7.72 27.70 -7.78
C MET B 51 8.73 27.49 -8.90
N ASP B 52 9.54 28.51 -9.19
CA ASP B 52 10.58 28.38 -10.23
C ASP B 52 11.86 27.70 -9.75
N PHE B 53 12.57 27.02 -10.64
CA PHE B 53 13.82 26.31 -10.27
C PHE B 53 14.79 27.32 -9.69
N SER B 54 14.55 28.60 -9.96
CA SER B 54 15.44 29.67 -9.47
C SER B 54 15.28 29.84 -7.96
N GLY B 55 14.23 29.28 -7.37
CA GLY B 55 13.99 29.52 -5.94
C GLY B 55 13.91 28.23 -5.15
N ILE B 56 13.94 27.09 -5.85
CA ILE B 56 13.76 25.78 -5.15
C ILE B 56 14.88 25.59 -4.11
N ILE B 57 16.13 25.54 -4.57
CA ILE B 57 17.28 25.35 -3.64
C ILE B 57 17.32 26.53 -2.67
N PRO B 58 17.28 27.80 -3.12
CA PRO B 58 17.24 28.92 -2.19
C PRO B 58 16.21 28.68 -1.07
N ALA B 59 15.01 28.25 -1.44
CA ALA B 59 13.98 28.00 -0.42
C ALA B 59 14.42 26.86 0.50
N LEU B 60 14.89 25.74 -0.08
CA LEU B 60 15.34 24.58 0.74
C LEU B 60 16.45 25.06 1.67
N GLN B 61 17.28 25.98 1.20
CA GLN B 61 18.38 26.53 2.05
C GLN B 61 17.76 27.17 3.29
N THR B 62 16.85 28.12 3.09
CA THR B 62 16.15 28.76 4.23
C THR B 62 15.17 27.75 4.83
N LYS B 63 15.10 26.53 4.28
CA LYS B 63 14.20 25.46 4.79
C LYS B 63 12.74 25.92 4.83
N ASN B 64 12.34 26.84 3.94
CA ASN B 64 10.91 27.24 3.84
C ASN B 64 10.17 26.06 3.24
N VAL B 65 10.91 25.15 2.60
CA VAL B 65 10.32 23.91 2.03
C VAL B 65 10.96 22.73 2.75
N ASP B 66 10.30 21.58 2.76
CA ASP B 66 10.82 20.41 3.53
C ASP B 66 11.16 19.25 2.59
N LEU B 67 10.82 19.37 1.30
CA LEU B 67 11.14 18.32 0.30
C LEU B 67 11.00 18.97 -1.08
N ALA B 68 11.52 18.32 -2.13
CA ALA B 68 11.45 18.89 -3.49
C ALA B 68 11.54 17.77 -4.52
N LEU B 69 10.63 17.76 -5.50
CA LEU B 69 10.63 16.71 -6.56
C LEU B 69 10.56 17.36 -7.94
N ALA B 70 11.68 17.91 -8.41
CA ALA B 70 11.73 18.49 -9.77
C ALA B 70 12.82 17.77 -10.57
N GLY B 71 13.28 18.36 -11.67
CA GLY B 71 14.39 17.76 -12.43
C GLY B 71 15.72 17.95 -11.72
N ILE B 72 15.78 17.54 -10.45
CA ILE B 72 17.02 17.76 -9.67
C ILE B 72 17.99 16.60 -9.94
N THR B 73 18.81 16.73 -10.99
CA THR B 73 19.84 15.69 -11.29
C THR B 73 20.92 15.73 -10.22
N ILE B 74 21.30 14.56 -9.69
CA ILE B 74 22.32 14.50 -8.60
C ILE B 74 23.61 15.18 -9.07
N CYS B 75 24.06 16.20 -8.33
CA CYS B 75 25.29 16.95 -8.68
C CYS B 75 26.05 17.27 -7.41
N ASP B 76 27.30 16.82 -7.32
CA ASP B 76 28.09 16.99 -6.07
C ASP B 76 28.23 18.48 -5.76
N GLU B 77 28.34 19.34 -6.76
CA GLU B 77 28.51 20.76 -6.39
C GLU B 77 27.30 21.16 -5.57
N ARG B 78 26.13 20.87 -6.10
CA ARG B 78 24.92 21.37 -5.40
C ARG B 78 24.91 20.84 -3.96
N LYS B 79 25.53 19.68 -3.72
CA LYS B 79 25.46 19.05 -2.38
C LYS B 79 26.04 20.00 -1.34
N LYS B 80 26.82 20.99 -1.76
CA LYS B 80 27.32 22.00 -0.80
C LYS B 80 26.18 22.93 -0.38
N ALA B 81 24.95 22.66 -0.84
CA ALA B 81 23.80 23.47 -0.40
C ALA B 81 22.63 22.58 0.00
N ILE B 82 22.50 21.40 -0.62
CA ILE B 82 21.34 20.49 -0.33
C ILE B 82 21.85 19.05 -0.25
N ASP B 83 20.96 18.09 0.00
CA ASP B 83 21.35 16.67 0.04
C ASP B 83 20.29 15.88 -0.72
N PHE B 84 20.71 15.07 -1.68
CA PHE B 84 19.77 14.31 -2.54
C PHE B 84 19.55 12.92 -1.95
N SER B 85 18.75 12.09 -2.63
CA SER B 85 18.56 10.69 -2.19
C SER B 85 18.90 9.76 -3.35
N ASP B 86 18.78 8.45 -3.15
CA ASP B 86 19.00 7.51 -4.28
C ASP B 86 18.11 7.97 -5.43
N GLY B 87 18.70 8.15 -6.61
CA GLY B 87 17.94 8.65 -7.77
C GLY B 87 16.73 7.79 -8.10
N TYR B 88 15.78 8.33 -8.86
CA TYR B 88 14.53 7.58 -9.16
C TYR B 88 14.36 7.39 -10.68
N TYR B 89 15.17 8.07 -11.48
CA TYR B 89 15.03 7.99 -12.96
C TYR B 89 16.39 8.23 -13.62
N LYS B 90 16.74 7.41 -14.60
CA LYS B 90 18.04 7.55 -15.31
C LYS B 90 17.91 8.59 -16.42
N SER B 91 18.57 9.74 -16.27
CA SER B 91 18.55 10.78 -17.33
C SER B 91 19.56 10.40 -18.42
N GLY B 92 19.55 11.11 -19.56
CA GLY B 92 20.50 10.83 -20.64
C GLY B 92 19.92 11.16 -22.01
N LEU B 93 20.70 10.96 -23.08
CA LEU B 93 20.23 11.28 -24.44
C LEU B 93 19.86 9.98 -25.14
N LEU B 94 18.69 9.94 -25.77
CA LEU B 94 18.25 8.73 -26.51
C LEU B 94 18.11 9.12 -27.98
N VAL B 95 17.93 8.15 -28.87
CA VAL B 95 17.85 8.44 -30.33
C VAL B 95 16.53 7.93 -30.88
N MET B 96 15.71 8.84 -31.42
CA MET B 96 14.42 8.42 -32.04
C MET B 96 14.62 8.18 -33.53
N VAL B 97 14.12 7.07 -34.04
CA VAL B 97 14.22 6.78 -35.49
C VAL B 97 12.85 6.32 -35.97
N LYS B 98 12.51 6.60 -37.22
CA LYS B 98 11.22 6.08 -37.72
C LYS B 98 11.26 4.57 -37.49
N ALA B 99 10.17 4.01 -36.97
CA ALA B 99 10.15 2.58 -36.65
C ALA B 99 10.60 1.76 -37.86
N ASN B 100 10.24 2.19 -39.06
CA ASN B 100 10.58 1.42 -40.28
C ASN B 100 12.10 1.43 -40.48
N ASN B 101 12.81 2.28 -39.75
CA ASN B 101 14.28 2.39 -39.94
C ASN B 101 14.97 1.25 -39.19
N ASN B 102 15.11 0.11 -39.87
CA ASN B 102 15.74 -1.09 -39.26
C ASN B 102 17.24 -1.09 -39.58
N ASP B 103 17.73 -0.03 -40.24
CA ASP B 103 19.17 0.07 -40.56
C ASP B 103 19.91 0.64 -39.33
N VAL B 104 19.44 1.76 -38.77
CA VAL B 104 20.15 2.42 -37.63
C VAL B 104 19.82 1.71 -36.31
N LYS B 105 20.80 1.55 -35.42
CA LYS B 105 20.58 0.84 -34.14
C LYS B 105 21.25 1.58 -32.98
N SER B 106 22.12 2.56 -33.27
CA SER B 106 22.86 3.28 -32.21
C SER B 106 23.52 4.54 -32.77
N VAL B 107 24.08 5.39 -31.92
CA VAL B 107 24.64 6.70 -32.37
C VAL B 107 25.75 6.46 -33.39
N LYS B 108 26.51 5.38 -33.22
CA LYS B 108 27.64 5.09 -34.14
C LYS B 108 27.08 4.75 -35.52
N ASP B 109 25.84 4.24 -35.58
CA ASP B 109 25.24 3.83 -36.87
C ASP B 109 24.70 5.06 -37.58
N LEU B 110 25.13 6.25 -37.15
CA LEU B 110 24.60 7.51 -37.73
C LEU B 110 25.73 8.27 -38.43
N ASP B 111 26.90 7.66 -38.57
CA ASP B 111 28.01 8.44 -39.15
C ASP B 111 27.57 8.86 -40.56
N GLY B 112 27.64 10.16 -40.85
CA GLY B 112 27.26 10.65 -42.18
C GLY B 112 25.75 10.61 -42.40
N LYS B 113 24.98 11.03 -41.40
CA LYS B 113 23.50 11.04 -41.53
C LYS B 113 22.97 12.40 -41.07
N VAL B 114 21.67 12.62 -41.21
CA VAL B 114 21.07 13.91 -40.75
C VAL B 114 20.48 13.67 -39.36
N VAL B 115 21.17 14.15 -38.32
CA VAL B 115 20.68 14.02 -36.92
C VAL B 115 20.17 15.38 -36.47
N ALA B 116 18.90 15.47 -36.06
CA ALA B 116 18.32 16.77 -35.68
C ALA B 116 18.48 16.97 -34.16
N VAL B 117 18.57 18.22 -33.73
CA VAL B 117 18.76 18.53 -32.29
C VAL B 117 18.04 19.83 -31.97
N LYS B 118 18.04 20.23 -30.70
CA LYS B 118 17.42 21.52 -30.30
C LYS B 118 18.53 22.45 -29.78
N SER B 119 18.45 23.73 -30.12
CA SER B 119 19.49 24.69 -29.65
C SER B 119 19.50 24.71 -28.13
N GLY B 120 20.68 24.89 -27.53
CA GLY B 120 20.76 25.01 -26.06
C GLY B 120 20.56 23.67 -25.38
N THR B 121 20.80 22.58 -26.11
CA THR B 121 20.71 21.23 -25.49
C THR B 121 22.11 20.63 -25.40
N GLY B 122 22.25 19.53 -24.66
CA GLY B 122 23.55 18.84 -24.60
C GLY B 122 23.66 17.87 -25.76
N SER B 123 22.58 17.74 -26.53
CA SER B 123 22.60 16.86 -27.71
C SER B 123 23.60 17.43 -28.72
N VAL B 124 23.71 18.75 -28.80
CA VAL B 124 24.60 19.38 -29.81
C VAL B 124 26.04 18.91 -29.58
N ASP B 125 26.58 19.12 -28.39
CA ASP B 125 28.00 18.77 -28.12
C ASP B 125 28.23 17.29 -28.41
N TYR B 126 27.50 16.40 -27.76
CA TYR B 126 27.77 14.97 -27.99
C TYR B 126 27.95 14.78 -29.49
N ALA B 127 27.03 15.36 -30.27
CA ALA B 127 27.07 15.19 -31.74
C ALA B 127 28.27 15.95 -32.31
N LYS B 128 28.48 17.18 -31.85
CA LYS B 128 29.60 17.99 -32.39
C LYS B 128 30.90 17.22 -32.18
N ALA B 129 30.89 16.24 -31.27
CA ALA B 129 32.14 15.52 -30.97
C ALA B 129 31.97 14.03 -31.22
N ASN B 130 31.32 13.32 -30.30
CA ASN B 130 31.24 11.84 -30.41
C ASN B 130 30.62 11.41 -31.74
N ILE B 131 29.91 12.29 -32.45
CA ILE B 131 29.19 11.84 -33.68
C ILE B 131 29.78 12.54 -34.92
N LYS B 132 29.79 11.83 -36.05
CA LYS B 132 30.27 12.43 -37.32
C LYS B 132 29.07 12.63 -38.24
N THR B 133 28.43 13.80 -38.18
CA THR B 133 27.19 14.02 -38.96
C THR B 133 27.46 14.80 -40.25
N LYS B 134 26.78 14.44 -41.34
CA LYS B 134 26.91 15.19 -42.62
C LYS B 134 26.18 16.53 -42.45
N ASP B 135 25.24 16.60 -41.51
CA ASP B 135 24.49 17.86 -41.26
C ASP B 135 23.87 17.83 -39.87
N LEU B 136 24.03 18.90 -39.09
CA LEU B 136 23.41 19.00 -37.74
C LEU B 136 22.30 20.05 -37.81
N ARG B 137 21.05 19.63 -37.72
CA ARG B 137 19.92 20.58 -37.88
C ARG B 137 19.53 21.17 -36.52
N GLN B 138 20.17 22.28 -36.13
CA GLN B 138 19.90 22.86 -34.79
C GLN B 138 18.62 23.68 -34.84
N PHE B 139 17.51 23.10 -34.38
CA PHE B 139 16.21 23.81 -34.40
C PHE B 139 15.94 24.36 -32.99
N PRO B 140 15.22 25.49 -32.82
CA PRO B 140 15.03 26.06 -31.50
C PRO B 140 13.89 25.37 -30.77
N ASN B 141 13.23 24.40 -31.41
CA ASN B 141 12.18 23.62 -30.72
C ASN B 141 12.17 22.19 -31.29
N ILE B 142 12.09 21.17 -30.43
CA ILE B 142 12.18 19.77 -30.90
C ILE B 142 10.94 19.40 -31.70
N ASP B 143 9.82 20.07 -31.41
CA ASP B 143 8.56 19.70 -32.09
C ASP B 143 8.79 19.74 -33.60
N ASN B 144 9.52 20.76 -34.06
CA ASN B 144 9.80 20.91 -35.50
C ASN B 144 10.78 19.83 -35.96
N ALA B 145 11.77 19.52 -35.12
CA ALA B 145 12.73 18.44 -35.46
C ALA B 145 11.98 17.12 -35.60
N TYR B 146 10.91 16.95 -34.84
CA TYR B 146 10.11 15.72 -34.96
C TYR B 146 9.49 15.71 -36.36
N MET B 147 9.01 16.87 -36.80
CA MET B 147 8.41 16.95 -38.16
C MET B 147 9.44 16.47 -39.16
N GLU B 148 10.68 16.96 -39.06
CA GLU B 148 11.74 16.59 -40.03
C GLU B 148 11.84 15.06 -40.11
N LEU B 149 11.78 14.39 -38.96
CA LEU B 149 11.91 12.91 -38.96
C LEU B 149 10.66 12.34 -39.62
N GLY B 150 9.53 13.01 -39.44
CA GLY B 150 8.30 12.54 -40.10
C GLY B 150 8.37 12.80 -41.59
N THR B 151 8.87 13.99 -41.97
CA THR B 151 9.01 14.33 -43.41
C THR B 151 10.23 13.61 -43.98
N ASN B 152 10.77 12.66 -43.22
CA ASN B 152 11.98 11.92 -43.67
C ASN B 152 13.02 12.92 -44.17
N ARG B 153 13.03 14.13 -43.62
CA ARG B 153 14.08 15.10 -43.99
C ARG B 153 15.24 14.95 -43.00
N ALA B 154 15.12 14.01 -42.07
CA ALA B 154 16.20 13.72 -41.10
C ALA B 154 16.23 12.21 -40.85
N ASP B 155 17.37 11.67 -40.45
CA ASP B 155 17.47 10.20 -40.30
C ASP B 155 17.09 9.80 -38.88
N ALA B 156 17.33 10.69 -37.92
CA ALA B 156 16.94 10.42 -36.53
C ALA B 156 17.04 11.70 -35.69
N VAL B 157 16.47 11.68 -34.49
CA VAL B 157 16.50 12.87 -33.59
C VAL B 157 17.29 12.52 -32.34
N LEU B 158 17.95 13.50 -31.72
CA LEU B 158 18.70 13.26 -30.46
C LEU B 158 18.22 14.24 -29.40
N HIS B 159 17.64 13.73 -28.32
CA HIS B 159 17.10 14.61 -27.24
C HIS B 159 16.98 13.80 -25.95
N ASP B 160 16.59 14.47 -24.85
CA ASP B 160 16.50 13.81 -23.53
C ASP B 160 15.68 12.53 -23.64
N THR B 161 16.18 11.46 -23.01
CA THR B 161 15.49 10.14 -23.04
C THR B 161 14.04 10.27 -22.57
N PRO B 162 13.74 10.94 -21.42
CA PRO B 162 12.34 11.13 -20.99
C PRO B 162 11.48 11.75 -22.09
N ASN B 163 11.84 12.95 -22.55
CA ASN B 163 11.02 13.66 -23.56
C ASN B 163 10.75 12.71 -24.73
N ILE B 164 11.79 12.08 -25.27
CA ILE B 164 11.59 11.24 -26.48
C ILE B 164 10.59 10.14 -26.14
N LEU B 165 10.72 9.54 -24.96
CA LEU B 165 9.83 8.41 -24.60
C LEU B 165 8.39 8.88 -24.45
N TYR B 166 8.19 10.04 -23.84
CA TYR B 166 6.82 10.57 -23.65
C TYR B 166 6.14 10.64 -25.01
N PHE B 167 6.81 11.22 -26.01
CA PHE B 167 6.21 11.42 -27.35
C PHE B 167 6.00 10.07 -28.06
N ILE B 168 7.01 9.21 -28.05
CA ILE B 168 6.82 7.84 -28.62
C ILE B 168 5.49 7.31 -28.06
N LYS B 169 5.26 7.51 -26.76
CA LYS B 169 4.01 7.03 -26.11
C LYS B 169 2.85 7.98 -26.41
N THR B 170 3.06 9.29 -26.22
CA THR B 170 1.97 10.28 -26.41
C THR B 170 1.99 10.83 -27.84
N ALA B 171 1.04 10.41 -28.68
CA ALA B 171 0.93 10.90 -30.07
C ALA B 171 2.01 10.29 -30.96
N GLY B 172 2.68 9.24 -30.48
CA GLY B 172 3.66 8.55 -31.33
C GLY B 172 2.94 7.72 -32.38
N ASN B 173 2.02 6.86 -31.95
CA ASN B 173 1.26 5.99 -32.89
C ASN B 173 2.26 5.30 -33.83
N GLY B 174 3.32 4.74 -33.26
CA GLY B 174 4.34 4.04 -34.08
C GLY B 174 5.10 5.01 -34.97
N GLN B 175 5.67 4.51 -36.06
CA GLN B 175 6.43 5.38 -37.00
C GLN B 175 7.55 6.09 -36.24
N PHE B 176 7.78 5.73 -34.99
CA PHE B 176 8.82 6.38 -34.16
C PHE B 176 9.26 5.39 -33.08
N LYS B 177 10.53 4.99 -33.11
CA LYS B 177 11.04 3.99 -32.14
C LYS B 177 12.34 4.50 -31.52
N ALA B 178 12.77 3.84 -30.45
CA ALA B 178 14.03 4.24 -29.77
C ALA B 178 15.07 3.12 -29.96
N VAL B 179 16.35 3.49 -30.07
CA VAL B 179 17.39 2.46 -30.36
C VAL B 179 18.54 2.58 -29.38
N GLY B 180 19.04 1.44 -28.89
CA GLY B 180 20.24 1.46 -28.02
C GLY B 180 19.94 1.82 -26.58
N ASP B 181 20.81 2.64 -25.97
CA ASP B 181 20.65 2.96 -24.53
C ASP B 181 20.91 4.45 -24.27
N SER B 182 20.59 4.92 -23.07
CA SER B 182 20.73 6.36 -22.73
C SER B 182 22.19 6.72 -22.57
N LEU B 183 22.69 7.57 -23.45
CA LEU B 183 24.10 8.01 -23.38
C LEU B 183 24.18 9.12 -22.34
N GLU B 184 25.38 9.63 -22.05
CA GLU B 184 25.54 10.75 -21.08
C GLU B 184 24.52 10.54 -19.97
N ALA B 185 24.48 9.35 -19.40
CA ALA B 185 23.43 9.03 -18.40
C ALA B 185 23.58 9.89 -17.15
N GLN B 186 22.48 10.09 -16.42
CA GLN B 186 22.53 10.82 -15.13
C GLN B 186 21.42 10.21 -14.27
N GLN B 187 21.23 10.71 -13.05
CA GLN B 187 20.14 10.21 -12.18
C GLN B 187 19.37 11.41 -11.61
N TYR B 188 18.05 11.29 -11.49
CA TYR B 188 17.22 12.38 -10.92
C TYR B 188 16.89 12.02 -9.48
N GLY B 189 16.88 13.01 -8.58
CA GLY B 189 16.65 12.69 -7.15
C GLY B 189 15.92 13.77 -6.39
N ILE B 190 15.42 13.42 -5.19
CA ILE B 190 14.67 14.40 -4.33
C ILE B 190 15.70 15.22 -3.55
N ALA B 191 15.50 16.53 -3.47
CA ALA B 191 16.45 17.39 -2.74
C ALA B 191 15.89 17.70 -1.35
N PHE B 192 16.43 17.04 -0.33
CA PHE B 192 15.99 17.32 1.06
C PHE B 192 16.90 18.40 1.63
N PRO B 193 16.36 19.34 2.44
CA PRO B 193 17.18 20.38 3.04
C PRO B 193 18.28 19.75 3.91
N LYS B 194 19.43 20.42 4.00
CA LYS B 194 20.58 19.82 4.73
C LYS B 194 20.13 19.37 6.13
N GLY B 195 19.30 20.17 6.80
CA GLY B 195 18.89 19.83 8.18
C GLY B 195 18.21 18.47 8.24
N SER B 196 17.26 18.21 7.34
CA SER B 196 16.58 16.89 7.29
C SER B 196 17.62 15.79 7.06
N ASP B 197 17.50 14.66 7.76
CA ASP B 197 18.44 13.53 7.53
C ASP B 197 17.70 12.18 7.59
N GLU B 198 17.10 11.86 8.74
CA GLU B 198 16.31 10.60 8.86
C GLU B 198 15.14 10.69 7.88
N LEU B 199 14.57 11.89 7.71
CA LEU B 199 13.51 12.05 6.68
C LEU B 199 14.08 11.50 5.37
N ARG B 200 15.29 11.95 4.98
CA ARG B 200 15.91 11.49 3.71
C ARG B 200 16.14 9.98 3.75
N ASP B 201 16.86 9.50 4.78
CA ASP B 201 17.13 8.05 4.92
C ASP B 201 15.80 7.31 4.82
N LYS B 202 14.85 7.65 5.69
CA LYS B 202 13.49 7.05 5.63
C LYS B 202 13.02 7.09 4.18
N VAL B 203 12.97 8.28 3.59
CA VAL B 203 12.42 8.37 2.20
C VAL B 203 13.22 7.42 1.31
N ASN B 204 14.54 7.44 1.43
CA ASN B 204 15.40 6.60 0.55
C ASN B 204 14.90 5.16 0.62
N GLY B 205 14.70 4.66 1.85
CA GLY B 205 14.23 3.28 2.01
C GLY B 205 12.93 3.08 1.29
N ALA B 206 12.04 4.06 1.39
CA ALA B 206 10.72 3.95 0.72
C ALA B 206 10.95 3.66 -0.77
N LEU B 207 11.87 4.40 -1.39
CA LEU B 207 12.11 4.23 -2.85
C LEU B 207 12.70 2.84 -3.13
N LYS B 208 13.56 2.36 -2.24
CA LYS B 208 14.09 0.98 -2.41
C LYS B 208 12.90 0.05 -2.52
N THR B 209 11.98 0.12 -1.55
CA THR B 209 10.77 -0.73 -1.57
C THR B 209 9.99 -0.44 -2.83
N LEU B 210 9.91 0.83 -3.24
CA LEU B 210 9.07 1.16 -4.41
C LEU B 210 9.57 0.33 -5.61
N ARG B 211 10.89 0.32 -5.84
CA ARG B 211 11.43 -0.54 -6.93
C ARG B 211 11.32 -1.99 -6.47
N GLU B 212 11.58 -2.26 -5.19
CA GLU B 212 11.38 -3.64 -4.69
C GLU B 212 9.97 -4.09 -5.10
N ASN B 213 8.95 -3.29 -4.76
N ASN B 213 8.96 -3.30 -4.77
CA ASN B 213 7.56 -3.63 -5.17
CA ASN B 213 7.56 -3.63 -5.17
C ASN B 213 7.50 -3.59 -6.70
C ASN B 213 7.47 -3.58 -6.70
N GLY B 214 8.01 -2.52 -7.29
CA GLY B 214 8.01 -2.40 -8.77
C GLY B 214 6.75 -1.73 -9.29
N THR B 215 5.84 -1.29 -8.41
CA THR B 215 4.67 -0.55 -8.95
C THR B 215 5.24 0.48 -9.93
N TYR B 216 6.44 0.98 -9.64
CA TYR B 216 7.10 2.00 -10.49
C TYR B 216 6.93 1.62 -11.96
N ASN B 217 7.27 0.37 -12.31
CA ASN B 217 7.26 0.00 -13.74
C ASN B 217 5.94 0.46 -14.38
N GLU B 218 4.83 0.30 -13.66
CA GLU B 218 3.56 0.83 -14.24
C GLU B 218 3.67 2.34 -14.42
N ILE B 219 4.00 3.07 -13.36
CA ILE B 219 4.07 4.55 -13.45
C ILE B 219 4.96 4.87 -14.65
N TYR B 220 5.98 4.04 -14.89
CA TYR B 220 6.88 4.24 -16.05
C TYR B 220 6.07 4.07 -17.33
N LYS B 221 5.33 2.96 -17.41
CA LYS B 221 4.50 2.68 -18.61
C LYS B 221 3.59 3.89 -18.86
N LYS B 222 3.02 4.46 -17.81
CA LYS B 222 2.04 5.56 -17.98
C LYS B 222 2.70 6.79 -18.60
N TRP B 223 3.97 7.03 -18.31
CA TRP B 223 4.61 8.27 -18.79
C TRP B 223 5.67 7.95 -19.85
N PHE B 224 6.72 7.24 -19.48
CA PHE B 224 7.83 6.97 -20.42
C PHE B 224 7.62 5.64 -21.14
N GLY B 225 6.45 5.03 -20.98
CA GLY B 225 6.14 3.79 -21.72
C GLY B 225 6.94 2.60 -21.25
N THR B 226 6.87 1.48 -21.99
CA THR B 226 7.64 0.26 -21.63
C THR B 226 9.13 0.57 -21.64
N GLU B 227 9.84 0.24 -20.56
CA GLU B 227 11.30 0.55 -20.45
C GLU B 227 11.97 0.33 -21.80
N SER C 1 -46.75 14.92 -47.02
CA SER C 1 -45.76 15.52 -46.11
C SER C 1 -46.04 17.03 -45.97
N ASN C 2 -45.76 17.81 -47.02
CA ASN C 2 -46.09 19.26 -47.04
C ASN C 2 -45.48 19.98 -45.84
N ALA C 3 -46.19 20.98 -45.30
CA ALA C 3 -45.62 21.81 -44.21
C ALA C 3 -46.38 21.56 -42.90
N ALA C 4 -46.85 20.33 -42.67
CA ALA C 4 -47.53 19.99 -41.40
C ALA C 4 -46.55 20.17 -40.25
N ASP C 5 -45.26 20.31 -40.58
CA ASP C 5 -44.20 20.45 -39.54
C ASP C 5 -44.56 21.53 -38.52
N LYS C 6 -44.25 21.29 -37.25
CA LYS C 6 -44.54 22.26 -36.18
C LYS C 6 -43.47 23.36 -36.19
N LYS C 7 -43.82 24.55 -35.72
CA LYS C 7 -42.85 25.67 -35.69
C LYS C 7 -42.39 25.87 -34.23
N LEU C 8 -42.34 24.79 -33.45
CA LEU C 8 -41.94 24.87 -32.03
C LEU C 8 -40.62 25.64 -31.92
N VAL C 9 -40.59 26.71 -31.13
CA VAL C 9 -39.33 27.48 -30.93
C VAL C 9 -38.74 27.08 -29.57
N VAL C 10 -37.55 26.46 -29.57
CA VAL C 10 -36.87 26.08 -28.31
C VAL C 10 -35.73 27.08 -28.07
N ALA C 11 -35.41 27.39 -26.83
CA ALA C 11 -34.37 28.42 -26.59
C ALA C 11 -33.41 27.94 -25.49
N THR C 12 -32.13 28.24 -25.67
CA THR C 12 -31.10 27.84 -24.67
C THR C 12 -30.09 28.98 -24.52
N ASP C 13 -29.22 28.88 -23.51
CA ASP C 13 -28.16 29.91 -23.30
C ASP C 13 -27.05 29.68 -24.34
N THR C 14 -26.34 30.75 -24.71
CA THR C 14 -25.25 30.64 -25.72
C THR C 14 -24.18 29.67 -25.20
N ALA C 15 -23.84 29.75 -23.91
CA ALA C 15 -22.84 28.84 -23.32
C ALA C 15 -23.23 28.52 -21.87
N PHE C 16 -23.37 27.25 -21.51
CA PHE C 16 -23.69 26.92 -20.10
C PHE C 16 -23.36 25.44 -19.82
N VAL C 17 -22.14 25.16 -19.36
CA VAL C 17 -21.72 23.76 -19.07
C VAL C 17 -22.40 23.31 -17.79
N PRO C 18 -22.71 22.00 -17.61
CA PRO C 18 -22.78 21.06 -18.72
C PRO C 18 -24.23 20.87 -19.22
N PHE C 19 -24.88 21.95 -19.63
CA PHE C 19 -26.31 21.84 -20.01
C PHE C 19 -26.50 22.21 -21.48
N GLU C 20 -25.88 23.31 -21.92
CA GLU C 20 -25.96 23.72 -23.35
C GLU C 20 -24.66 24.43 -23.74
N PHE C 21 -23.64 23.67 -24.16
CA PHE C 21 -22.33 24.27 -24.50
C PHE C 21 -21.90 23.86 -25.92
N LYS C 22 -21.14 24.74 -26.58
CA LYS C 22 -20.67 24.42 -27.96
C LYS C 22 -19.42 23.55 -27.88
N GLN C 23 -19.47 22.37 -28.47
CA GLN C 23 -18.32 21.44 -28.48
C GLN C 23 -18.31 20.71 -29.82
N GLY C 24 -17.32 20.98 -30.67
CA GLY C 24 -17.22 20.31 -31.97
C GLY C 24 -18.16 20.90 -32.98
N ASP C 25 -18.29 22.24 -32.96
CA ASP C 25 -19.17 22.94 -33.94
C ASP C 25 -20.60 22.43 -33.77
N ILE C 26 -20.97 22.00 -32.57
CA ILE C 26 -22.37 21.58 -32.31
C ILE C 26 -22.70 21.80 -30.83
N TYR C 27 -23.78 22.51 -30.55
CA TYR C 27 -24.21 22.70 -29.15
C TYR C 27 -24.50 21.33 -28.56
N VAL C 28 -24.04 21.10 -27.34
CA VAL C 28 -24.23 19.76 -26.69
C VAL C 28 -24.57 20.01 -25.22
N GLY C 29 -25.00 18.97 -24.50
CA GLY C 29 -25.27 19.12 -23.06
C GLY C 29 -26.43 18.28 -22.59
N PHE C 30 -26.77 18.40 -21.31
CA PHE C 30 -27.86 17.61 -20.72
C PHE C 30 -29.19 18.05 -21.32
N ASP C 31 -29.44 19.36 -21.34
CA ASP C 31 -30.76 19.86 -21.79
C ASP C 31 -30.99 19.54 -23.28
N VAL C 32 -29.97 19.68 -24.12
CA VAL C 32 -30.11 19.33 -25.56
C VAL C 32 -30.60 17.89 -25.66
N ASP C 33 -29.84 16.97 -25.08
CA ASP C 33 -30.21 15.53 -25.15
C ASP C 33 -31.63 15.34 -24.63
N LEU C 34 -32.07 16.17 -23.68
CA LEU C 34 -33.40 15.98 -23.07
C LEU C 34 -34.50 16.29 -24.09
N TRP C 35 -34.51 17.50 -24.64
CA TRP C 35 -35.62 17.87 -25.55
C TRP C 35 -35.64 16.90 -26.73
N ALA C 36 -34.48 16.35 -27.09
CA ALA C 36 -34.43 15.36 -28.18
C ALA C 36 -35.25 14.13 -27.77
N ALA C 37 -35.00 13.62 -26.56
CA ALA C 37 -35.72 12.41 -26.10
C ALA C 37 -37.21 12.72 -25.98
N ILE C 38 -37.53 13.89 -25.46
CA ILE C 38 -38.96 14.29 -25.35
C ILE C 38 -39.54 14.28 -26.76
N ALA C 39 -38.88 14.96 -27.69
CA ALA C 39 -39.44 15.05 -29.06
C ALA C 39 -39.72 13.63 -29.56
N LYS C 40 -38.78 12.70 -29.35
CA LYS C 40 -38.98 11.35 -29.93
C LYS C 40 -40.35 10.84 -29.47
N GLU C 41 -40.59 10.90 -28.16
CA GLU C 41 -41.87 10.36 -27.64
C GLU C 41 -43.01 11.27 -28.10
N LEU C 42 -42.81 12.59 -28.05
CA LEU C 42 -43.91 13.51 -28.39
C LEU C 42 -44.07 13.59 -29.92
N LYS C 43 -43.10 13.06 -30.66
CA LYS C 43 -43.14 13.10 -32.15
C LYS C 43 -43.40 14.53 -32.63
N LEU C 44 -42.58 15.49 -32.19
CA LEU C 44 -42.73 16.91 -32.65
C LEU C 44 -41.41 17.38 -33.25
N ASP C 45 -41.42 18.50 -33.98
CA ASP C 45 -40.21 19.00 -34.66
C ASP C 45 -39.72 20.26 -33.94
N TYR C 46 -38.42 20.33 -33.59
CA TYR C 46 -37.95 21.49 -32.79
C TYR C 46 -36.93 22.33 -33.57
N GLU C 47 -36.72 23.56 -33.13
CA GLU C 47 -35.71 24.45 -33.77
C GLU C 47 -35.00 25.24 -32.67
N LEU C 48 -33.92 24.71 -32.12
CA LEU C 48 -33.24 25.39 -30.98
C LEU C 48 -32.86 26.83 -31.37
N LYS C 49 -33.27 27.82 -30.57
CA LYS C 49 -32.90 29.23 -30.82
C LYS C 49 -31.97 29.71 -29.71
N PRO C 50 -30.64 29.84 -29.92
CA PRO C 50 -29.75 30.23 -28.83
C PRO C 50 -29.78 31.74 -28.55
N MET C 51 -29.82 32.12 -27.28
CA MET C 51 -29.84 33.56 -26.92
C MET C 51 -29.30 33.73 -25.49
N ASP C 52 -29.23 34.97 -25.00
CA ASP C 52 -28.76 35.22 -23.62
C ASP C 52 -29.87 35.14 -22.57
N PHE C 53 -29.56 34.63 -21.38
CA PHE C 53 -30.58 34.44 -20.33
C PHE C 53 -31.31 35.77 -20.13
N SER C 54 -30.69 36.86 -20.58
CA SER C 54 -31.28 38.21 -20.43
C SER C 54 -32.50 38.36 -21.35
N GLY C 55 -32.67 37.47 -22.32
CA GLY C 55 -33.77 37.64 -23.29
C GLY C 55 -34.69 36.44 -23.34
N ILE C 56 -34.34 35.39 -22.62
CA ILE C 56 -35.14 34.13 -22.69
C ILE C 56 -36.57 34.41 -22.23
N ILE C 57 -36.74 34.81 -20.97
CA ILE C 57 -38.10 35.10 -20.42
C ILE C 57 -38.71 36.24 -21.23
N PRO C 58 -38.03 37.39 -21.44
CA PRO C 58 -38.59 38.45 -22.27
C PRO C 58 -39.17 37.89 -23.57
N ALA C 59 -38.41 37.02 -24.25
CA ALA C 59 -38.89 36.44 -25.51
C ALA C 59 -40.13 35.58 -25.24
N LEU C 60 -40.06 34.68 -24.26
CA LEU C 60 -41.22 33.81 -23.91
C LEU C 60 -42.40 34.71 -23.53
N GLN C 61 -42.12 35.88 -22.94
CA GLN C 61 -43.21 36.83 -22.60
C GLN C 61 -43.84 37.29 -23.92
N THR C 62 -43.02 37.62 -24.92
CA THR C 62 -43.54 38.00 -26.26
C THR C 62 -43.86 36.72 -27.04
N LYS C 63 -43.84 35.57 -26.37
CA LYS C 63 -44.23 34.28 -27.00
C LYS C 63 -43.56 34.09 -28.37
N ASN C 64 -42.50 34.85 -28.66
CA ASN C 64 -41.76 34.63 -29.93
C ASN C 64 -41.13 33.23 -29.84
N VAL C 65 -40.89 32.76 -28.61
CA VAL C 65 -40.33 31.39 -28.40
C VAL C 65 -41.46 30.54 -27.85
N ASP C 66 -41.43 29.23 -28.09
CA ASP C 66 -42.55 28.36 -27.67
C ASP C 66 -42.10 27.38 -26.59
N LEU C 67 -40.82 27.42 -26.22
CA LEU C 67 -40.28 26.53 -25.15
C LEU C 67 -38.91 27.05 -24.74
N ALA C 68 -38.37 26.58 -23.63
CA ALA C 68 -37.00 27.00 -23.20
C ALA C 68 -36.40 25.92 -22.30
N LEU C 69 -35.14 25.57 -22.55
CA LEU C 69 -34.47 24.49 -21.76
C LEU C 69 -33.08 24.97 -21.32
N ALA C 70 -33.02 25.92 -20.39
CA ALA C 70 -31.72 26.42 -19.88
C ALA C 70 -31.65 26.17 -18.37
N GLY C 71 -30.83 26.95 -17.65
CA GLY C 71 -30.76 26.82 -16.19
C GLY C 71 -31.92 27.53 -15.51
N ILE C 72 -33.13 27.12 -15.87
CA ILE C 72 -34.35 27.79 -15.31
C ILE C 72 -34.75 27.05 -14.03
N THR C 73 -34.17 27.43 -12.89
CA THR C 73 -34.58 26.83 -11.59
C THR C 73 -35.99 27.30 -11.23
N ILE C 74 -36.87 26.38 -10.85
CA ILE C 74 -38.28 26.76 -10.52
C ILE C 74 -38.30 27.85 -9.45
N CYS C 75 -38.91 28.98 -9.78
CA CYS C 75 -39.01 30.11 -8.83
C CYS C 75 -40.39 30.75 -8.93
N ASP C 76 -41.10 30.81 -7.79
CA ASP C 76 -42.50 31.31 -7.82
C ASP C 76 -42.52 32.75 -8.32
N GLU C 77 -41.51 33.57 -8.00
CA GLU C 77 -41.64 34.95 -8.51
C GLU C 77 -41.73 34.87 -10.02
N ARG C 78 -40.77 34.17 -10.61
CA ARG C 78 -40.72 34.18 -12.10
C ARG C 78 -42.07 33.71 -12.67
N LYS C 79 -42.80 32.88 -11.92
CA LYS C 79 -44.08 32.33 -12.42
C LYS C 79 -45.05 33.47 -12.76
N LYS C 80 -44.82 34.65 -12.19
CA LYS C 80 -45.67 35.83 -12.52
C LYS C 80 -45.53 36.16 -14.01
N ALA C 81 -44.54 35.59 -14.69
CA ALA C 81 -44.32 35.93 -16.12
C ALA C 81 -44.28 34.66 -16.99
N ILE C 82 -43.92 33.51 -16.40
CA ILE C 82 -43.79 32.24 -17.19
C ILE C 82 -44.40 31.10 -16.37
N ASP C 83 -44.44 29.88 -16.94
CA ASP C 83 -44.95 28.71 -16.20
C ASP C 83 -43.98 27.56 -16.46
N PHE C 84 -43.51 26.91 -15.39
CA PHE C 84 -42.51 25.84 -15.54
C PHE C 84 -43.21 24.49 -15.52
N SER C 85 -42.43 23.42 -15.51
CA SER C 85 -43.00 22.05 -15.49
C SER C 85 -42.30 21.25 -14.40
N ASP C 86 -42.82 20.06 -14.10
CA ASP C 86 -42.12 19.19 -13.12
C ASP C 86 -40.62 19.23 -13.44
N GLY C 87 -39.80 19.62 -12.47
CA GLY C 87 -38.35 19.78 -12.71
C GLY C 87 -37.67 18.53 -13.21
N TYR C 88 -36.57 18.69 -13.95
CA TYR C 88 -35.85 17.52 -14.52
C TYR C 88 -34.56 17.26 -13.74
N TYR C 89 -33.97 18.32 -13.16
CA TYR C 89 -32.66 18.13 -12.48
C TYR C 89 -32.71 18.78 -11.08
N LYS C 90 -32.02 18.17 -10.11
CA LYS C 90 -31.99 18.73 -8.74
C LYS C 90 -30.73 19.61 -8.59
N SER C 91 -30.92 20.92 -8.45
CA SER C 91 -29.77 21.83 -8.24
C SER C 91 -29.35 21.79 -6.76
N GLY C 92 -28.21 22.42 -6.43
CA GLY C 92 -27.74 22.45 -5.03
C GLY C 92 -26.24 22.43 -4.93
N LEU C 93 -25.70 22.34 -3.71
CA LEU C 93 -24.22 22.41 -3.53
C LEU C 93 -23.73 21.03 -3.08
N LEU C 94 -22.67 20.54 -3.71
CA LEU C 94 -22.10 19.22 -3.35
C LEU C 94 -20.66 19.48 -2.88
N VAL C 95 -20.01 18.48 -2.28
CA VAL C 95 -18.64 18.67 -1.72
C VAL C 95 -17.68 17.68 -2.38
N MET C 96 -16.66 18.19 -3.06
CA MET C 96 -15.65 17.30 -3.68
C MET C 96 -14.48 17.10 -2.73
N VAL C 97 -14.05 15.86 -2.53
CA VAL C 97 -12.88 15.59 -1.66
C VAL C 97 -11.97 14.63 -2.41
N LYS C 98 -10.66 14.70 -2.16
CA LYS C 98 -9.77 13.72 -2.80
C LYS C 98 -10.31 12.35 -2.42
N ALA C 99 -10.41 11.45 -3.39
CA ALA C 99 -10.99 10.11 -3.11
C ALA C 99 -10.30 9.50 -1.90
N ASN C 100 -8.99 9.70 -1.76
CA ASN C 100 -8.23 9.09 -0.65
C ASN C 100 -8.69 9.67 0.68
N ASN C 101 -9.51 10.72 0.66
CA ASN C 101 -9.96 11.37 1.92
C ASN C 101 -11.17 10.60 2.46
N ASN C 102 -10.88 9.57 3.27
CA ASN C 102 -11.95 8.72 3.86
C ASN C 102 -12.38 9.31 5.19
N ASP C 103 -11.73 10.40 5.63
CA ASP C 103 -12.07 11.03 6.92
C ASP C 103 -13.34 11.88 6.76
N VAL C 104 -13.38 12.75 5.75
CA VAL C 104 -14.56 13.67 5.57
C VAL C 104 -15.71 12.94 4.88
N LYS C 105 -16.96 13.21 5.30
CA LYS C 105 -18.12 12.50 4.72
C LYS C 105 -19.27 13.48 4.47
N SER C 106 -19.19 14.70 5.01
CA SER C 106 -20.30 15.68 4.88
C SER C 106 -19.81 17.10 5.15
N VAL C 107 -20.71 18.08 5.20
CA VAL C 107 -20.30 19.50 5.36
C VAL C 107 -20.11 19.83 6.85
N LYS C 108 -20.35 18.85 7.72
CA LYS C 108 -20.16 19.07 9.18
C LYS C 108 -18.91 18.30 9.60
N ASP C 109 -18.33 17.53 8.69
CA ASP C 109 -17.04 16.84 8.99
C ASP C 109 -15.94 17.76 8.49
N LEU C 110 -16.26 19.04 8.26
CA LEU C 110 -15.29 20.00 7.68
C LEU C 110 -15.01 21.11 8.68
N ASP C 111 -15.62 21.04 9.86
CA ASP C 111 -15.44 22.17 10.81
C ASP C 111 -13.95 22.29 11.08
N GLY C 112 -13.41 23.50 10.97
CA GLY C 112 -11.96 23.71 11.16
C GLY C 112 -11.15 23.07 10.05
N LYS C 113 -11.59 23.18 8.81
CA LYS C 113 -10.80 22.66 7.66
C LYS C 113 -10.65 23.78 6.62
N VAL C 114 -9.94 23.50 5.53
CA VAL C 114 -9.81 24.52 4.45
C VAL C 114 -10.75 24.13 3.31
N VAL C 115 -11.83 24.88 3.14
CA VAL C 115 -12.80 24.60 2.04
C VAL C 115 -12.63 25.69 0.99
N ALA C 116 -12.68 25.34 -0.29
CA ALA C 116 -12.43 26.33 -1.35
C ALA C 116 -13.75 26.64 -2.06
N VAL C 117 -13.91 27.86 -2.52
CA VAL C 117 -15.19 28.27 -3.16
C VAL C 117 -14.88 29.24 -4.30
N LYS C 118 -15.90 29.63 -5.06
CA LYS C 118 -15.70 30.63 -6.14
C LYS C 118 -16.41 31.92 -5.73
N SER C 119 -15.85 33.07 -6.08
CA SER C 119 -16.50 34.36 -5.77
C SER C 119 -17.84 34.44 -6.49
N GLY C 120 -18.84 35.07 -5.88
CA GLY C 120 -20.13 35.26 -6.56
C GLY C 120 -20.93 33.97 -6.64
N THR C 121 -20.62 33.02 -5.76
CA THR C 121 -21.42 31.77 -5.72
C THR C 121 -22.23 31.73 -4.43
N GLY C 122 -23.17 30.79 -4.33
CA GLY C 122 -23.95 30.64 -3.09
C GLY C 122 -23.18 29.75 -2.13
N SER C 123 -22.07 29.19 -2.60
CA SER C 123 -21.23 28.34 -1.73
C SER C 123 -20.67 29.20 -0.59
N VAL C 124 -20.36 30.46 -0.89
CA VAL C 124 -19.74 31.35 0.14
C VAL C 124 -20.67 31.46 1.36
N ASP C 125 -21.91 31.90 1.14
CA ASP C 125 -22.84 32.12 2.28
C ASP C 125 -23.00 30.81 3.08
N TYR C 126 -23.44 29.74 2.43
CA TYR C 126 -23.67 28.51 3.21
C TYR C 126 -22.46 28.34 4.15
N ALA C 127 -21.26 28.52 3.60
CA ALA C 127 -20.03 28.32 4.39
C ALA C 127 -19.91 29.44 5.42
N LYS C 128 -20.13 30.68 4.99
CA LYS C 128 -19.99 31.84 5.90
C LYS C 128 -20.91 31.61 7.11
N ALA C 129 -21.89 30.73 6.97
CA ALA C 129 -22.86 30.55 8.06
C ALA C 129 -22.89 29.09 8.52
N ASN C 130 -23.55 28.23 7.75
CA ASN C 130 -23.73 26.82 8.20
C ASN C 130 -22.39 26.13 8.46
N ILE C 131 -21.28 26.66 7.96
CA ILE C 131 -19.98 25.94 8.12
C ILE C 131 -19.01 26.75 8.98
N LYS C 132 -18.17 26.06 9.75
CA LYS C 132 -17.15 26.75 10.58
C LYS C 132 -15.77 26.46 9.99
N THR C 133 -15.30 27.30 9.07
CA THR C 133 -14.03 27.02 8.36
C THR C 133 -12.85 27.79 8.98
N LYS C 134 -11.68 27.16 9.07
CA LYS C 134 -10.47 27.86 9.55
C LYS C 134 -10.01 28.83 8.47
N ASP C 135 -10.40 28.57 7.22
CA ASP C 135 -10.02 29.47 6.10
C ASP C 135 -10.99 29.26 4.93
N LEU C 136 -11.49 30.35 4.34
CA LEU C 136 -12.37 30.25 3.15
C LEU C 136 -11.61 30.81 1.95
N ARG C 137 -11.23 29.95 1.01
CA ARG C 137 -10.38 30.42 -0.12
C ARG C 137 -11.27 30.87 -1.28
N GLN C 138 -11.65 32.14 -1.30
CA GLN C 138 -12.58 32.63 -2.35
C GLN C 138 -11.79 32.91 -3.63
N PHE C 139 -11.84 31.98 -4.57
CA PHE C 139 -11.11 32.15 -5.85
C PHE C 139 -12.10 32.61 -6.92
N PRO C 140 -11.69 33.39 -7.94
CA PRO C 140 -12.64 33.90 -8.92
C PRO C 140 -12.93 32.85 -9.99
N ASN C 141 -12.27 31.69 -9.92
CA ASN C 141 -12.59 30.59 -10.87
C ASN C 141 -12.39 29.25 -10.16
N ILE C 142 -13.31 28.30 -10.33
CA ILE C 142 -13.25 27.02 -9.59
C ILE C 142 -12.08 26.18 -10.11
N ASP C 143 -11.70 26.39 -11.36
CA ASP C 143 -10.63 25.56 -11.95
C ASP C 143 -9.41 25.63 -11.03
N ASN C 144 -9.11 26.82 -10.54
CA ASN C 144 -7.94 27.02 -9.65
C ASN C 144 -8.21 26.38 -8.29
N ALA C 145 -9.43 26.48 -7.79
CA ALA C 145 -9.78 25.83 -6.51
C ALA C 145 -9.62 24.32 -6.64
N TYR C 146 -9.85 23.79 -7.84
CA TYR C 146 -9.65 22.34 -8.07
C TYR C 146 -8.17 22.02 -7.94
N MET C 147 -7.32 22.93 -8.41
CA MET C 147 -5.85 22.73 -8.27
C MET C 147 -5.53 22.64 -6.78
N GLU C 148 -6.06 23.56 -5.98
CA GLU C 148 -5.76 23.57 -4.53
C GLU C 148 -6.06 22.19 -3.93
N LEU C 149 -7.18 21.58 -4.32
CA LEU C 149 -7.55 20.27 -3.74
C LEU C 149 -6.60 19.21 -4.30
N GLY C 150 -6.12 19.41 -5.52
CA GLY C 150 -5.12 18.48 -6.08
C GLY C 150 -3.78 18.69 -5.43
N THR C 151 -3.45 19.93 -5.10
CA THR C 151 -2.15 20.26 -4.46
C THR C 151 -2.28 20.05 -2.96
N ASN C 152 -3.37 19.43 -2.53
CA ASN C 152 -3.60 19.19 -1.08
C ASN C 152 -3.42 20.51 -0.33
N ARG C 153 -3.78 21.62 -0.96
CA ARG C 153 -3.72 22.92 -0.24
C ARG C 153 -5.12 23.21 0.31
N ALA C 154 -6.10 22.40 -0.08
CA ALA C 154 -7.45 22.56 0.49
C ALA C 154 -8.01 21.18 0.84
N ASP C 155 -8.90 21.10 1.81
CA ASP C 155 -9.40 19.78 2.28
C ASP C 155 -10.56 19.33 1.39
N ALA C 156 -11.31 20.28 0.85
CA ALA C 156 -12.41 19.93 -0.07
C ALA C 156 -12.91 21.18 -0.79
N VAL C 157 -13.72 21.00 -1.84
CA VAL C 157 -14.26 22.14 -2.62
C VAL C 157 -15.78 22.15 -2.47
N LEU C 158 -16.40 23.34 -2.54
CA LEU C 158 -17.88 23.45 -2.46
C LEU C 158 -18.39 24.21 -3.68
N HIS C 159 -19.18 23.56 -4.52
CA HIS C 159 -19.70 24.21 -5.75
C HIS C 159 -20.95 23.47 -6.23
N ASP C 160 -21.59 23.98 -7.28
CA ASP C 160 -22.84 23.39 -7.81
C ASP C 160 -22.66 21.88 -8.02
N THR C 161 -23.64 21.10 -7.57
CA THR C 161 -23.58 19.62 -7.68
C THR C 161 -23.36 19.20 -9.14
N PRO C 162 -24.07 19.76 -10.14
CA PRO C 162 -23.83 19.41 -11.52
C PRO C 162 -22.36 19.61 -11.89
N ASN C 163 -21.89 20.86 -11.81
CA ASN C 163 -20.50 21.17 -12.20
C ASN C 163 -19.55 20.14 -11.58
N ILE C 164 -19.62 19.95 -10.27
CA ILE C 164 -18.65 19.05 -9.58
C ILE C 164 -18.74 17.68 -10.22
N LEU C 165 -19.95 17.21 -10.50
CA LEU C 165 -20.13 15.84 -11.04
C LEU C 165 -19.52 15.75 -12.45
N TYR C 166 -19.72 16.77 -13.27
CA TYR C 166 -19.16 16.75 -14.64
C TYR C 166 -17.66 16.52 -14.55
N PHE C 167 -16.97 17.26 -13.69
CA PHE C 167 -15.49 17.16 -13.60
C PHE C 167 -15.08 15.79 -13.04
N ILE C 168 -15.69 15.39 -11.92
CA ILE C 168 -15.39 14.04 -11.38
C ILE C 168 -15.38 13.07 -12.56
N LYS C 169 -16.36 13.22 -13.45
CA LYS C 169 -16.42 12.36 -14.67
C LYS C 169 -15.41 12.88 -15.70
N THR C 170 -15.56 14.13 -16.13
CA THR C 170 -14.67 14.64 -17.20
C THR C 170 -13.32 15.06 -16.62
N ALA C 171 -12.27 14.26 -16.86
CA ALA C 171 -10.90 14.62 -16.43
C ALA C 171 -10.73 14.43 -14.92
N GLY C 172 -11.67 13.72 -14.29
CA GLY C 172 -11.51 13.43 -12.86
C GLY C 172 -10.45 12.35 -12.67
N ASN C 173 -10.60 11.22 -13.38
CA ASN C 173 -9.63 10.09 -13.26
C ASN C 173 -9.39 9.79 -11.78
N GLY C 174 -10.48 9.68 -11.01
CA GLY C 174 -10.35 9.39 -9.57
C GLY C 174 -9.72 10.54 -8.82
N GLN C 175 -9.12 10.26 -7.66
CA GLN C 175 -8.44 11.30 -6.86
C GLN C 175 -9.44 12.41 -6.53
N PHE C 176 -10.72 12.21 -6.84
CA PHE C 176 -11.77 13.23 -6.60
C PHE C 176 -13.11 12.53 -6.46
N LYS C 177 -13.72 12.63 -5.28
CA LYS C 177 -15.01 11.93 -5.01
C LYS C 177 -16.01 12.90 -4.43
N ALA C 178 -17.28 12.49 -4.39
CA ALA C 178 -18.34 13.36 -3.81
C ALA C 178 -18.87 12.70 -2.52
N VAL C 179 -19.25 13.52 -1.54
CA VAL C 179 -19.67 12.95 -0.24
C VAL C 179 -21.03 13.52 0.19
N GLY C 180 -21.91 12.68 0.73
CA GLY C 180 -23.18 13.17 1.27
C GLY C 180 -24.23 13.45 0.21
N ASP C 181 -24.98 14.55 0.37
CA ASP C 181 -26.09 14.85 -0.56
C ASP C 181 -26.12 16.33 -0.94
N SER C 182 -26.93 16.69 -1.94
CA SER C 182 -26.97 18.09 -2.42
C SER C 182 -27.68 18.99 -1.42
N LEU C 183 -26.96 19.92 -0.84
CA LEU C 183 -27.54 20.86 0.13
C LEU C 183 -28.24 21.96 -0.66
N GLU C 184 -28.92 22.89 0.02
CA GLU C 184 -29.60 24.02 -0.66
C GLU C 184 -30.16 23.48 -1.97
N ALA C 185 -30.90 22.38 -1.91
CA ALA C 185 -31.37 21.74 -3.16
C ALA C 185 -32.36 22.64 -3.91
N GLN C 186 -32.47 22.43 -5.22
CA GLN C 186 -33.47 23.17 -6.03
C GLN C 186 -33.87 22.22 -7.16
N GLN C 187 -34.72 22.67 -8.08
CA GLN C 187 -35.10 21.83 -9.24
C GLN C 187 -35.02 22.67 -10.51
N TYR C 188 -34.57 22.07 -11.62
CA TYR C 188 -34.46 22.79 -12.91
C TYR C 188 -35.66 22.39 -13.77
N GLY C 189 -36.23 23.33 -14.52
CA GLY C 189 -37.45 23.02 -15.29
C GLY C 189 -37.56 23.77 -16.61
N ILE C 190 -38.45 23.30 -17.50
CA ILE C 190 -38.67 23.96 -18.81
C ILE C 190 -39.63 25.13 -18.62
N ALA C 191 -39.33 26.27 -19.22
CA ALA C 191 -40.20 27.44 -19.08
C ALA C 191 -41.11 27.57 -20.30
N PHE C 192 -42.38 27.19 -20.15
CA PHE C 192 -43.34 27.32 -21.28
C PHE C 192 -44.05 28.67 -21.16
N PRO C 193 -44.40 29.36 -22.28
CA PRO C 193 -45.16 30.62 -22.21
C PRO C 193 -46.46 30.44 -21.40
N LYS C 194 -46.93 31.51 -20.77
CA LYS C 194 -48.17 31.43 -19.94
C LYS C 194 -49.34 30.95 -20.79
N GLY C 195 -49.53 31.56 -21.97
CA GLY C 195 -50.64 31.17 -22.86
C GLY C 195 -50.68 29.67 -23.08
N SER C 196 -49.60 29.12 -23.67
CA SER C 196 -49.52 27.65 -23.90
C SER C 196 -49.72 26.91 -22.57
N ASP C 197 -50.67 25.96 -22.54
CA ASP C 197 -50.95 25.20 -21.29
C ASP C 197 -50.97 23.70 -21.60
N GLU C 198 -51.67 23.30 -22.66
CA GLU C 198 -51.77 21.86 -23.02
C GLU C 198 -50.36 21.33 -23.30
N LEU C 199 -49.63 22.00 -24.18
CA LEU C 199 -48.25 21.56 -24.50
C LEU C 199 -47.55 21.25 -23.17
N ARG C 200 -47.76 22.11 -22.17
CA ARG C 200 -47.07 21.91 -20.86
C ARG C 200 -47.38 20.50 -20.32
N ASP C 201 -48.64 20.23 -19.99
CA ASP C 201 -49.00 18.93 -19.40
C ASP C 201 -48.49 17.82 -20.33
N LYS C 202 -48.77 17.95 -21.62
CA LYS C 202 -48.25 16.96 -22.59
C LYS C 202 -46.82 16.63 -22.23
N VAL C 203 -45.96 17.64 -22.20
CA VAL C 203 -44.51 17.40 -21.92
C VAL C 203 -44.39 16.83 -20.51
N ASN C 204 -45.04 17.47 -19.54
CA ASN C 204 -44.89 17.00 -18.15
C ASN C 204 -45.07 15.49 -18.17
N GLY C 205 -46.10 15.02 -18.86
CA GLY C 205 -46.36 13.58 -18.95
C GLY C 205 -45.20 12.86 -19.60
N ALA C 206 -44.64 13.49 -20.63
CA ALA C 206 -43.46 12.90 -21.31
C ALA C 206 -42.35 12.72 -20.29
N LEU C 207 -42.12 13.72 -19.43
CA LEU C 207 -40.99 13.64 -18.45
C LEU C 207 -41.23 12.52 -17.45
N LYS C 208 -42.46 12.39 -16.97
CA LYS C 208 -42.78 11.29 -16.02
C LYS C 208 -42.43 9.97 -16.72
N THR C 209 -42.86 9.82 -17.96
CA THR C 209 -42.61 8.56 -18.71
C THR C 209 -41.09 8.34 -18.81
N LEU C 210 -40.36 9.38 -19.15
CA LEU C 210 -38.89 9.27 -19.32
C LEU C 210 -38.25 8.81 -18.02
N ARG C 211 -38.71 9.33 -16.88
CA ARG C 211 -38.18 8.84 -15.58
C ARG C 211 -38.77 7.45 -15.35
N GLU C 212 -39.95 7.18 -15.91
CA GLU C 212 -40.51 5.81 -15.82
C GLU C 212 -39.66 4.91 -16.74
N ASN C 213 -39.47 5.32 -17.99
N ASN C 213 -39.46 5.33 -17.98
CA ASN C 213 -38.62 4.55 -18.94
CA ASN C 213 -38.62 4.55 -18.94
C ASN C 213 -37.23 4.44 -18.31
C ASN C 213 -37.23 4.45 -18.32
N GLY C 214 -36.71 5.56 -17.80
CA GLY C 214 -35.40 5.54 -17.13
C GLY C 214 -34.21 5.76 -18.04
N THR C 215 -34.38 5.82 -19.36
CA THR C 215 -33.13 6.01 -20.14
C THR C 215 -32.39 7.14 -19.44
N TYR C 216 -33.12 7.94 -18.68
CA TYR C 216 -32.49 9.10 -18.01
C TYR C 216 -31.18 8.66 -17.39
N ASN C 217 -31.21 7.63 -16.56
CA ASN C 217 -29.96 7.28 -15.84
C ASN C 217 -28.81 7.21 -16.82
N GLU C 218 -29.02 6.61 -17.99
CA GLU C 218 -27.92 6.63 -18.98
C GLU C 218 -27.51 8.08 -19.19
N ILE C 219 -28.46 8.93 -19.59
CA ILE C 219 -28.12 10.36 -19.87
C ILE C 219 -27.38 10.89 -18.63
N TYR C 220 -27.84 10.55 -17.43
CA TYR C 220 -27.21 11.10 -16.22
C TYR C 220 -25.74 10.69 -16.20
N LYS C 221 -25.46 9.43 -16.50
CA LYS C 221 -24.06 8.94 -16.46
C LYS C 221 -23.25 9.65 -17.55
N LYS C 222 -23.88 9.94 -18.69
CA LYS C 222 -23.14 10.56 -19.81
C LYS C 222 -22.63 11.93 -19.38
N TRP C 223 -23.34 12.61 -18.47
CA TRP C 223 -22.93 13.98 -18.10
C TRP C 223 -22.53 14.04 -16.62
N PHE C 224 -23.47 13.78 -15.72
CA PHE C 224 -23.20 13.93 -14.27
C PHE C 224 -22.75 12.59 -13.67
N GLY C 225 -22.51 11.59 -14.52
CA GLY C 225 -21.99 10.30 -14.03
C GLY C 225 -23.01 9.50 -13.24
N THR C 226 -22.57 8.42 -12.59
CA THR C 226 -23.47 7.58 -11.76
C THR C 226 -24.06 8.43 -10.63
N GLU C 227 -25.38 8.42 -10.47
CA GLU C 227 -26.05 9.26 -9.44
C GLU C 227 -25.22 9.27 -8.15
N SER D 1 60.46 0.13 28.22
CA SER D 1 59.51 1.24 28.50
C SER D 1 59.97 2.51 27.78
N ASN D 2 61.01 3.17 28.31
CA ASN D 2 61.53 4.41 27.68
C ASN D 2 60.39 5.43 27.54
N ALA D 3 60.38 6.18 26.44
CA ALA D 3 59.34 7.23 26.24
C ALA D 3 58.41 6.82 25.11
N ALA D 4 58.11 5.52 24.97
CA ALA D 4 57.31 5.04 23.80
C ALA D 4 55.84 5.40 23.97
N ASP D 5 55.49 6.08 25.07
CA ASP D 5 54.07 6.42 25.34
C ASP D 5 53.55 7.36 24.25
N LYS D 6 52.31 7.14 23.81
CA LYS D 6 51.70 7.99 22.74
C LYS D 6 51.42 9.38 23.29
N LYS D 7 51.67 10.42 22.49
CA LYS D 7 51.44 11.81 22.93
C LYS D 7 50.03 12.23 22.50
N LEU D 8 49.08 11.29 22.53
CA LEU D 8 47.69 11.60 22.10
C LEU D 8 47.15 12.74 22.97
N VAL D 9 46.80 13.87 22.35
CA VAL D 9 46.21 15.01 23.11
C VAL D 9 44.71 15.07 22.82
N VAL D 10 43.87 14.75 23.79
CA VAL D 10 42.40 14.86 23.62
C VAL D 10 41.97 16.22 24.19
N ALA D 11 40.77 16.69 23.85
CA ALA D 11 40.31 18.02 24.32
C ALA D 11 38.82 17.97 24.66
N THR D 12 38.42 18.75 25.67
CA THR D 12 37.00 18.78 26.10
C THR D 12 36.64 20.21 26.50
N ASP D 13 35.34 20.46 26.74
CA ASP D 13 34.89 21.80 27.20
C ASP D 13 35.14 21.92 28.70
N THR D 14 35.63 23.08 29.16
CA THR D 14 35.95 23.26 30.60
C THR D 14 34.72 22.91 31.45
N ALA D 15 33.55 23.46 31.07
CA ALA D 15 32.29 23.15 31.81
C ALA D 15 31.25 22.60 30.83
N PHE D 16 30.72 21.40 31.02
CA PHE D 16 29.60 20.91 30.16
C PHE D 16 28.94 19.68 30.76
N VAL D 17 27.86 19.86 31.53
CA VAL D 17 27.15 18.73 32.20
C VAL D 17 26.18 18.09 31.21
N PRO D 18 25.82 16.80 31.35
CA PRO D 18 26.61 15.83 32.11
C PRO D 18 27.66 15.10 31.26
N PHE D 19 28.52 15.83 30.56
CA PHE D 19 29.48 15.17 29.63
C PHE D 19 30.91 15.36 30.13
N GLU D 20 31.32 16.61 30.38
CA GLU D 20 32.67 16.87 30.95
C GLU D 20 32.58 18.02 31.96
N PHE D 21 32.36 17.69 33.24
CA PHE D 21 32.22 18.73 34.30
C PHE D 21 33.21 18.47 35.44
N LYS D 22 33.60 19.53 36.15
CA LYS D 22 34.53 19.37 37.30
C LYS D 22 33.73 19.03 38.55
N GLN D 23 34.01 17.88 39.16
CA GLN D 23 33.33 17.46 40.40
C GLN D 23 34.34 16.74 41.28
N GLY D 24 34.69 17.34 42.42
CA GLY D 24 35.64 16.69 43.35
C GLY D 24 37.07 16.87 42.89
N ASP D 25 37.40 18.04 42.38
CA ASP D 25 38.78 18.33 41.89
C ASP D 25 39.15 17.33 40.80
N ILE D 26 38.17 16.84 40.05
CA ILE D 26 38.47 15.93 38.91
C ILE D 26 37.37 16.07 37.86
N TYR D 27 37.76 16.33 36.61
CA TYR D 27 36.76 16.40 35.52
C TYR D 27 36.08 15.04 35.43
N VAL D 28 34.76 15.04 35.28
CA VAL D 28 34.00 13.76 35.23
C VAL D 28 32.92 13.92 34.16
N GLY D 29 32.26 12.82 33.78
CA GLY D 29 31.16 12.92 32.81
C GLY D 29 31.07 11.72 31.90
N PHE D 30 30.13 11.74 30.96
CA PHE D 30 29.92 10.62 30.03
C PHE D 30 31.13 10.50 29.09
N ASP D 31 31.54 11.63 28.50
CA ASP D 31 32.61 11.58 27.48
C ASP D 31 33.95 11.14 28.11
N VAL D 32 34.25 11.63 29.32
CA VAL D 32 35.50 11.20 30.00
C VAL D 32 35.50 9.67 30.10
N ASP D 33 34.43 9.11 30.67
CA ASP D 33 34.38 7.64 30.84
C ASP D 33 34.54 6.97 29.48
N LEU D 34 34.02 7.61 28.44
CA LEU D 34 34.06 7.00 27.08
C LEU D 34 35.51 6.88 26.62
N TRP D 35 36.24 7.99 26.53
CA TRP D 35 37.61 7.90 25.96
C TRP D 35 38.43 6.93 26.83
N ALA D 36 38.11 6.84 28.12
CA ALA D 36 38.82 5.88 28.97
C ALA D 36 38.54 4.47 28.44
N ALA D 37 37.26 4.16 28.22
CA ALA D 37 36.89 2.79 27.76
C ALA D 37 37.45 2.57 26.36
N ILE D 38 37.44 3.62 25.53
CA ILE D 38 38.03 3.48 24.17
C ILE D 38 39.52 3.21 24.33
N ALA D 39 40.20 3.93 25.22
CA ALA D 39 41.66 3.78 25.39
C ALA D 39 41.98 2.42 26.01
N LYS D 40 40.97 1.71 26.51
CA LYS D 40 41.19 0.35 27.06
C LYS D 40 41.47 -0.59 25.90
N GLU D 41 40.61 -0.53 24.88
CA GLU D 41 40.82 -1.40 23.71
C GLU D 41 41.96 -0.80 22.89
N LEU D 42 41.77 0.44 22.43
CA LEU D 42 42.79 1.04 21.54
C LEU D 42 44.13 1.04 22.27
N LYS D 43 44.11 0.69 23.56
CA LYS D 43 45.38 0.56 24.34
C LYS D 43 46.31 1.73 24.01
N LEU D 44 45.78 2.95 24.06
CA LEU D 44 46.60 4.15 23.77
C LEU D 44 46.64 5.03 25.02
N ASP D 45 47.66 5.88 25.14
CA ASP D 45 47.80 6.76 26.32
C ASP D 45 47.23 8.15 25.95
N TYR D 46 46.38 8.71 26.81
CA TYR D 46 45.71 9.99 26.46
C TYR D 46 46.14 11.13 27.40
N GLU D 47 45.90 12.37 26.98
CA GLU D 47 46.22 13.55 27.84
C GLU D 47 45.12 14.59 27.63
N LEU D 48 44.04 14.52 28.42
CA LEU D 48 42.89 15.45 28.21
C LEU D 48 43.37 16.90 28.25
N LYS D 49 43.06 17.70 27.22
CA LYS D 49 43.42 19.14 27.21
C LYS D 49 42.14 19.97 27.28
N PRO D 50 41.81 20.58 28.44
CA PRO D 50 40.57 21.35 28.59
C PRO D 50 40.67 22.73 27.94
N MET D 51 39.64 23.11 27.18
CA MET D 51 39.62 24.45 26.52
C MET D 51 38.17 24.83 26.23
N ASP D 52 37.97 25.95 25.53
CA ASP D 52 36.59 26.44 25.25
C ASP D 52 36.15 25.99 23.84
N PHE D 53 34.85 25.73 23.67
CA PHE D 53 34.34 25.22 22.38
C PHE D 53 34.77 26.18 21.27
N SER D 54 35.13 27.40 21.66
CA SER D 54 35.54 28.43 20.68
C SER D 54 36.90 28.09 20.09
N GLY D 55 37.65 27.16 20.70
CA GLY D 55 39.01 26.88 20.22
C GLY D 55 39.20 25.42 19.87
N ILE D 56 38.19 24.60 20.13
CA ILE D 56 38.35 23.13 19.90
C ILE D 56 38.62 22.87 18.42
N ILE D 57 37.69 23.22 17.55
CA ILE D 57 37.87 23.00 16.09
C ILE D 57 39.09 23.80 15.62
N PRO D 58 39.21 25.11 15.92
CA PRO D 58 40.40 25.85 15.53
C PRO D 58 41.68 25.07 15.88
N ALA D 59 41.75 24.53 17.09
CA ALA D 59 42.94 23.76 17.48
C ALA D 59 43.07 22.51 16.62
N LEU D 60 41.98 21.76 16.45
CA LEU D 60 42.01 20.53 15.62
C LEU D 60 42.46 20.91 14.22
N GLN D 61 42.04 22.08 13.73
CA GLN D 61 42.49 22.56 12.40
C GLN D 61 44.02 22.71 12.44
N THR D 62 44.56 23.42 13.43
CA THR D 62 46.05 23.48 13.48
C THR D 62 46.57 22.11 13.91
N LYS D 63 45.67 21.18 14.24
CA LYS D 63 46.06 19.81 14.69
C LYS D 63 46.94 19.89 15.93
N ASN D 64 46.81 20.95 16.73
CA ASN D 64 47.55 21.02 18.02
C ASN D 64 46.93 19.97 18.94
N VAL D 65 45.72 19.52 18.58
CA VAL D 65 45.04 18.44 19.34
C VAL D 65 44.88 17.26 18.38
N ASP D 66 44.77 16.04 18.92
CA ASP D 66 44.73 14.83 18.06
C ASP D 66 43.37 14.13 18.22
N LEU D 67 42.50 14.66 19.07
CA LEU D 67 41.14 14.08 19.27
C LEU D 67 40.29 15.09 20.02
N ALA D 68 38.96 14.96 19.97
CA ALA D 68 38.07 15.90 20.69
C ALA D 68 36.81 15.17 21.15
N LEU D 69 36.46 15.29 22.43
CA LEU D 69 35.28 14.57 22.99
C LEU D 69 34.39 15.55 23.76
N ALA D 70 33.78 16.51 23.08
CA ALA D 70 32.85 17.45 23.75
C ALA D 70 31.44 17.26 23.17
N GLY D 71 30.62 18.31 23.20
CA GLY D 71 29.27 18.22 22.59
C GLY D 71 29.33 18.47 21.10
N ILE D 72 30.04 17.62 20.38
CA ILE D 72 30.21 17.82 18.92
C ILE D 72 29.13 17.01 18.21
N THR D 73 27.96 17.62 17.98
CA THR D 73 26.88 16.94 17.24
C THR D 73 27.26 16.90 15.76
N ILE D 74 27.13 15.74 15.14
CA ILE D 74 27.54 15.56 13.72
C ILE D 74 26.84 16.61 12.84
N CYS D 75 27.67 17.39 12.15
CA CYS D 75 27.10 18.39 11.24
C CYS D 75 27.93 18.46 9.96
N ASP D 76 27.26 18.37 8.82
CA ASP D 76 27.99 18.30 7.54
C ASP D 76 28.75 19.61 7.31
N GLU D 77 28.18 20.75 7.71
CA GLU D 77 28.96 21.98 7.45
C GLU D 77 30.31 21.82 8.11
N ARG D 78 30.28 21.48 9.41
CA ARG D 78 31.58 21.43 10.13
C ARG D 78 32.53 20.48 9.39
N LYS D 79 31.99 19.45 8.74
CA LYS D 79 32.86 18.44 8.07
C LYS D 79 33.79 19.16 7.08
N LYS D 80 33.52 20.43 6.79
CA LYS D 80 34.41 21.20 5.89
C LYS D 80 35.71 21.55 6.64
N ALA D 81 35.77 21.28 7.94
CA ALA D 81 36.96 21.63 8.75
C ALA D 81 37.46 20.43 9.56
N ILE D 82 36.55 19.51 9.93
CA ILE D 82 36.93 18.35 10.77
C ILE D 82 36.23 17.08 10.24
N ASP D 83 36.51 15.93 10.83
CA ASP D 83 35.83 14.67 10.42
C ASP D 83 35.39 13.96 11.69
N PHE D 84 34.11 13.58 11.76
CA PHE D 84 33.58 12.95 12.99
C PHE D 84 33.59 11.43 12.83
N SER D 85 33.02 10.72 13.80
CA SER D 85 32.97 9.25 13.71
C SER D 85 31.54 8.80 13.99
N ASP D 86 31.27 7.51 13.84
CA ASP D 86 29.92 7.01 14.20
C ASP D 86 29.59 7.61 15.56
N GLY D 87 28.48 8.35 15.64
CA GLY D 87 28.10 9.02 16.91
C GLY D 87 28.01 8.07 18.08
N TYR D 88 28.02 8.60 19.30
CA TYR D 88 27.99 7.73 20.51
C TYR D 88 26.74 7.99 21.36
N TYR D 89 25.99 9.05 21.07
CA TYR D 89 24.82 9.40 21.91
C TYR D 89 23.75 10.08 21.06
N LYS D 90 22.50 9.69 21.25
CA LYS D 90 21.38 10.29 20.46
C LYS D 90 20.90 11.56 21.17
N SER D 91 21.16 12.73 20.59
CA SER D 91 20.67 14.00 21.18
C SER D 91 19.21 14.20 20.79
N GLY D 92 18.56 15.22 21.37
CA GLY D 92 17.14 15.51 21.04
C GLY D 92 16.41 16.12 22.22
N LEU D 93 15.12 16.43 22.05
CA LEU D 93 14.33 17.05 23.14
C LEU D 93 13.44 15.98 23.76
N LEU D 94 13.43 15.90 25.09
CA LEU D 94 12.56 14.91 25.79
C LEU D 94 11.58 15.70 26.64
N VAL D 95 10.56 15.03 27.20
CA VAL D 95 9.52 15.74 27.99
C VAL D 95 9.45 15.16 29.40
N MET D 96 9.71 15.99 30.40
CA MET D 96 9.61 15.53 31.81
C MET D 96 8.23 15.82 32.36
N VAL D 97 7.61 14.83 33.00
CA VAL D 97 6.28 15.04 33.61
C VAL D 97 6.33 14.48 35.03
N LYS D 98 5.53 15.02 35.94
CA LYS D 98 5.47 14.45 37.30
C LYS D 98 5.07 12.98 37.14
N ALA D 99 5.82 12.08 37.77
CA ALA D 99 5.55 10.63 37.57
C ALA D 99 4.06 10.36 37.74
N ASN D 100 3.42 11.05 38.68
CA ASN D 100 1.98 10.80 38.95
C ASN D 100 1.14 11.22 37.74
N ASN D 101 1.74 11.88 36.76
CA ASN D 101 0.98 12.36 35.57
C ASN D 101 0.86 11.22 34.57
N ASN D 102 -0.17 10.40 34.72
CA ASN D 102 -0.40 9.23 33.83
C ASN D 102 -1.32 9.66 32.68
N ASP D 103 -1.69 10.94 32.62
CA ASP D 103 -2.54 11.44 31.52
C ASP D 103 -1.67 11.74 30.30
N VAL D 104 -0.56 12.50 30.46
CA VAL D 104 0.26 12.89 29.29
C VAL D 104 1.09 11.70 28.79
N LYS D 105 1.28 11.60 27.47
CA LYS D 105 2.10 10.50 26.89
C LYS D 105 3.12 11.06 25.90
N SER D 106 2.84 12.24 25.32
CA SER D 106 3.75 12.79 24.28
C SER D 106 3.52 14.31 24.12
N VAL D 107 4.24 14.93 23.18
CA VAL D 107 4.10 16.39 22.93
C VAL D 107 2.69 16.70 22.42
N LYS D 108 2.08 15.75 21.71
CA LYS D 108 0.74 15.99 21.13
C LYS D 108 -0.32 15.78 22.22
N ASP D 109 0.06 15.18 23.35
CA ASP D 109 -0.88 15.05 24.48
C ASP D 109 -0.65 16.25 25.40
N LEU D 110 -0.23 17.38 24.83
CA LEU D 110 0.10 18.58 25.64
C LEU D 110 -0.67 19.79 25.09
N ASP D 111 -1.50 19.56 24.07
CA ASP D 111 -2.20 20.70 23.43
C ASP D 111 -3.03 21.39 24.51
N GLY D 112 -2.79 22.69 24.70
CA GLY D 112 -3.54 23.45 25.72
C GLY D 112 -3.09 23.13 27.14
N LYS D 113 -1.77 23.14 27.37
CA LYS D 113 -1.22 22.86 28.71
C LYS D 113 -0.09 23.85 29.00
N VAL D 114 0.52 23.75 30.17
CA VAL D 114 1.65 24.66 30.52
C VAL D 114 2.96 23.92 30.30
N VAL D 115 3.64 24.24 29.20
CA VAL D 115 4.97 23.62 28.92
C VAL D 115 6.03 24.66 29.22
N ALA D 116 7.00 24.32 30.07
CA ALA D 116 8.06 25.28 30.47
C ALA D 116 9.32 24.99 29.68
N VAL D 117 10.07 26.04 29.35
CA VAL D 117 11.28 25.87 28.51
C VAL D 117 12.34 26.85 29.01
N LYS D 118 13.54 26.81 28.43
CA LYS D 118 14.61 27.76 28.81
C LYS D 118 14.83 28.71 27.63
N SER D 119 15.14 29.98 27.91
CA SER D 119 15.43 30.94 26.82
C SER D 119 16.67 30.49 26.06
N GLY D 120 16.70 30.72 24.74
CA GLY D 120 17.91 30.38 23.96
C GLY D 120 18.05 28.90 23.75
N THR D 121 16.97 28.12 23.85
CA THR D 121 17.11 26.68 23.52
C THR D 121 16.14 26.34 22.38
N GLY D 122 16.33 25.17 21.76
CA GLY D 122 15.48 24.79 20.61
C GLY D 122 14.11 24.32 21.05
N SER D 123 13.95 24.06 22.35
CA SER D 123 12.63 23.61 22.88
C SER D 123 11.59 24.70 22.61
N VAL D 124 12.03 25.95 22.48
CA VAL D 124 11.09 27.09 22.25
C VAL D 124 10.45 26.92 20.87
N ASP D 125 11.24 26.89 19.81
CA ASP D 125 10.70 26.78 18.43
C ASP D 125 9.81 25.54 18.31
N TYR D 126 10.35 24.36 18.61
CA TYR D 126 9.50 23.16 18.43
C TYR D 126 8.12 23.47 19.01
N ALA D 127 8.10 24.08 20.20
CA ALA D 127 6.82 24.38 20.88
C ALA D 127 6.12 25.51 20.13
N LYS D 128 6.85 26.56 19.77
CA LYS D 128 6.24 27.73 19.09
C LYS D 128 5.54 27.21 17.82
N ALA D 129 5.91 26.02 17.35
CA ALA D 129 5.34 25.53 16.09
C ALA D 129 4.66 24.18 16.31
N ASN D 130 5.43 23.11 16.39
CA ASN D 130 4.82 21.76 16.47
C ASN D 130 3.84 21.63 17.64
N ILE D 131 3.92 22.52 18.64
CA ILE D 131 3.05 22.34 19.84
C ILE D 131 2.04 23.48 19.97
N LYS D 132 0.85 23.18 20.49
CA LYS D 132 -0.17 24.23 20.70
C LYS D 132 -0.32 24.45 22.21
N THR D 133 0.45 25.38 22.78
CA THR D 133 0.45 25.58 24.25
C THR D 133 -0.43 26.75 24.67
N LYS D 134 -1.17 26.61 25.78
CA LYS D 134 -1.97 27.73 26.32
C LYS D 134 -1.02 28.76 26.92
N ASP D 135 0.19 28.34 27.28
CA ASP D 135 1.19 29.27 27.87
C ASP D 135 2.59 28.67 27.72
N LEU D 136 3.55 29.46 27.25
CA LEU D 136 4.96 29.00 27.13
C LEU D 136 5.79 29.76 28.17
N ARG D 137 6.26 29.07 29.20
CA ARG D 137 6.98 29.78 30.29
C ARG D 137 8.48 29.82 30.00
N GLN D 138 8.93 30.86 29.30
CA GLN D 138 10.36 30.93 28.90
C GLN D 138 11.18 31.44 30.08
N PHE D 139 11.84 30.52 30.79
CA PHE D 139 12.67 30.90 31.95
C PHE D 139 14.13 30.94 31.51
N PRO D 140 15.01 31.76 32.11
CA PRO D 140 16.39 31.84 31.65
C PRO D 140 17.22 30.72 32.27
N ASN D 141 16.63 29.90 33.12
CA ASN D 141 17.36 28.73 33.67
C ASN D 141 16.38 27.58 33.90
N ILE D 142 16.73 26.36 33.52
CA ILE D 142 15.78 25.21 33.62
C ILE D 142 15.54 24.85 35.08
N ASP D 143 16.52 25.16 35.94
CA ASP D 143 16.38 24.76 37.36
C ASP D 143 15.07 25.31 37.88
N ASN D 144 14.75 26.55 37.52
CA ASN D 144 13.51 27.20 37.98
C ASN D 144 12.30 26.54 37.31
N ALA D 145 12.42 26.20 36.02
CA ALA D 145 11.33 25.53 35.32
C ALA D 145 11.04 24.18 35.99
N TYR D 146 12.07 23.56 36.55
CA TYR D 146 11.88 22.28 37.27
C TYR D 146 11.05 22.55 38.52
N MET D 147 11.29 23.69 39.16
CA MET D 147 10.47 24.06 40.35
C MET D 147 9.02 24.15 39.92
N GLU D 148 8.74 24.83 38.80
CA GLU D 148 7.34 25.01 38.34
C GLU D 148 6.66 23.64 38.23
N LEU D 149 7.36 22.66 37.66
CA LEU D 149 6.74 21.31 37.51
C LEU D 149 6.55 20.73 38.90
N GLY D 150 7.53 20.96 39.79
CA GLY D 150 7.41 20.48 41.18
C GLY D 150 6.25 21.16 41.89
N THR D 151 6.06 22.44 41.60
CA THR D 151 4.98 23.23 42.25
C THR D 151 3.69 23.03 41.48
N ASN D 152 3.65 22.03 40.61
CA ASN D 152 2.45 21.78 39.77
C ASN D 152 1.98 23.10 39.16
N ARG D 153 2.90 24.01 38.89
CA ARG D 153 2.51 25.26 38.19
C ARG D 153 2.74 25.08 36.69
N ALA D 154 3.27 23.92 36.30
CA ALA D 154 3.49 23.62 34.87
C ALA D 154 3.15 22.15 34.66
N ASP D 155 2.66 21.77 33.45
CA ASP D 155 2.19 20.38 33.25
C ASP D 155 3.37 19.50 32.87
N ALA D 156 4.40 20.08 32.22
CA ALA D 156 5.60 19.31 31.88
C ALA D 156 6.71 20.25 31.42
N VAL D 157 7.94 19.74 31.33
CA VAL D 157 9.10 20.58 30.92
C VAL D 157 9.64 20.02 29.60
N LEU D 158 10.23 20.88 28.76
CA LEU D 158 10.83 20.42 27.48
C LEU D 158 12.28 20.91 27.43
N HIS D 159 13.23 19.96 27.38
CA HIS D 159 14.67 20.33 27.36
C HIS D 159 15.48 19.17 26.81
N ASP D 160 16.78 19.39 26.59
CA ASP D 160 17.67 18.36 26.01
C ASP D 160 17.46 17.02 26.70
N THR D 161 17.37 15.95 25.92
CA THR D 161 17.13 14.59 26.47
C THR D 161 18.21 14.22 27.49
N PRO D 162 19.51 14.45 27.23
CA PRO D 162 20.54 14.16 28.22
C PRO D 162 20.27 14.86 29.55
N ASN D 163 20.19 16.20 29.53
CA ASN D 163 20.01 16.96 30.78
C ASN D 163 18.83 16.40 31.58
N ILE D 164 17.68 16.26 30.94
CA ILE D 164 16.46 15.82 31.67
C ILE D 164 16.77 14.48 32.34
N LEU D 165 17.45 13.59 31.63
CA LEU D 165 17.70 12.24 32.18
C LEU D 165 18.64 12.32 33.39
N TYR D 166 19.67 13.16 33.31
CA TYR D 166 20.62 13.31 34.43
C TYR D 166 19.83 13.65 35.69
N PHE D 167 18.93 14.63 35.61
CA PHE D 167 18.18 15.09 36.80
C PHE D 167 17.22 14.01 37.29
N ILE D 168 16.43 13.43 36.38
CA ILE D 168 15.53 12.33 36.78
C ILE D 168 16.36 11.39 37.65
N LYS D 169 17.60 11.12 37.25
CA LYS D 169 18.50 10.27 38.06
C LYS D 169 19.07 11.08 39.22
N THR D 170 19.78 12.17 38.92
CA THR D 170 20.43 12.94 40.01
C THR D 170 19.42 13.84 40.70
N ALA D 171 19.01 13.50 41.92
CA ALA D 171 18.10 14.36 42.73
C ALA D 171 16.67 14.30 42.18
N GLY D 172 16.38 13.32 41.33
CA GLY D 172 14.99 13.16 40.86
C GLY D 172 14.14 12.56 41.97
N ASN D 173 14.58 11.43 42.54
CA ASN D 173 13.82 10.75 43.62
C ASN D 173 12.36 10.62 43.18
N GLY D 174 12.13 10.14 41.96
CA GLY D 174 10.76 9.97 41.45
C GLY D 174 10.07 11.30 41.25
N GLN D 175 8.73 11.30 41.27
CA GLN D 175 7.96 12.55 41.10
C GLN D 175 8.36 13.22 39.77
N PHE D 176 9.14 12.54 38.95
CA PHE D 176 9.60 13.10 37.66
C PHE D 176 9.92 11.95 36.71
N LYS D 177 9.18 11.85 35.61
CA LYS D 177 9.37 10.74 34.65
C LYS D 177 9.50 11.28 33.24
N ALA D 178 9.93 10.44 32.31
CA ALA D 178 10.07 10.86 30.90
C ALA D 178 9.05 10.10 30.04
N VAL D 179 8.53 10.75 28.99
CA VAL D 179 7.46 10.11 28.20
C VAL D 179 7.79 10.15 26.71
N GLY D 180 7.54 9.06 26.00
CA GLY D 180 7.73 9.05 24.53
C GLY D 180 9.17 8.89 24.11
N ASP D 181 9.60 9.64 23.07
CA ASP D 181 10.97 9.46 22.53
C ASP D 181 11.62 10.81 22.22
N SER D 182 12.92 10.81 21.94
CA SER D 182 13.66 12.07 21.71
C SER D 182 13.29 12.66 20.36
N LEU D 183 12.66 13.83 20.38
CA LEU D 183 12.27 14.51 19.13
C LEU D 183 13.51 15.24 18.60
N GLU D 184 13.40 15.87 17.43
CA GLU D 184 14.53 16.63 16.86
C GLU D 184 15.81 15.89 17.20
N ALA D 185 15.85 14.58 16.91
CA ALA D 185 17.02 13.77 17.33
C ALA D 185 18.29 14.21 16.62
N GLN D 186 19.44 13.94 17.25
CA GLN D 186 20.76 14.25 16.64
C GLN D 186 21.72 13.18 17.16
N GLN D 187 22.97 13.20 16.70
CA GLN D 187 23.98 12.23 17.21
C GLN D 187 25.24 13.00 17.63
N TYR D 188 25.87 12.58 18.73
CA TYR D 188 27.11 13.23 19.22
C TYR D 188 28.30 12.38 18.79
N GLY D 189 29.40 13.02 18.40
CA GLY D 189 30.55 12.24 17.88
C GLY D 189 31.90 12.84 18.20
N ILE D 190 32.97 12.05 18.04
CA ILE D 190 34.35 12.53 18.30
C ILE D 190 34.85 13.26 17.05
N ALA D 191 35.49 14.40 17.24
CA ALA D 191 36.00 15.17 16.09
C ALA D 191 37.49 14.90 15.91
N PHE D 192 37.84 14.09 14.91
CA PHE D 192 39.28 13.84 14.63
C PHE D 192 39.74 14.84 13.60
N PRO D 193 41.01 15.31 13.64
CA PRO D 193 41.50 16.31 12.69
C PRO D 193 41.46 15.79 11.26
N LYS D 194 41.66 16.68 10.28
CA LYS D 194 41.52 16.28 8.86
C LYS D 194 42.53 15.18 8.51
N GLY D 195 43.82 15.43 8.74
CA GLY D 195 44.84 14.46 8.32
C GLY D 195 44.55 13.07 8.86
N SER D 196 44.23 12.97 10.15
CA SER D 196 43.99 11.66 10.78
C SER D 196 42.93 10.92 9.96
N ASP D 197 43.14 9.63 9.72
CA ASP D 197 42.10 8.84 9.00
C ASP D 197 42.00 7.46 9.64
N GLU D 198 43.13 6.74 9.72
CA GLU D 198 43.03 5.34 10.24
C GLU D 198 42.71 5.42 11.73
N LEU D 199 43.32 6.37 12.43
CA LEU D 199 42.97 6.54 13.86
C LEU D 199 41.45 6.66 13.89
N ARG D 200 40.89 7.43 12.96
CA ARG D 200 39.43 7.65 12.94
C ARG D 200 38.72 6.30 12.77
N ASP D 201 39.04 5.57 11.70
CA ASP D 201 38.32 4.28 11.44
C ASP D 201 38.63 3.33 12.61
N LYS D 202 39.84 3.42 13.15
CA LYS D 202 40.24 2.50 14.24
C LYS D 202 39.26 2.70 15.40
N VAL D 203 39.07 3.94 15.83
CA VAL D 203 38.22 4.17 17.04
C VAL D 203 36.75 3.99 16.64
N ASN D 204 36.43 4.17 15.37
CA ASN D 204 35.04 3.89 14.95
C ASN D 204 34.79 2.42 15.27
N GLY D 205 35.68 1.56 14.80
CA GLY D 205 35.53 0.12 15.06
C GLY D 205 35.52 -0.15 16.55
N ALA D 206 36.36 0.58 17.28
CA ALA D 206 36.39 0.43 18.75
C ALA D 206 34.99 0.66 19.32
N LEU D 207 34.33 1.73 18.91
CA LEU D 207 32.99 2.07 19.46
C LEU D 207 31.97 1.04 18.97
N LYS D 208 32.12 0.57 17.73
CA LYS D 208 31.18 -0.48 17.31
C LYS D 208 31.22 -1.60 18.35
N THR D 209 32.43 -2.04 18.70
CA THR D 209 32.59 -3.11 19.71
C THR D 209 32.15 -2.60 21.09
N LEU D 210 32.60 -1.39 21.44
CA LEU D 210 32.20 -0.81 22.75
C LEU D 210 30.69 -0.96 22.88
N ARG D 211 29.94 -0.68 21.82
CA ARG D 211 28.47 -0.87 21.85
C ARG D 211 28.17 -2.36 21.65
N GLU D 212 28.90 -3.01 20.73
CA GLU D 212 28.71 -4.47 20.56
C GLU D 212 28.80 -5.10 21.96
N ASN D 213 29.87 -4.78 22.70
N ASN D 213 29.87 -4.77 22.70
CA ASN D 213 30.04 -5.31 24.08
CA ASN D 213 30.04 -5.31 24.08
C ASN D 213 28.86 -4.83 24.93
C ASN D 213 28.86 -4.83 24.93
N GLY D 214 28.49 -3.55 24.78
CA GLY D 214 27.35 -3.01 25.54
C GLY D 214 27.72 -2.53 26.93
N THR D 215 29.01 -2.54 27.30
CA THR D 215 29.40 -1.96 28.60
C THR D 215 28.87 -0.53 28.64
N TYR D 216 28.42 -0.02 27.50
CA TYR D 216 27.88 1.36 27.38
C TYR D 216 26.61 1.48 28.24
N ASN D 217 25.71 0.49 28.13
CA ASN D 217 24.42 0.54 28.87
C ASN D 217 24.69 0.86 30.35
N GLU D 218 25.71 0.23 30.94
CA GLU D 218 26.04 0.45 32.37
C GLU D 218 26.40 1.93 32.56
N ILE D 219 27.35 2.43 31.77
CA ILE D 219 27.78 3.86 31.85
C ILE D 219 26.52 4.72 31.65
N TYR D 220 25.66 4.33 30.72
CA TYR D 220 24.42 5.10 30.44
C TYR D 220 23.62 5.18 31.74
N LYS D 221 23.52 4.07 32.45
CA LYS D 221 22.78 4.07 33.74
C LYS D 221 23.52 4.95 34.74
N LYS D 222 24.85 4.96 34.69
CA LYS D 222 25.66 5.74 35.66
C LYS D 222 25.38 7.22 35.47
N TRP D 223 24.86 7.61 34.31
CA TRP D 223 24.62 9.04 34.01
C TRP D 223 23.17 9.27 33.60
N PHE D 224 22.83 8.90 32.37
CA PHE D 224 21.47 9.18 31.84
C PHE D 224 20.47 8.14 32.33
N GLY D 225 20.88 7.27 33.26
CA GLY D 225 19.96 6.28 33.85
C GLY D 225 19.55 5.20 32.88
N THR D 226 18.55 4.38 33.25
CA THR D 226 18.06 3.30 32.37
C THR D 226 17.50 3.91 31.08
N GLU D 227 17.95 3.42 29.92
CA GLU D 227 17.52 3.97 28.61
C GLU D 227 16.03 4.34 28.67
N SER E 1 -57.46 5.58 36.29
CA SER E 1 -56.67 4.66 35.41
C SER E 1 -57.45 3.36 35.21
N ASN E 2 -57.77 2.66 36.30
CA ASN E 2 -58.52 1.37 36.22
C ASN E 2 -57.74 0.38 35.33
N ALA E 3 -58.46 -0.43 34.54
CA ALA E 3 -57.80 -1.43 33.69
C ALA E 3 -58.51 -1.56 32.34
N ALA E 4 -58.98 -0.44 31.77
CA ALA E 4 -59.59 -0.49 30.42
C ALA E 4 -58.51 -0.21 29.38
N ASP E 5 -57.49 -1.07 29.32
CA ASP E 5 -56.36 -0.85 28.38
C ASP E 5 -56.58 -1.69 27.12
N LYS E 6 -55.52 -1.93 26.35
CA LYS E 6 -55.65 -2.67 25.07
C LYS E 6 -55.01 -4.05 25.23
N LYS E 7 -55.80 -5.11 25.08
CA LYS E 7 -55.25 -6.50 25.18
C LYS E 7 -54.70 -6.90 23.81
N LEU E 8 -54.10 -5.94 23.09
CA LEU E 8 -53.56 -6.22 21.74
C LEU E 8 -52.66 -7.46 21.82
N VAL E 9 -52.99 -8.51 21.07
CA VAL E 9 -52.13 -9.72 21.04
C VAL E 9 -51.20 -9.61 19.84
N VAL E 10 -49.89 -9.40 20.09
CA VAL E 10 -48.89 -9.33 18.98
C VAL E 10 -48.12 -10.66 19.00
N ALA E 11 -47.69 -11.15 17.84
CA ALA E 11 -47.03 -12.48 17.84
C ALA E 11 -45.79 -12.44 16.96
N THR E 12 -44.79 -13.25 17.32
CA THR E 12 -43.52 -13.29 16.56
C THR E 12 -42.99 -14.73 16.55
N ASP E 13 -41.94 -14.99 15.77
CA ASP E 13 -41.31 -16.33 15.75
C ASP E 13 -40.38 -16.45 16.97
N THR E 14 -40.28 -17.65 17.55
CA THR E 14 -39.46 -17.84 18.77
C THR E 14 -38.00 -17.44 18.46
N ALA E 15 -37.46 -17.91 17.34
CA ALA E 15 -36.08 -17.53 16.94
C ALA E 15 -36.11 -17.05 15.48
N PHE E 16 -35.61 -15.85 15.17
CA PHE E 16 -35.56 -15.41 13.75
C PHE E 16 -34.68 -14.17 13.59
N VAL E 17 -33.39 -14.36 13.32
CA VAL E 17 -32.43 -13.22 13.18
C VAL E 17 -32.69 -12.53 11.85
N PRO E 18 -32.33 -11.24 11.68
CA PRO E 18 -32.23 -10.29 12.78
C PRO E 18 -33.54 -9.55 13.04
N PHE E 19 -34.67 -10.27 13.05
CA PHE E 19 -35.99 -9.59 13.18
C PHE E 19 -36.55 -9.79 14.58
N GLU E 20 -36.47 -11.02 15.11
CA GLU E 20 -36.98 -11.31 16.47
C GLU E 20 -36.15 -12.44 17.08
N PHE E 21 -35.12 -12.11 17.88
CA PHE E 21 -34.23 -13.18 18.39
C PHE E 21 -33.95 -12.93 19.88
N LYS E 22 -33.72 -14.01 20.61
CA LYS E 22 -33.47 -13.84 22.07
C LYS E 22 -31.99 -13.50 22.28
N GLN E 23 -31.73 -12.36 22.90
CA GLN E 23 -30.34 -11.93 23.18
C GLN E 23 -30.33 -11.19 24.53
N GLY E 24 -29.71 -11.79 25.55
CA GLY E 24 -29.64 -11.14 26.86
C GLY E 24 -30.92 -11.31 27.64
N ASP E 25 -31.52 -12.49 27.57
CA ASP E 25 -32.79 -12.78 28.29
C ASP E 25 -33.86 -11.78 27.85
N ILE E 26 -33.78 -11.30 26.61
CA ILE E 26 -34.85 -10.39 26.08
C ILE E 26 -34.92 -10.54 24.56
N TYR E 27 -36.10 -10.81 24.04
CA TYR E 27 -36.27 -10.88 22.57
C TYR E 27 -35.91 -9.52 21.99
N VAL E 28 -35.16 -9.53 20.90
CA VAL E 28 -34.69 -8.25 20.28
C VAL E 28 -34.78 -8.42 18.77
N GLY E 29 -34.64 -7.32 18.02
CA GLY E 29 -34.65 -7.41 16.56
C GLY E 29 -35.29 -6.22 15.88
N PHE E 30 -35.38 -6.26 14.56
CA PHE E 30 -35.95 -5.13 13.78
C PHE E 30 -37.45 -5.03 14.07
N ASP E 31 -38.15 -6.15 14.00
CA ASP E 31 -39.64 -6.10 14.14
C ASP E 31 -40.02 -5.67 15.56
N VAL E 32 -39.33 -6.14 16.58
CA VAL E 32 -39.63 -5.71 17.98
C VAL E 32 -39.56 -4.18 18.03
N ASP E 33 -38.44 -3.61 17.60
CA ASP E 33 -38.26 -2.15 17.67
C ASP E 33 -39.40 -1.49 16.88
N LEU E 34 -39.85 -2.11 15.81
CA LEU E 34 -40.88 -1.46 14.95
C LEU E 34 -42.19 -1.31 15.72
N TRP E 35 -42.76 -2.42 16.19
CA TRP E 35 -44.09 -2.33 16.86
C TRP E 35 -44.01 -1.37 18.04
N ALA E 36 -42.85 -1.27 18.68
CA ALA E 36 -42.69 -0.33 19.80
C ALA E 36 -42.88 1.10 19.29
N ALA E 37 -42.26 1.43 18.17
CA ALA E 37 -42.36 2.79 17.59
C ALA E 37 -43.81 3.03 17.16
N ILE E 38 -44.42 2.04 16.53
CA ILE E 38 -45.84 2.19 16.12
C ILE E 38 -46.64 2.47 17.37
N ALA E 39 -46.42 1.67 18.42
CA ALA E 39 -47.20 1.86 19.66
C ALA E 39 -47.03 3.29 20.13
N LYS E 40 -45.81 3.84 20.07
CA LYS E 40 -45.59 5.21 20.59
C LYS E 40 -46.56 6.15 19.88
N GLU E 41 -46.63 6.04 18.56
CA GLU E 41 -47.53 6.94 17.80
C GLU E 41 -48.97 6.52 18.07
N LEU E 42 -49.27 5.24 17.93
CA LEU E 42 -50.68 4.79 18.08
C LEU E 42 -51.10 4.91 19.54
N LYS E 43 -50.14 5.10 20.45
CA LYS E 43 -50.46 5.18 21.90
C LYS E 43 -51.32 3.99 22.32
N LEU E 44 -50.88 2.77 21.99
CA LEU E 44 -51.63 1.54 22.37
C LEU E 44 -50.73 0.64 23.21
N ASP E 45 -51.31 -0.39 23.84
CA ASP E 45 -50.53 -1.27 24.74
C ASP E 45 -50.39 -2.66 24.10
N TYR E 46 -49.18 -3.23 24.08
CA TYR E 46 -49.02 -4.52 23.34
C TYR E 46 -48.58 -5.64 24.28
N GLU E 47 -48.75 -6.89 23.84
CA GLU E 47 -48.29 -8.06 24.64
C GLU E 47 -47.72 -9.10 23.68
N LEU E 48 -46.43 -9.04 23.39
CA LEU E 48 -45.83 -9.95 22.39
C LEU E 48 -46.10 -11.41 22.78
N LYS E 49 -46.67 -12.22 21.87
CA LYS E 49 -46.91 -13.66 22.15
C LYS E 49 -46.02 -14.49 21.23
N PRO E 50 -44.90 -15.08 21.70
CA PRO E 50 -43.98 -15.80 20.83
C PRO E 50 -44.42 -17.24 20.54
N MET E 51 -44.41 -17.64 19.26
CA MET E 51 -44.81 -19.02 18.88
C MET E 51 -44.15 -19.37 17.55
N ASP E 52 -44.46 -20.55 17.01
CA ASP E 52 -43.87 -20.95 15.71
C ASP E 52 -44.66 -20.48 14.50
N PHE E 53 -43.98 -20.16 13.40
CA PHE E 53 -44.63 -19.65 12.17
C PHE E 53 -45.75 -20.63 11.78
N SER E 54 -45.66 -21.86 12.26
CA SER E 54 -46.64 -22.91 11.91
C SER E 54 -47.99 -22.62 12.57
N GLY E 55 -48.00 -21.72 13.55
CA GLY E 55 -49.26 -21.43 14.25
C GLY E 55 -49.66 -19.98 14.16
N ILE E 56 -48.80 -19.15 13.57
CA ILE E 56 -49.08 -17.68 13.53
C ILE E 56 -50.38 -17.44 12.77
N ILE E 57 -50.42 -17.79 11.49
CA ILE E 57 -51.64 -17.58 10.67
C ILE E 57 -52.79 -18.38 11.28
N PRO E 58 -52.64 -19.69 11.58
CA PRO E 58 -53.71 -20.43 12.22
C PRO E 58 -54.29 -19.64 13.41
N ALA E 59 -53.43 -19.10 14.25
CA ALA E 59 -53.91 -18.32 15.42
C ALA E 59 -54.66 -17.08 14.93
N LEU E 60 -54.07 -16.33 13.99
CA LEU E 60 -54.72 -15.10 13.47
C LEU E 60 -56.08 -15.49 12.89
N GLN E 61 -56.15 -16.66 12.25
CA GLN E 61 -57.44 -17.15 11.67
C GLN E 61 -58.42 -17.35 12.82
N THR E 62 -57.98 -17.90 13.95
CA THR E 62 -58.91 -18.02 15.10
C THR E 62 -58.94 -16.68 15.84
N LYS E 63 -58.19 -15.69 15.34
CA LYS E 63 -58.15 -14.35 15.98
C LYS E 63 -57.73 -14.46 17.45
N ASN E 64 -57.06 -15.55 17.83
CA ASN E 64 -56.51 -15.67 19.21
C ASN E 64 -55.37 -14.66 19.31
N VAL E 65 -55.00 -14.06 18.19
CA VAL E 65 -53.94 -13.01 18.16
C VAL E 65 -54.54 -11.81 17.42
N ASP E 66 -54.07 -10.60 17.70
CA ASP E 66 -54.67 -9.39 17.10
C ASP E 66 -53.67 -8.69 16.19
N LEU E 67 -52.46 -9.21 16.08
CA LEU E 67 -51.42 -8.64 15.19
C LEU E 67 -50.28 -9.65 15.05
N ALA E 68 -49.39 -9.45 14.09
CA ALA E 68 -48.23 -10.35 13.93
C ALA E 68 -47.09 -9.62 13.22
N LEU E 69 -45.86 -9.78 13.72
CA LEU E 69 -44.68 -9.09 13.13
C LEU E 69 -43.54 -10.09 12.98
N ALA E 70 -43.68 -11.06 12.07
CA ALA E 70 -42.60 -12.04 11.82
C ALA E 70 -42.13 -11.91 10.36
N GLY E 71 -41.57 -12.98 9.79
CA GLY E 71 -41.17 -12.94 8.37
C GLY E 71 -42.38 -13.11 7.47
N ILE E 72 -43.40 -12.29 7.70
CA ILE E 72 -44.65 -12.38 6.89
C ILE E 72 -44.44 -11.55 5.62
N THR E 73 -43.82 -12.15 4.60
CA THR E 73 -43.66 -11.44 3.30
C THR E 73 -45.03 -11.40 2.62
N ILE E 74 -45.31 -10.33 1.92
CA ILE E 74 -46.67 -10.16 1.29
C ILE E 74 -46.86 -11.21 0.19
N CYS E 75 -47.92 -11.99 0.36
CA CYS E 75 -48.24 -13.02 -0.65
C CYS E 75 -49.74 -13.10 -0.87
N ASP E 76 -50.16 -12.99 -2.12
CA ASP E 76 -51.61 -12.94 -2.41
C ASP E 76 -52.27 -14.25 -1.99
N GLU E 77 -51.60 -15.37 -2.13
CA GLU E 77 -52.32 -16.61 -1.71
C GLU E 77 -52.68 -16.46 -0.25
N ARG E 78 -51.69 -16.11 0.55
CA ARG E 78 -51.96 -16.08 2.01
C ARG E 78 -53.11 -15.12 2.32
N LYS E 79 -53.33 -14.13 1.44
CA LYS E 79 -54.38 -13.10 1.71
C LYS E 79 -55.74 -13.79 1.79
N LYS E 80 -55.85 -15.03 1.31
CA LYS E 80 -57.12 -15.79 1.41
C LYS E 80 -57.39 -16.12 2.88
N ALA E 81 -56.41 -15.90 3.76
CA ALA E 81 -56.57 -16.26 5.19
C ALA E 81 -56.28 -15.05 6.08
N ILE E 82 -55.43 -14.13 5.62
CA ILE E 82 -55.05 -12.94 6.46
C ILE E 82 -55.01 -11.70 5.57
N ASP E 83 -54.73 -10.53 6.16
CA ASP E 83 -54.60 -9.28 5.37
C ASP E 83 -53.35 -8.56 5.88
N PHE E 84 -52.46 -8.19 4.95
CA PHE E 84 -51.18 -7.54 5.32
C PHE E 84 -51.32 -6.02 5.26
N SER E 85 -50.22 -5.30 5.44
CA SER E 85 -50.24 -3.82 5.31
C SER E 85 -49.08 -3.38 4.41
N ASP E 86 -48.99 -2.07 4.14
CA ASP E 86 -47.83 -1.56 3.35
C ASP E 86 -46.56 -2.14 3.96
N GLY E 87 -45.80 -2.91 3.17
CA GLY E 87 -44.60 -3.59 3.70
C GLY E 87 -43.62 -2.65 4.37
N TYR E 88 -42.84 -3.17 5.32
CA TYR E 88 -41.88 -2.34 6.07
C TYR E 88 -40.44 -2.61 5.59
N TYR E 89 -40.18 -3.79 5.02
CA TYR E 89 -38.79 -4.13 4.63
C TYR E 89 -38.72 -4.72 3.22
N LYS E 90 -37.67 -4.38 2.47
CA LYS E 90 -37.50 -4.90 1.10
C LYS E 90 -36.68 -6.20 1.15
N SER E 91 -37.33 -7.36 1.01
CA SER E 91 -36.61 -8.65 1.00
C SER E 91 -35.91 -8.81 -0.36
N GLY E 92 -35.00 -9.80 -0.47
CA GLY E 92 -34.30 -10.05 -1.73
C GLY E 92 -32.93 -10.66 -1.51
N LEU E 93 -32.22 -11.00 -2.59
CA LEU E 93 -30.88 -11.62 -2.46
C LEU E 93 -29.83 -10.55 -2.74
N LEU E 94 -28.81 -10.45 -1.88
CA LEU E 94 -27.73 -9.46 -2.07
C LEU E 94 -26.42 -10.25 -2.25
N VAL E 95 -25.35 -9.58 -2.65
CA VAL E 95 -24.06 -10.30 -2.93
C VAL E 95 -22.96 -9.70 -2.04
N MET E 96 -22.37 -10.53 -1.19
CA MET E 96 -21.25 -10.06 -0.34
C MET E 96 -19.92 -10.35 -1.02
N VAL E 97 -19.04 -9.35 -1.06
CA VAL E 97 -17.70 -9.56 -1.67
C VAL E 97 -16.66 -9.00 -0.71
N LYS E 98 -15.47 -9.56 -0.68
CA LYS E 98 -14.42 -8.95 0.16
C LYS E 98 -14.33 -7.48 -0.26
N ALA E 99 -14.27 -6.58 0.70
CA ALA E 99 -14.26 -5.14 0.37
C ALA E 99 -13.15 -4.86 -0.65
N ASN E 100 -12.02 -5.55 -0.53
CA ASN E 100 -10.87 -5.30 -1.42
C ASN E 100 -11.23 -5.74 -2.85
N ASN E 101 -12.36 -6.40 -3.04
CA ASN E 101 -12.75 -6.88 -4.39
C ASN E 101 -13.44 -5.74 -5.14
N ASN E 102 -12.63 -4.92 -5.83
CA ASN E 102 -13.16 -3.76 -6.58
C ASN E 102 -13.44 -4.19 -8.03
N ASP E 103 -13.22 -5.48 -8.35
CA ASP E 103 -13.50 -5.98 -9.71
C ASP E 103 -14.99 -6.29 -9.84
N VAL E 104 -15.56 -7.05 -8.91
CA VAL E 104 -17.00 -7.45 -9.02
C VAL E 104 -17.91 -6.28 -8.64
N LYS E 105 -19.05 -6.13 -9.31
CA LYS E 105 -20.02 -5.07 -8.97
C LYS E 105 -21.47 -5.60 -8.99
N SER E 106 -21.70 -6.78 -9.56
CA SER E 106 -23.10 -7.31 -9.67
C SER E 106 -23.09 -8.80 -10.01
N VAL E 107 -24.28 -9.41 -10.13
CA VAL E 107 -24.38 -10.87 -10.38
C VAL E 107 -23.96 -11.16 -11.83
N LYS E 108 -23.85 -10.13 -12.64
CA LYS E 108 -23.42 -10.31 -14.05
C LYS E 108 -21.90 -10.07 -14.13
N ASP E 109 -21.28 -9.74 -13.00
CA ASP E 109 -19.80 -9.58 -12.97
C ASP E 109 -19.22 -10.79 -12.24
N LEU E 110 -19.95 -11.92 -12.26
CA LEU E 110 -19.50 -13.13 -11.53
C LEU E 110 -19.44 -14.32 -12.50
N ASP E 111 -19.79 -14.10 -13.76
CA ASP E 111 -19.83 -15.26 -14.67
C ASP E 111 -18.45 -15.90 -14.67
N GLY E 112 -18.38 -17.20 -14.42
CA GLY E 112 -17.08 -17.88 -14.36
C GLY E 112 -16.36 -17.62 -13.05
N LYS E 113 -17.08 -17.66 -11.93
CA LYS E 113 -16.47 -17.40 -10.59
C LYS E 113 -17.06 -18.38 -9.58
N VAL E 114 -16.50 -18.40 -8.36
CA VAL E 114 -16.99 -19.35 -7.32
C VAL E 114 -17.94 -18.59 -6.39
N VAL E 115 -19.20 -19.02 -6.31
CA VAL E 115 -20.21 -18.34 -5.47
C VAL E 115 -20.66 -19.31 -4.37
N ALA E 116 -20.73 -18.83 -3.12
CA ALA E 116 -21.10 -19.70 -1.98
C ALA E 116 -22.57 -19.48 -1.63
N VAL E 117 -23.35 -20.55 -1.54
CA VAL E 117 -24.80 -20.43 -1.20
C VAL E 117 -25.11 -21.39 -0.06
N LYS E 118 -26.34 -21.37 0.44
CA LYS E 118 -26.76 -22.30 1.52
C LYS E 118 -27.83 -23.24 0.96
N SER E 119 -27.78 -24.51 1.31
CA SER E 119 -28.78 -25.48 0.82
C SER E 119 -30.18 -25.04 1.26
N GLY E 120 -31.19 -25.26 0.43
CA GLY E 120 -32.57 -24.94 0.83
C GLY E 120 -32.83 -23.46 0.78
N THR E 121 -32.02 -22.71 0.03
CA THR E 121 -32.30 -21.25 -0.12
C THR E 121 -32.66 -20.98 -1.58
N GLY E 122 -33.25 -19.82 -1.85
CA GLY E 122 -33.63 -19.46 -3.23
C GLY E 122 -32.47 -18.86 -3.98
N SER E 123 -31.34 -18.71 -3.30
CA SER E 123 -30.12 -18.19 -3.96
C SER E 123 -29.58 -19.27 -4.89
N VAL E 124 -29.84 -20.54 -4.57
CA VAL E 124 -29.40 -21.66 -5.46
C VAL E 124 -30.01 -21.46 -6.84
N ASP E 125 -31.34 -21.47 -6.95
CA ASP E 125 -32.02 -21.38 -8.26
C ASP E 125 -31.53 -20.14 -9.01
N TYR E 126 -31.66 -18.96 -8.43
CA TYR E 126 -31.24 -17.76 -9.19
C TYR E 126 -29.89 -18.08 -9.85
N ALA E 127 -28.98 -18.66 -9.07
CA ALA E 127 -27.63 -18.97 -9.59
C ALA E 127 -27.72 -20.11 -10.62
N LYS E 128 -28.48 -21.15 -10.29
CA LYS E 128 -28.58 -22.31 -11.20
C LYS E 128 -29.09 -21.82 -12.55
N ALA E 129 -29.68 -20.62 -12.58
CA ALA E 129 -30.26 -20.13 -13.85
C ALA E 129 -29.66 -18.80 -14.24
N ASN E 130 -30.09 -17.71 -13.59
CA ASN E 130 -29.65 -16.36 -14.01
C ASN E 130 -28.12 -16.24 -13.97
N ILE E 131 -27.41 -17.11 -13.25
CA ILE E 131 -25.93 -16.93 -13.11
C ILE E 131 -25.18 -18.07 -13.79
N LYS E 132 -24.00 -17.77 -14.34
CA LYS E 132 -23.16 -18.83 -14.99
C LYS E 132 -21.93 -19.04 -14.10
N THR E 133 -22.01 -19.96 -13.14
CA THR E 133 -20.89 -20.14 -12.18
C THR E 133 -19.99 -21.32 -12.57
N LYS E 134 -18.68 -21.17 -12.39
CA LYS E 134 -17.74 -22.30 -12.64
C LYS E 134 -17.91 -23.33 -11.52
N ASP E 135 -18.44 -22.90 -10.36
CA ASP E 135 -18.64 -23.83 -9.23
C ASP E 135 -19.67 -23.23 -8.26
N LEU E 136 -20.67 -24.02 -7.85
CA LEU E 136 -21.67 -23.55 -6.87
C LEU E 136 -21.43 -24.31 -5.56
N ARG E 137 -20.97 -23.61 -4.53
CA ARG E 137 -20.61 -24.32 -3.26
C ARG E 137 -21.82 -24.37 -2.33
N GLN E 138 -22.64 -25.41 -2.44
CA GLN E 138 -23.88 -25.47 -1.63
C GLN E 138 -23.54 -25.96 -0.22
N PHE E 139 -23.43 -25.04 0.72
CA PHE E 139 -23.10 -25.43 2.12
C PHE E 139 -24.38 -25.45 2.94
N PRO E 140 -24.52 -26.28 3.99
CA PRO E 140 -25.77 -26.36 4.73
C PRO E 140 -25.86 -25.24 5.76
N ASN E 141 -24.82 -24.41 5.86
CA ASN E 141 -24.89 -23.24 6.78
C ASN E 141 -24.07 -22.09 6.18
N ILE E 142 -24.60 -20.87 6.19
CA ILE E 142 -23.90 -19.73 5.54
C ILE E 142 -22.65 -19.36 6.32
N ASP E 143 -22.63 -19.65 7.62
CA ASP E 143 -21.48 -19.25 8.45
C ASP E 143 -20.22 -19.80 7.80
N ASN E 144 -20.28 -21.04 7.33
CA ASN E 144 -19.11 -21.69 6.70
C ASN E 144 -18.83 -21.04 5.34
N ALA E 145 -19.89 -20.71 4.60
CA ALA E 145 -19.70 -20.04 3.30
C ALA E 145 -19.01 -18.69 3.52
N TYR E 146 -19.26 -18.07 4.66
CA TYR E 146 -18.60 -16.79 4.99
C TYR E 146 -17.11 -17.04 5.18
N MET E 147 -16.78 -18.18 5.78
CA MET E 147 -15.35 -18.55 5.95
C MET E 147 -14.71 -18.63 4.57
N GLU E 148 -15.37 -19.32 3.64
CA GLU E 148 -14.79 -19.51 2.28
C GLU E 148 -14.44 -18.13 1.69
N LEU E 149 -15.30 -17.15 1.90
CA LEU E 149 -15.03 -15.80 1.35
C LEU E 149 -13.86 -15.20 2.15
N GLY E 150 -13.79 -15.49 3.45
CA GLY E 150 -12.69 -14.98 4.28
C GLY E 150 -11.38 -15.62 3.89
N THR E 151 -11.42 -16.90 3.50
CA THR E 151 -10.21 -17.65 3.12
C THR E 151 -9.95 -17.47 1.64
N ASN E 152 -10.68 -16.56 1.00
CA ASN E 152 -10.53 -16.32 -0.45
C ASN E 152 -10.62 -17.66 -1.19
N ARG E 153 -11.48 -18.56 -0.71
CA ARG E 153 -11.70 -19.83 -1.46
C ARG E 153 -12.97 -19.65 -2.30
N ALA E 154 -13.62 -18.49 -2.17
CA ALA E 154 -14.81 -18.17 -2.99
C ALA E 154 -14.72 -16.71 -3.40
N ASP E 155 -15.42 -16.31 -4.47
CA ASP E 155 -15.28 -14.92 -4.97
C ASP E 155 -16.35 -14.02 -4.33
N ALA E 156 -17.49 -14.61 -3.99
CA ALA E 156 -18.55 -13.84 -3.30
C ALA E 156 -19.62 -14.79 -2.76
N VAL E 157 -20.49 -14.27 -1.89
CA VAL E 157 -21.57 -15.11 -1.29
C VAL E 157 -22.92 -14.56 -1.74
N LEU E 158 -23.94 -15.43 -1.86
CA LEU E 158 -25.29 -14.98 -2.24
C LEU E 158 -26.30 -15.45 -1.19
N HIS E 159 -26.95 -14.51 -0.50
CA HIS E 159 -27.90 -14.88 0.57
C HIS E 159 -28.87 -13.72 0.81
N ASP E 160 -29.89 -13.93 1.64
CA ASP E 160 -30.91 -12.89 1.93
C ASP E 160 -30.22 -11.56 2.22
N THR E 161 -30.74 -10.47 1.66
CA THR E 161 -30.17 -9.12 1.86
C THR E 161 -30.10 -8.82 3.37
N PRO E 162 -31.17 -9.02 4.16
CA PRO E 162 -31.13 -8.67 5.56
C PRO E 162 -29.93 -9.34 6.24
N ASN E 163 -29.79 -10.65 6.11
CA ASN E 163 -28.72 -11.37 6.82
C ASN E 163 -27.37 -10.79 6.41
N ILE E 164 -27.06 -10.83 5.11
CA ILE E 164 -25.76 -10.30 4.62
C ILE E 164 -25.51 -8.96 5.31
N LEU E 165 -26.53 -8.11 5.44
CA LEU E 165 -26.30 -6.75 6.00
C LEU E 165 -26.00 -6.83 7.50
N TYR E 166 -26.73 -7.67 8.21
CA TYR E 166 -26.50 -7.81 9.68
C TYR E 166 -25.04 -8.15 9.91
N PHE E 167 -24.51 -9.13 9.17
CA PHE E 167 -23.11 -9.59 9.40
C PHE E 167 -22.12 -8.49 9.01
N ILE E 168 -22.26 -7.93 7.81
CA ILE E 168 -21.38 -6.80 7.39
C ILE E 168 -21.22 -5.85 8.58
N LYS E 169 -22.30 -5.59 9.32
CA LYS E 169 -22.22 -4.70 10.50
C LYS E 169 -21.75 -5.53 11.69
N THR E 170 -22.50 -6.57 12.02
CA THR E 170 -22.18 -7.38 13.24
C THR E 170 -21.01 -8.33 12.94
N ALA E 171 -19.80 -7.97 13.38
CA ALA E 171 -18.60 -8.83 13.21
C ALA E 171 -18.07 -8.77 11.79
N GLY E 172 -18.52 -7.79 11.00
CA GLY E 172 -17.96 -7.63 9.65
C GLY E 172 -16.57 -7.03 9.73
N ASN E 173 -16.43 -5.90 10.43
CA ASN E 173 -15.12 -5.22 10.57
C ASN E 173 -14.49 -5.09 9.18
N GLY E 174 -15.27 -4.62 8.21
CA GLY E 174 -14.74 -4.45 6.84
C GLY E 174 -14.44 -5.78 6.19
N GLN E 175 -13.55 -5.79 5.20
CA GLN E 175 -13.17 -7.04 4.49
C GLN E 175 -14.42 -7.71 3.93
N PHE E 176 -15.56 -7.03 3.98
CA PHE E 176 -16.83 -7.60 3.49
C PHE E 176 -17.76 -6.46 3.10
N LYS E 177 -18.11 -6.36 1.82
CA LYS E 177 -18.95 -5.25 1.32
C LYS E 177 -20.11 -5.80 0.50
N ALA E 178 -21.10 -4.96 0.21
CA ALA E 178 -22.25 -5.40 -0.60
C ALA E 178 -22.23 -4.64 -1.95
N VAL E 179 -22.67 -5.29 -3.02
CA VAL E 179 -22.57 -4.66 -4.37
C VAL E 179 -23.92 -4.71 -5.09
N GLY E 180 -24.30 -3.62 -5.75
CA GLY E 180 -25.52 -3.62 -6.56
C GLY E 180 -26.78 -3.46 -5.76
N ASP E 181 -27.84 -4.21 -6.12
CA ASP E 181 -29.15 -4.03 -5.45
C ASP E 181 -29.80 -5.38 -5.14
N SER E 182 -30.87 -5.37 -4.35
CA SER E 182 -31.54 -6.63 -3.93
C SER E 182 -32.31 -7.24 -5.10
N LEU E 183 -31.88 -8.41 -5.55
CA LEU E 183 -32.55 -9.11 -6.67
C LEU E 183 -33.76 -9.83 -6.08
N GLU E 184 -34.57 -10.46 -6.93
CA GLU E 184 -35.75 -11.23 -6.44
C GLU E 184 -36.34 -10.48 -5.25
N ALA E 185 -36.58 -9.18 -5.42
CA ALA E 185 -37.03 -8.36 -4.28
C ALA E 185 -38.40 -8.80 -3.78
N GLN E 186 -38.70 -8.51 -2.52
CA GLN E 186 -40.04 -8.80 -1.95
C GLN E 186 -40.27 -7.74 -0.87
N GLN E 187 -41.42 -7.79 -0.21
CA GLN E 187 -41.70 -6.82 0.89
C GLN E 187 -42.20 -7.58 2.12
N TYR E 188 -41.79 -7.15 3.31
CA TYR E 188 -42.24 -7.80 4.57
C TYR E 188 -43.35 -6.96 5.18
N GLY E 189 -44.37 -7.59 5.76
CA GLY E 189 -45.50 -6.81 6.28
C GLY E 189 -46.17 -7.41 7.51
N ILE E 190 -46.98 -6.62 8.21
CA ILE E 190 -47.70 -7.09 9.42
C ILE E 190 -48.96 -7.83 8.98
N ALA E 191 -49.23 -8.98 9.60
CA ALA E 191 -50.43 -9.75 9.22
C ALA E 191 -51.55 -9.48 10.23
N PHE E 192 -52.54 -8.67 9.84
CA PHE E 192 -53.69 -8.42 10.73
C PHE E 192 -54.77 -9.43 10.41
N PRO E 193 -55.55 -9.90 11.41
CA PRO E 193 -56.64 -10.84 11.16
C PRO E 193 -57.62 -10.27 10.15
N LYS E 194 -58.38 -11.14 9.49
CA LYS E 194 -59.29 -10.67 8.41
C LYS E 194 -60.22 -9.58 8.95
N GLY E 195 -60.97 -9.90 10.01
CA GLY E 195 -61.97 -8.94 10.50
C GLY E 195 -61.33 -7.61 10.80
N SER E 196 -60.16 -7.63 11.45
CA SER E 196 -59.52 -6.36 11.86
C SER E 196 -59.33 -5.54 10.58
N ASP E 197 -59.88 -4.33 10.55
CA ASP E 197 -59.78 -3.58 9.28
C ASP E 197 -59.21 -2.18 9.52
N GLU E 198 -59.95 -1.34 10.25
CA GLU E 198 -59.48 0.05 10.50
C GLU E 198 -58.15 -0.04 11.25
N LEU E 199 -58.03 -1.03 12.13
CA LEU E 199 -56.77 -1.23 12.88
C LEU E 199 -55.64 -1.36 11.86
N ARG E 200 -55.92 -2.00 10.73
N ARG E 200 -55.92 -2.00 10.73
CA ARG E 200 -54.90 -2.14 9.66
CA ARG E 200 -54.90 -2.14 9.66
C ARG E 200 -54.59 -0.76 9.08
C ARG E 200 -54.59 -0.76 9.07
N ASP E 201 -55.64 -0.04 8.65
CA ASP E 201 -55.44 1.31 8.06
C ASP E 201 -54.82 2.20 9.12
N LYS E 202 -55.35 2.15 10.34
CA LYS E 202 -54.78 2.96 11.44
C LYS E 202 -53.30 2.65 11.51
N VAL E 203 -52.94 1.37 11.62
CA VAL E 203 -51.51 1.00 11.76
C VAL E 203 -50.79 1.47 10.50
N ASN E 204 -51.30 1.07 9.33
CA ASN E 204 -50.59 1.41 8.06
C ASN E 204 -50.22 2.88 8.08
N GLY E 205 -51.20 3.75 8.36
CA GLY E 205 -50.94 5.19 8.36
C GLY E 205 -49.72 5.50 9.20
N ALA E 206 -49.69 4.97 10.41
CA ALA E 206 -48.54 5.19 11.31
C ALA E 206 -47.24 4.89 10.56
N LEU E 207 -47.19 3.74 9.89
CA LEU E 207 -45.93 3.33 9.20
C LEU E 207 -45.62 4.30 8.07
N LYS E 208 -46.63 4.74 7.33
CA LYS E 208 -46.38 5.76 6.28
C LYS E 208 -45.70 6.96 6.92
N THR E 209 -46.31 7.50 7.97
CA THR E 209 -45.71 8.67 8.68
C THR E 209 -44.39 8.24 9.31
N LEU E 210 -44.34 7.04 9.87
CA LEU E 210 -43.12 6.59 10.58
C LEU E 210 -41.93 6.68 9.62
N ARG E 211 -42.04 6.06 8.44
CA ARG E 211 -40.96 6.17 7.43
C ARG E 211 -40.89 7.63 6.98
N GLU E 212 -42.04 8.27 6.81
CA GLU E 212 -42.04 9.71 6.45
C GLU E 212 -41.18 10.43 7.50
N ASN E 213 -41.33 10.05 8.77
N ASN E 213 -41.32 10.05 8.76
CA ASN E 213 -40.53 10.70 9.85
CA ASN E 213 -40.54 10.70 9.86
C ASN E 213 -39.06 10.34 9.67
C ASN E 213 -39.06 10.34 9.68
N GLY E 214 -38.78 9.12 9.23
CA GLY E 214 -37.38 8.71 8.98
C GLY E 214 -36.66 8.19 10.21
N THR E 215 -37.30 8.15 11.38
CA THR E 215 -36.63 7.52 12.54
C THR E 215 -36.20 6.13 12.08
N TYR E 216 -36.94 5.58 11.13
CA TYR E 216 -36.67 4.22 10.62
C TYR E 216 -35.20 4.17 10.21
N ASN E 217 -34.74 5.19 9.51
CA ASN E 217 -33.35 5.16 9.00
C ASN E 217 -32.43 4.69 10.13
N GLU E 218 -32.52 5.34 11.29
CA GLU E 218 -31.67 4.93 12.45
C GLU E 218 -31.88 3.43 12.72
N ILE E 219 -33.11 2.99 12.96
CA ILE E 219 -33.35 1.56 13.34
C ILE E 219 -32.64 0.70 12.30
N TYR E 220 -32.74 1.08 11.02
CA TYR E 220 -32.04 0.34 9.95
C TYR E 220 -30.55 0.31 10.29
N LYS E 221 -29.96 1.49 10.50
CA LYS E 221 -28.51 1.55 10.82
C LYS E 221 -28.21 0.56 11.94
N LYS E 222 -29.08 0.48 12.94
CA LYS E 222 -28.79 -0.38 14.12
C LYS E 222 -28.74 -1.86 13.72
N TRP E 223 -29.53 -2.26 12.73
CA TRP E 223 -29.60 -3.71 12.39
C TRP E 223 -28.95 -3.97 11.03
N PHE E 224 -29.52 -3.41 9.96
CA PHE E 224 -29.03 -3.70 8.59
C PHE E 224 -28.00 -2.65 8.16
N GLY E 225 -27.59 -1.78 9.08
CA GLY E 225 -26.53 -0.80 8.76
C GLY E 225 -27.00 0.29 7.81
N THR E 226 -26.07 1.11 7.31
CA THR E 226 -26.41 2.18 6.34
C THR E 226 -27.02 1.56 5.08
N GLU E 227 -28.19 2.06 4.65
CA GLU E 227 -28.88 1.49 3.47
C GLU E 227 -27.86 1.13 2.38
N SER F 1 60.52 -23.74 -14.97
CA SER F 1 59.35 -24.41 -15.59
C SER F 1 59.07 -25.73 -14.87
N ASN F 2 59.88 -26.76 -15.13
CA ASN F 2 59.73 -28.06 -14.43
C ASN F 2 58.28 -28.55 -14.52
N ALA F 3 57.70 -28.94 -13.39
CA ALA F 3 56.31 -29.48 -13.39
C ALA F 3 55.46 -28.69 -12.39
N ALA F 4 55.80 -27.43 -12.16
CA ALA F 4 55.07 -26.63 -11.14
C ALA F 4 53.63 -26.41 -11.59
N ASP F 5 53.26 -26.96 -12.75
CA ASP F 5 51.90 -26.76 -13.30
C ASP F 5 50.85 -27.44 -12.42
N LYS F 6 49.55 -27.21 -12.66
CA LYS F 6 48.48 -27.83 -11.83
C LYS F 6 47.83 -29.05 -12.51
N LYS F 7 47.29 -29.99 -11.73
CA LYS F 7 46.64 -31.23 -12.26
C LYS F 7 45.11 -31.10 -12.13
N LEU F 8 44.62 -29.85 -12.16
CA LEU F 8 43.16 -29.58 -12.06
C LEU F 8 42.44 -30.37 -13.15
N VAL F 9 41.64 -31.35 -12.74
CA VAL F 9 40.84 -32.14 -13.73
C VAL F 9 39.43 -31.54 -13.75
N VAL F 10 39.04 -30.90 -14.84
CA VAL F 10 37.66 -30.38 -15.01
C VAL F 10 36.84 -31.48 -15.68
N ALA F 11 35.53 -31.50 -15.51
CA ALA F 11 34.71 -32.60 -16.06
C ALA F 11 33.50 -32.02 -16.78
N THR F 12 33.17 -32.60 -17.94
CA THR F 12 31.99 -32.13 -18.71
C THR F 12 31.22 -33.35 -19.19
N ASP F 13 30.02 -33.14 -19.74
CA ASP F 13 29.21 -34.26 -20.30
C ASP F 13 29.66 -34.50 -21.74
N THR F 14 29.69 -35.76 -22.17
CA THR F 14 30.13 -36.09 -23.55
C THR F 14 29.36 -35.21 -24.54
N ALA F 15 28.03 -35.33 -24.56
CA ALA F 15 27.20 -34.54 -25.50
C ALA F 15 26.30 -33.58 -24.71
N PHE F 16 26.33 -32.27 -24.96
CA PHE F 16 25.39 -31.36 -24.26
C PHE F 16 25.30 -30.01 -24.98
N VAL F 17 24.38 -29.88 -25.92
CA VAL F 17 24.22 -28.63 -26.72
C VAL F 17 23.41 -27.62 -25.91
N PRO F 18 23.70 -26.30 -25.99
CA PRO F 18 24.96 -25.79 -26.54
C PRO F 18 25.99 -25.50 -25.44
N PHE F 19 26.26 -26.46 -24.57
CA PHE F 19 27.17 -26.21 -23.44
C PHE F 19 28.50 -26.93 -23.65
N GLU F 20 28.48 -28.25 -23.89
CA GLU F 20 29.71 -29.01 -24.18
C GLU F 20 29.42 -30.08 -25.24
N PHE F 21 29.62 -29.74 -26.52
CA PHE F 21 29.32 -30.70 -27.61
C PHE F 21 30.53 -30.85 -28.55
N LYS F 22 30.64 -32.00 -29.20
CA LYS F 22 31.78 -32.25 -30.12
C LYS F 22 31.43 -31.69 -31.51
N GLN F 23 32.25 -30.76 -31.99
CA GLN F 23 32.02 -30.15 -33.33
C GLN F 23 33.39 -29.89 -33.96
N GLY F 24 33.73 -30.62 -35.02
CA GLY F 24 35.02 -30.41 -35.71
C GLY F 24 36.15 -31.08 -34.97
N ASP F 25 35.91 -32.29 -34.45
CA ASP F 25 36.95 -33.04 -33.71
C ASP F 25 37.43 -32.21 -32.51
N ILE F 26 36.57 -31.36 -31.96
CA ILE F 26 36.95 -30.59 -30.75
C ILE F 26 35.69 -30.26 -29.96
N TYR F 27 35.68 -30.60 -28.68
CA TYR F 27 34.53 -30.25 -27.81
C TYR F 27 34.39 -28.73 -27.80
N VAL F 28 33.17 -28.24 -27.94
CA VAL F 28 32.94 -26.77 -27.99
C VAL F 28 31.69 -26.46 -27.17
N GLY F 29 31.43 -25.19 -26.89
CA GLY F 29 30.19 -24.83 -26.17
C GLY F 29 30.37 -23.65 -25.24
N PHE F 30 29.31 -23.29 -24.52
CA PHE F 30 29.35 -22.13 -23.60
C PHE F 30 30.28 -22.45 -22.44
N ASP F 31 30.12 -23.62 -21.82
CA ASP F 31 30.90 -23.93 -20.60
C ASP F 31 32.40 -24.04 -20.93
N VAL F 32 32.74 -24.65 -22.06
CA VAL F 32 34.18 -24.75 -22.46
C VAL F 32 34.76 -23.33 -22.50
N ASP F 33 34.13 -22.43 -23.24
CA ASP F 33 34.65 -21.05 -23.37
C ASP F 33 34.76 -20.43 -21.98
N LEU F 34 33.84 -20.80 -21.08
CA LEU F 34 33.84 -20.19 -19.73
C LEU F 34 35.09 -20.60 -18.97
N TRP F 35 35.31 -21.90 -18.78
CA TRP F 35 36.48 -22.31 -17.95
C TRP F 35 37.74 -21.74 -18.58
N ALA F 36 37.76 -21.60 -19.90
CA ALA F 36 38.94 -20.99 -20.55
C ALA F 36 39.09 -19.56 -20.04
N ALA F 37 38.01 -18.78 -20.07
CA ALA F 37 38.09 -17.37 -19.64
C ALA F 37 38.38 -17.31 -18.14
N ILE F 38 37.82 -18.24 -17.38
CA ILE F 38 38.13 -18.29 -15.92
C ILE F 38 39.62 -18.59 -15.77
N ALA F 39 40.13 -19.55 -16.52
CA ALA F 39 41.55 -19.95 -16.38
C ALA F 39 42.47 -18.84 -16.87
N LYS F 40 41.91 -17.82 -17.53
CA LYS F 40 42.77 -16.69 -17.95
C LYS F 40 43.12 -15.88 -16.71
N GLU F 41 42.10 -15.56 -15.92
CA GLU F 41 42.34 -14.77 -14.70
C GLU F 41 42.96 -15.69 -13.66
N LEU F 42 42.28 -16.78 -13.34
CA LEU F 42 42.79 -17.68 -12.28
C LEU F 42 44.16 -18.20 -12.71
N LYS F 43 44.55 -17.93 -13.96
CA LYS F 43 45.90 -18.30 -14.46
C LYS F 43 46.24 -19.71 -13.99
N LEU F 44 45.32 -20.66 -14.20
CA LEU F 44 45.55 -22.07 -13.80
C LEU F 44 45.53 -22.94 -15.05
N ASP F 45 46.16 -24.11 -14.99
CA ASP F 45 46.19 -25.04 -16.14
C ASP F 45 45.10 -26.09 -15.96
N TYR F 46 44.30 -26.34 -17.01
CA TYR F 46 43.14 -27.27 -16.85
C TYR F 46 43.30 -28.51 -17.73
N GLU F 47 42.54 -29.57 -17.41
CA GLU F 47 42.56 -30.81 -18.23
C GLU F 47 41.13 -31.35 -18.29
N LEU F 48 40.36 -30.93 -19.29
CA LEU F 48 38.93 -31.35 -19.35
C LEU F 48 38.83 -32.88 -19.37
N LYS F 49 38.05 -33.46 -18.46
CA LYS F 49 37.83 -34.93 -18.43
C LYS F 49 36.38 -35.24 -18.79
N PRO F 50 36.08 -35.74 -20.01
CA PRO F 50 34.69 -35.96 -20.40
C PRO F 50 34.11 -37.26 -19.84
N MET F 51 32.93 -37.18 -19.23
CA MET F 51 32.27 -38.40 -18.67
C MET F 51 30.76 -38.19 -18.66
N ASP F 52 30.01 -39.23 -18.31
CA ASP F 52 28.53 -39.11 -18.22
C ASP F 52 28.05 -38.42 -16.94
N PHE F 53 26.91 -37.74 -16.99
CA PHE F 53 26.37 -37.03 -15.81
C PHE F 53 26.17 -38.04 -14.69
N SER F 54 26.14 -39.31 -15.04
CA SER F 54 25.92 -40.38 -14.04
C SER F 54 27.16 -40.54 -13.16
N GLY F 55 28.30 -39.99 -13.58
CA GLY F 55 29.54 -40.21 -12.81
C GLY F 55 30.18 -38.91 -12.37
N ILE F 56 29.62 -37.78 -12.80
CA ILE F 56 30.26 -36.47 -12.49
C ILE F 56 30.31 -36.28 -10.97
N ILE F 57 29.15 -36.23 -10.33
CA ILE F 57 29.09 -36.03 -8.85
C ILE F 57 29.80 -37.21 -8.18
N PRO F 58 29.49 -38.48 -8.50
CA PRO F 58 30.21 -39.59 -7.91
C PRO F 58 31.73 -39.35 -7.95
N ALA F 59 32.25 -38.92 -9.10
CA ALA F 59 33.70 -38.66 -9.21
C ALA F 59 34.09 -37.52 -8.28
N LEU F 60 33.36 -36.41 -8.32
CA LEU F 60 33.72 -35.23 -7.48
C LEU F 60 33.75 -35.67 -6.02
N GLN F 61 32.83 -36.55 -5.64
CA GLN F 61 32.81 -37.06 -4.25
C GLN F 61 34.21 -37.59 -3.93
N THR F 62 34.65 -38.59 -4.69
CA THR F 62 36.00 -39.16 -4.48
C THR F 62 37.04 -38.11 -4.86
N LYS F 63 36.59 -36.97 -5.41
CA LYS F 63 37.52 -35.87 -5.79
C LYS F 63 38.42 -36.32 -6.94
N ASN F 64 38.15 -37.48 -7.53
CA ASN F 64 38.93 -37.90 -8.73
C ASN F 64 38.87 -36.73 -9.72
N VAL F 65 37.95 -35.79 -9.48
CA VAL F 65 37.88 -34.58 -10.35
C VAL F 65 37.99 -33.36 -9.43
N ASP F 66 38.51 -32.24 -9.92
CA ASP F 66 38.73 -31.06 -9.04
C ASP F 66 37.80 -29.92 -9.44
N LEU F 67 36.99 -30.11 -10.48
CA LEU F 67 36.02 -29.08 -10.92
C LEU F 67 35.02 -29.74 -11.88
N ALA F 68 33.85 -29.13 -12.10
CA ALA F 68 32.84 -29.70 -12.99
C ALA F 68 32.06 -28.57 -13.68
N LEU F 69 32.00 -28.60 -15.02
CA LEU F 69 31.31 -27.50 -15.77
C LEU F 69 30.31 -28.11 -16.75
N ALA F 70 29.21 -28.68 -16.24
CA ALA F 70 28.15 -29.23 -17.12
C ALA F 70 26.84 -28.51 -16.82
N GLY F 71 25.70 -29.15 -17.12
CA GLY F 71 24.39 -28.55 -16.78
C GLY F 71 24.04 -28.80 -15.32
N ILE F 72 24.87 -28.28 -14.43
CA ILE F 72 24.65 -28.50 -12.98
C ILE F 72 23.81 -27.34 -12.45
N THR F 73 22.48 -27.44 -12.56
CA THR F 73 21.59 -26.41 -11.99
C THR F 73 21.69 -26.43 -10.46
N ILE F 74 21.85 -25.27 -9.83
CA ILE F 74 22.00 -25.21 -8.35
C ILE F 74 20.80 -25.88 -7.68
N CYS F 75 21.10 -26.88 -6.86
CA CYS F 75 20.04 -27.61 -6.14
C CYS F 75 20.49 -27.92 -4.72
N ASP F 76 19.69 -27.51 -3.74
CA ASP F 76 20.12 -27.68 -2.33
C ASP F 76 20.27 -29.16 -2.01
N GLU F 77 19.42 -30.03 -2.55
CA GLU F 77 19.62 -31.45 -2.19
C GLU F 77 21.05 -31.82 -2.55
N ARG F 78 21.41 -31.54 -3.80
CA ARG F 78 22.75 -32.00 -4.25
C ARG F 78 23.81 -31.46 -3.30
N LYS F 79 23.57 -30.28 -2.72
CA LYS F 79 24.59 -29.62 -1.84
C LYS F 79 24.96 -30.60 -0.73
N LYS F 80 24.19 -31.66 -0.55
CA LYS F 80 24.51 -32.69 0.49
C LYS F 80 25.66 -33.56 -0.01
N ALA F 81 26.14 -33.31 -1.24
CA ALA F 81 27.23 -34.14 -1.82
C ALA F 81 28.30 -33.24 -2.44
N ILE F 82 27.92 -32.06 -2.95
CA ILE F 82 28.89 -31.15 -3.63
C ILE F 82 28.62 -29.71 -3.20
N ASP F 83 29.40 -28.75 -3.70
CA ASP F 83 29.16 -27.33 -3.38
C ASP F 83 29.29 -26.55 -4.69
N PHE F 84 28.27 -25.74 -5.01
CA PHE F 84 28.25 -24.99 -6.29
C PHE F 84 28.87 -23.60 -6.09
N SER F 85 28.76 -22.75 -7.10
CA SER F 85 29.25 -21.36 -7.00
C SER F 85 28.17 -20.43 -7.56
N ASP F 86 28.35 -19.11 -7.44
CA ASP F 86 27.38 -18.17 -8.07
C ASP F 86 27.05 -18.67 -9.48
N GLY F 87 25.76 -18.85 -9.79
CA GLY F 87 25.35 -19.36 -11.11
C GLY F 87 25.90 -18.53 -12.26
N TYR F 88 26.20 -19.16 -13.40
CA TYR F 88 26.70 -18.41 -14.58
C TYR F 88 25.57 -18.22 -15.59
N TYR F 89 24.55 -19.09 -15.59
CA TYR F 89 23.49 -18.99 -16.63
C TYR F 89 22.10 -19.08 -16.03
N LYS F 90 21.15 -18.31 -16.57
CA LYS F 90 19.76 -18.34 -16.06
C LYS F 90 18.95 -19.37 -16.87
N SER F 91 18.72 -20.55 -16.29
CA SER F 91 17.90 -21.59 -16.96
C SER F 91 16.42 -21.19 -16.90
N GLY F 92 15.57 -21.87 -17.67
CA GLY F 92 14.12 -21.57 -17.65
C GLY F 92 13.47 -21.91 -18.99
N LEU F 93 12.15 -21.74 -19.09
CA LEU F 93 11.43 -22.07 -20.34
C LEU F 93 11.14 -20.77 -21.08
N LEU F 94 11.43 -20.73 -22.38
CA LEU F 94 11.16 -19.53 -23.20
C LEU F 94 10.15 -19.93 -24.28
N VAL F 95 9.59 -18.95 -25.00
CA VAL F 95 8.54 -19.26 -26.01
C VAL F 95 8.99 -18.75 -27.38
N MET F 96 9.12 -19.66 -28.35
CA MET F 96 9.50 -19.24 -29.71
C MET F 96 8.25 -19.01 -30.56
N VAL F 97 8.19 -17.90 -31.26
CA VAL F 97 7.03 -17.63 -32.15
C VAL F 97 7.57 -17.18 -33.50
N LYS F 98 6.85 -17.45 -34.58
CA LYS F 98 7.30 -16.93 -35.88
C LYS F 98 7.47 -15.42 -35.70
N ALA F 99 8.57 -14.86 -36.19
CA ALA F 99 8.82 -13.43 -35.99
C ALA F 99 7.60 -12.62 -36.44
N ASN F 100 6.95 -13.06 -37.53
CA ASN F 100 5.80 -12.31 -38.08
C ASN F 100 4.63 -12.35 -37.08
N ASN F 101 4.73 -13.14 -36.02
CA ASN F 101 3.62 -13.26 -35.05
C ASN F 101 3.73 -12.11 -34.04
N ASN F 102 3.12 -10.98 -34.37
CA ASN F 102 3.16 -9.77 -33.50
C ASN F 102 1.98 -9.81 -32.54
N ASP F 103 1.12 -10.83 -32.65
CA ASP F 103 -0.06 -10.94 -31.77
C ASP F 103 0.38 -11.50 -30.41
N VAL F 104 1.11 -12.61 -30.39
CA VAL F 104 1.52 -13.27 -29.10
C VAL F 104 2.72 -12.55 -28.49
N LYS F 105 2.74 -12.39 -27.17
CA LYS F 105 3.87 -11.68 -26.49
C LYS F 105 4.24 -12.44 -25.20
N SER F 106 3.40 -13.38 -24.75
CA SER F 106 3.68 -14.06 -23.46
C SER F 106 2.93 -15.40 -23.39
N VAL F 107 3.11 -16.13 -22.27
CA VAL F 107 2.45 -17.45 -22.13
C VAL F 107 0.96 -17.27 -21.83
N LYS F 108 0.57 -16.12 -21.31
CA LYS F 108 -0.86 -15.84 -21.05
C LYS F 108 -1.58 -15.61 -22.39
N ASP F 109 -0.89 -14.98 -23.35
CA ASP F 109 -1.49 -14.69 -24.67
C ASP F 109 -1.72 -15.98 -25.44
N LEU F 110 -1.25 -17.10 -24.90
CA LEU F 110 -1.33 -18.40 -25.62
C LEU F 110 -2.64 -19.11 -25.28
N ASP F 111 -3.57 -18.43 -24.62
CA ASP F 111 -4.78 -19.16 -24.18
C ASP F 111 -5.48 -19.71 -25.42
N GLY F 112 -5.80 -21.01 -25.41
CA GLY F 112 -6.43 -21.63 -26.59
C GLY F 112 -5.57 -21.51 -27.83
N LYS F 113 -4.30 -21.91 -27.75
CA LYS F 113 -3.41 -21.90 -28.93
C LYS F 113 -2.67 -23.24 -29.03
N VAL F 114 -2.18 -23.58 -30.23
CA VAL F 114 -1.44 -24.86 -30.43
C VAL F 114 0.01 -24.65 -29.98
N VAL F 115 0.33 -25.03 -28.74
CA VAL F 115 1.73 -24.91 -28.24
C VAL F 115 2.38 -26.28 -28.36
N ALA F 116 3.58 -26.33 -28.93
CA ALA F 116 4.27 -27.63 -29.15
C ALA F 116 5.32 -27.82 -28.07
N VAL F 117 5.49 -29.07 -27.61
CA VAL F 117 6.46 -29.35 -26.52
C VAL F 117 7.15 -30.68 -26.84
N LYS F 118 8.19 -31.04 -26.08
CA LYS F 118 8.89 -32.33 -26.27
C LYS F 118 8.53 -33.25 -25.10
N SER F 119 8.35 -34.54 -25.36
CA SER F 119 8.03 -35.50 -24.27
C SER F 119 9.16 -35.52 -23.25
N GLY F 120 8.85 -35.68 -21.98
CA GLY F 120 9.90 -35.80 -20.96
C GLY F 120 10.54 -34.46 -20.66
N THR F 121 9.84 -33.37 -20.96
CA THR F 121 10.36 -32.02 -20.63
C THR F 121 9.50 -31.42 -19.51
N GLY F 122 9.96 -30.30 -18.93
CA GLY F 122 9.15 -29.61 -17.92
C GLY F 122 8.20 -28.66 -18.60
N SER F 123 8.33 -28.53 -19.92
CA SER F 123 7.42 -27.66 -20.68
C SER F 123 6.00 -28.23 -20.58
N VAL F 124 5.88 -29.55 -20.55
CA VAL F 124 4.53 -30.19 -20.53
C VAL F 124 3.75 -29.71 -19.31
N ASP F 125 4.30 -29.93 -18.11
CA ASP F 125 3.56 -29.56 -16.87
C ASP F 125 3.19 -28.09 -16.90
N TYR F 126 4.17 -27.19 -17.01
CA TYR F 126 3.81 -25.77 -16.97
C TYR F 126 2.56 -25.58 -17.83
N ALA F 127 2.58 -26.16 -19.03
CA ALA F 127 1.44 -26.01 -19.96
C ALA F 127 0.23 -26.76 -19.43
N LYS F 128 0.43 -27.99 -18.97
CA LYS F 128 -0.70 -28.81 -18.47
C LYS F 128 -1.40 -28.04 -17.36
N ALA F 129 -0.72 -27.04 -16.77
CA ALA F 129 -1.31 -26.33 -15.63
C ALA F 129 -1.39 -24.84 -15.93
N ASN F 130 -0.27 -24.12 -15.83
CA ASN F 130 -0.31 -22.65 -15.96
C ASN F 130 -0.90 -22.22 -17.30
N ILE F 131 -0.96 -23.10 -18.30
CA ILE F 131 -1.43 -22.66 -19.65
C ILE F 131 -2.74 -23.36 -20.02
N LYS F 132 -3.60 -22.66 -20.77
CA LYS F 132 -4.88 -23.27 -21.23
C LYS F 132 -4.78 -23.47 -22.74
N THR F 133 -4.31 -24.65 -23.17
CA THR F 133 -4.08 -24.87 -24.62
C THR F 133 -5.23 -25.65 -25.26
N LYS F 134 -5.61 -25.29 -26.50
CA LYS F 134 -6.65 -26.06 -27.23
C LYS F 134 -6.04 -27.40 -27.66
N ASP F 135 -4.71 -27.47 -27.75
CA ASP F 135 -4.04 -28.73 -28.14
C ASP F 135 -2.57 -28.68 -27.70
N LEU F 136 -2.09 -29.75 -27.07
CA LEU F 136 -0.67 -29.84 -26.65
C LEU F 136 0.01 -30.89 -27.52
N ARG F 137 0.91 -30.47 -28.41
CA ARG F 137 1.52 -31.43 -29.37
C ARG F 137 2.80 -32.02 -28.77
N GLN F 138 2.69 -33.12 -28.04
CA GLN F 138 3.87 -33.70 -27.36
C GLN F 138 4.68 -34.52 -28.35
N PHE F 139 5.75 -33.94 -28.88
CA PHE F 139 6.60 -34.65 -29.87
C PHE F 139 7.83 -35.19 -29.15
N PRO F 140 8.44 -36.32 -29.57
CA PRO F 140 9.56 -36.89 -28.84
C PRO F 140 10.86 -36.18 -29.22
N ASN F 141 10.80 -35.23 -30.15
CA ASN F 141 12.01 -34.43 -30.49
C ASN F 141 11.59 -33.02 -30.87
N ILE F 142 12.28 -32.00 -30.37
CA ILE F 142 11.87 -30.58 -30.62
C ILE F 142 12.09 -30.23 -32.08
N ASP F 143 13.03 -30.89 -32.74
CA ASP F 143 13.36 -30.53 -34.13
C ASP F 143 12.07 -30.58 -34.94
N ASN F 144 11.25 -31.60 -34.70
CA ASN F 144 9.97 -31.76 -35.43
C ASN F 144 8.98 -30.68 -35.00
N ALA F 145 8.96 -30.36 -33.70
CA ALA F 145 8.07 -29.29 -33.21
C ALA F 145 8.44 -27.97 -33.87
N TYR F 146 9.72 -27.80 -34.17
CA TYR F 146 10.18 -26.56 -34.87
C TYR F 146 9.58 -26.55 -36.27
N MET F 147 9.50 -27.73 -36.89
CA MET F 147 8.88 -27.82 -38.24
C MET F 147 7.43 -27.33 -38.12
N GLU F 148 6.70 -27.83 -37.12
CA GLU F 148 5.27 -27.45 -36.97
C GLU F 148 5.14 -25.92 -36.95
N LEU F 149 6.03 -25.25 -36.24
CA LEU F 149 5.94 -23.76 -36.14
C LEU F 149 6.32 -23.16 -37.49
N GLY F 150 7.27 -23.76 -38.19
CA GLY F 150 7.63 -23.27 -39.54
C GLY F 150 6.51 -23.54 -40.52
N THR F 151 5.81 -24.66 -40.34
CA THR F 151 4.67 -25.02 -41.22
C THR F 151 3.41 -24.35 -40.69
N ASN F 152 3.57 -23.36 -39.83
CA ASN F 152 2.39 -22.67 -39.24
C ASN F 152 1.35 -23.71 -38.84
N ARG F 153 1.78 -24.91 -38.44
CA ARG F 153 0.81 -25.91 -37.93
C ARG F 153 0.68 -25.75 -36.42
N ALA F 154 1.49 -24.86 -35.83
CA ALA F 154 1.40 -24.57 -34.38
C ALA F 154 1.58 -23.06 -34.19
N ASP F 155 1.23 -22.54 -33.02
CA ASP F 155 1.28 -21.06 -32.84
C ASP F 155 2.59 -20.66 -32.20
N ALA F 156 3.16 -21.55 -31.39
CA ALA F 156 4.48 -21.27 -30.77
C ALA F 156 5.04 -22.54 -30.14
N VAL F 157 6.32 -22.51 -29.77
CA VAL F 157 6.99 -23.71 -29.16
C VAL F 157 7.41 -23.34 -27.74
N LEU F 158 7.45 -24.33 -26.84
CA LEU F 158 7.90 -24.07 -25.44
C LEU F 158 9.02 -25.05 -25.10
N HIS F 159 10.22 -24.53 -24.83
CA HIS F 159 11.38 -25.40 -24.53
C HIS F 159 12.43 -24.59 -23.76
N ASP F 160 13.47 -25.27 -23.29
CA ASP F 160 14.55 -24.62 -22.49
C ASP F 160 15.00 -23.33 -23.17
N THR F 161 15.14 -22.25 -22.40
CA THR F 161 15.54 -20.94 -22.95
C THR F 161 16.89 -21.06 -23.66
N PRO F 162 17.92 -21.75 -23.13
CA PRO F 162 19.16 -21.93 -23.87
C PRO F 162 18.90 -22.48 -25.27
N ASN F 163 18.42 -23.71 -25.37
CA ASN F 163 18.18 -24.34 -26.68
C ASN F 163 17.49 -23.35 -27.61
N ILE F 164 16.30 -22.89 -27.26
CA ILE F 164 15.51 -22.01 -28.16
C ILE F 164 16.43 -20.92 -28.71
N LEU F 165 17.27 -20.33 -27.86
CA LEU F 165 18.12 -19.19 -28.29
C LEU F 165 19.19 -19.67 -29.29
N TYR F 166 19.79 -20.83 -29.03
CA TYR F 166 20.83 -21.36 -29.94
C TYR F 166 20.25 -21.44 -31.34
N PHE F 167 19.05 -22.01 -31.49
CA PHE F 167 18.44 -22.21 -32.83
C PHE F 167 18.07 -20.86 -33.46
N ILE F 168 17.39 -20.01 -32.70
CA ILE F 168 17.06 -18.66 -33.24
C ILE F 168 18.34 -18.13 -33.88
N LYS F 169 19.48 -18.33 -33.22
CA LYS F 169 20.79 -17.89 -33.79
C LYS F 169 21.24 -18.91 -34.84
N THR F 170 21.41 -20.17 -34.45
CA THR F 170 21.95 -21.17 -35.41
C THR F 170 20.83 -21.66 -36.34
N ALA F 171 20.83 -21.23 -37.60
CA ALA F 171 19.85 -21.73 -38.60
C ALA F 171 18.48 -21.12 -38.36
N GLY F 172 18.40 -20.07 -37.55
CA GLY F 172 17.11 -19.39 -37.37
C GLY F 172 16.79 -18.56 -38.60
N ASN F 173 17.72 -17.70 -39.02
CA ASN F 173 17.50 -16.83 -40.22
C ASN F 173 16.14 -16.15 -40.08
N GLY F 174 15.87 -15.58 -38.91
CA GLY F 174 14.58 -14.89 -38.69
C GLY F 174 13.41 -15.85 -38.69
N GLN F 175 12.21 -15.37 -38.98
CA GLN F 175 11.00 -16.23 -39.02
C GLN F 175 10.84 -16.94 -37.68
N PHE F 176 11.64 -16.57 -36.68
CA PHE F 176 11.58 -17.22 -35.35
C PHE F 176 12.11 -16.23 -34.31
N LYS F 177 11.24 -15.83 -33.37
CA LYS F 177 11.63 -14.82 -32.36
C LYS F 177 11.25 -15.32 -30.97
N ALA F 178 11.78 -14.66 -29.93
CA ALA F 178 11.46 -15.05 -28.55
C ALA F 178 10.63 -13.94 -27.89
N VAL F 179 9.71 -14.30 -27.00
CA VAL F 179 8.80 -13.27 -26.41
C VAL F 179 8.80 -13.38 -24.89
N GLY F 180 8.79 -12.26 -24.18
CA GLY F 180 8.65 -12.30 -22.71
C GLY F 180 9.94 -12.67 -22.00
N ASP F 181 9.83 -13.47 -20.93
CA ASP F 181 11.04 -13.77 -20.12
C ASP F 181 11.08 -15.25 -19.71
N SER F 182 12.22 -15.69 -19.19
CA SER F 182 12.40 -17.12 -18.84
C SER F 182 11.52 -17.46 -17.65
N LEU F 183 10.57 -18.36 -17.86
CA LEU F 183 9.69 -18.80 -16.75
C LEU F 183 10.44 -19.86 -15.96
N GLU F 184 9.84 -20.40 -14.89
CA GLU F 184 10.47 -21.51 -14.13
C GLU F 184 11.98 -21.30 -14.18
N ALA F 185 12.43 -20.10 -13.83
CA ALA F 185 13.87 -19.78 -13.97
C ALA F 185 14.72 -20.64 -13.04
N GLN F 186 15.99 -20.84 -13.39
CA GLN F 186 16.95 -21.59 -12.56
C GLN F 186 18.32 -20.97 -12.81
N GLN F 187 19.34 -21.44 -12.11
CA GLN F 187 20.73 -20.93 -12.36
C GLN F 187 21.66 -22.13 -12.55
N TYR F 188 22.62 -22.01 -13.48
CA TYR F 188 23.60 -23.10 -13.73
C TYR F 188 24.91 -22.74 -13.03
N GLY F 189 25.60 -23.71 -12.45
CA GLY F 189 26.81 -23.40 -11.68
C GLY F 189 27.88 -24.47 -11.72
N ILE F 190 29.10 -24.12 -11.32
CA ILE F 190 30.24 -25.08 -11.31
C ILE F 190 30.16 -25.89 -10.02
N ALA F 191 30.36 -27.21 -10.11
CA ALA F 191 30.29 -28.07 -8.91
C ALA F 191 31.71 -28.37 -8.42
N PHE F 192 32.12 -27.70 -7.35
CA PHE F 192 33.46 -27.98 -6.77
C PHE F 192 33.30 -29.05 -5.69
N PRO F 193 34.26 -29.99 -5.57
CA PRO F 193 34.17 -31.02 -4.55
C PRO F 193 34.11 -30.39 -3.15
N LYS F 194 33.56 -31.12 -2.18
CA LYS F 194 33.35 -30.56 -0.83
C LYS F 194 34.67 -30.09 -0.21
N GLY F 195 35.71 -30.92 -0.24
CA GLY F 195 36.98 -30.57 0.45
C GLY F 195 37.46 -29.18 0.11
N SER F 196 37.30 -28.76 -1.15
CA SER F 196 37.82 -27.45 -1.61
C SER F 196 36.85 -26.32 -1.25
N ASP F 197 37.38 -25.20 -0.75
CA ASP F 197 36.53 -24.02 -0.42
C ASP F 197 37.13 -22.78 -1.07
N GLU F 198 38.43 -22.54 -0.85
CA GLU F 198 39.13 -21.36 -1.44
C GLU F 198 38.98 -21.43 -2.96
N LEU F 199 39.43 -22.52 -3.59
CA LEU F 199 39.30 -22.69 -5.05
C LEU F 199 37.92 -22.17 -5.41
N ARG F 200 36.91 -22.51 -4.60
N ARG F 200 36.90 -22.52 -4.61
CA ARG F 200 35.51 -22.10 -4.93
CA ARG F 200 35.50 -22.12 -4.92
C ARG F 200 35.40 -20.59 -4.84
C ARG F 200 35.37 -20.59 -4.83
N ASP F 201 35.66 -20.02 -3.66
CA ASP F 201 35.56 -18.55 -3.49
C ASP F 201 36.46 -17.87 -4.50
N LYS F 202 37.63 -18.45 -4.76
CA LYS F 202 38.53 -17.89 -5.80
C LYS F 202 37.77 -17.82 -7.11
N VAL F 203 37.24 -18.96 -7.54
CA VAL F 203 36.50 -19.02 -8.83
C VAL F 203 35.33 -18.04 -8.76
N ASN F 204 34.57 -18.08 -7.68
CA ASN F 204 33.38 -17.21 -7.58
C ASN F 204 33.83 -15.79 -7.88
N GLY F 205 34.96 -15.38 -7.31
CA GLY F 205 35.47 -14.02 -7.52
C GLY F 205 35.73 -13.79 -8.99
N ALA F 206 36.31 -14.80 -9.65
CA ALA F 206 36.58 -14.68 -11.09
C ALA F 206 35.26 -14.39 -11.83
N LEU F 207 34.20 -15.10 -11.49
CA LEU F 207 32.89 -14.94 -12.20
C LEU F 207 32.34 -13.55 -11.94
N LYS F 208 32.43 -13.07 -10.70
CA LYS F 208 31.99 -11.68 -10.42
C LYS F 208 32.74 -10.73 -11.37
N THR F 209 34.06 -10.83 -11.37
CA THR F 209 34.88 -9.92 -12.23
C THR F 209 34.54 -10.20 -13.69
N LEU F 210 34.41 -11.47 -14.04
CA LEU F 210 34.14 -11.83 -15.46
C LEU F 210 32.83 -11.16 -15.90
N ARG F 211 31.76 -11.32 -15.11
CA ARG F 211 30.48 -10.64 -15.44
C ARG F 211 30.69 -9.13 -15.31
N GLU F 212 31.49 -8.71 -14.33
CA GLU F 212 31.80 -7.27 -14.20
C GLU F 212 32.54 -6.81 -15.47
N ASN F 213 33.54 -7.58 -15.90
N ASN F 213 33.54 -7.59 -15.90
CA ASN F 213 34.29 -7.24 -17.14
CA ASN F 213 34.29 -7.24 -17.14
C ASN F 213 33.30 -7.24 -18.31
C ASN F 213 33.30 -7.24 -18.31
N GLY F 214 32.39 -8.22 -18.32
CA GLY F 214 31.39 -8.30 -19.40
C GLY F 214 31.87 -9.10 -20.59
N THR F 215 33.05 -9.71 -20.52
CA THR F 215 33.45 -10.60 -21.63
C THR F 215 32.26 -11.51 -21.88
N TYR F 216 31.57 -11.88 -20.81
CA TYR F 216 30.34 -12.72 -20.92
C TYR F 216 29.44 -12.11 -21.97
N ASN F 217 29.34 -10.78 -22.00
CA ASN F 217 28.39 -10.15 -22.93
C ASN F 217 28.62 -10.73 -24.33
N GLU F 218 29.86 -11.08 -24.65
CA GLU F 218 30.17 -11.58 -26.02
C GLU F 218 29.88 -13.09 -26.08
N ILE F 219 30.49 -13.88 -25.19
CA ILE F 219 30.29 -15.35 -25.28
C ILE F 219 28.80 -15.61 -25.49
N TYR F 220 27.95 -14.84 -24.82
CA TYR F 220 26.48 -15.01 -24.92
C TYR F 220 26.09 -14.84 -26.38
N LYS F 221 26.48 -13.72 -26.99
CA LYS F 221 26.13 -13.46 -28.40
C LYS F 221 26.54 -14.66 -29.25
N LYS F 222 27.71 -15.23 -28.98
CA LYS F 222 28.23 -16.32 -29.84
C LYS F 222 27.33 -17.56 -29.75
N TRP F 223 26.73 -17.80 -28.59
CA TRP F 223 25.93 -19.04 -28.41
C TRP F 223 24.44 -18.73 -28.32
N PHE F 224 24.02 -18.00 -27.28
CA PHE F 224 22.59 -17.75 -27.05
C PHE F 224 22.17 -16.42 -27.71
N GLY F 225 23.07 -15.81 -28.48
CA GLY F 225 22.71 -14.57 -29.21
C GLY F 225 22.53 -13.37 -28.30
N THR F 226 22.01 -12.26 -28.84
CA THR F 226 21.78 -11.04 -28.03
C THR F 226 20.79 -11.35 -26.91
N GLU F 227 21.14 -11.02 -25.66
CA GLU F 227 20.27 -11.32 -24.49
C GLU F 227 18.80 -11.11 -24.87
#